data_3DN1
# 
_entry.id   3DN1 
# 
_audit_conform.dict_name       mmcif_pdbx.dic 
_audit_conform.dict_version    5.377 
_audit_conform.dict_location   http://mmcif.pdb.org/dictionaries/ascii/mmcif_pdbx.dic 
# 
loop_
_database_2.database_id 
_database_2.database_code 
_database_2.pdbx_database_accession 
_database_2.pdbx_DOI 
PDB   3DN1         pdb_00003dn1 10.2210/pdb3dn1/pdb 
RCSB  RCSB048241   ?            ?                   
WWPDB D_1000048241 ?            ?                   
# 
loop_
_pdbx_database_related.db_name 
_pdbx_database_related.db_id 
_pdbx_database_related.details 
_pdbx_database_related.content_type 
PDB 181L 'T4 lysozyme L99A bound with benzene at room temperature' unspecified 
PDB 3DKE .                                                         unspecified 
PDB 3DMV .                                                         unspecified 
PDB 3DMX .                                                         unspecified 
PDB 3DMZ .                                                         unspecified 
PDB 3DN0 .                                                         unspecified 
PDB 3DN2 .                                                         unspecified 
PDB 3DN3 .                                                         unspecified 
PDB 3DN4 .                                                         unspecified 
PDB 3DN6 .                                                         unspecified 
PDB 3DN8 .                                                         unspecified 
PDB 3DNA .                                                         unspecified 
# 
_pdbx_database_status.status_code                     REL 
_pdbx_database_status.entry_id                        3DN1 
_pdbx_database_status.recvd_initial_deposition_date   2008-07-01 
_pdbx_database_status.deposit_site                    RCSB 
_pdbx_database_status.process_site                    RCSB 
_pdbx_database_status.status_code_sf                  REL 
_pdbx_database_status.status_code_mr                  ? 
_pdbx_database_status.SG_entry                        ? 
_pdbx_database_status.pdb_format_compatible           Y 
_pdbx_database_status.status_code_cs                  ? 
_pdbx_database_status.status_code_nmr_data            ? 
_pdbx_database_status.methods_development_category    ? 
# 
loop_
_audit_author.name 
_audit_author.pdbx_ordinal 
'Liu, L.'        1 
'Matthews, B.W.' 2 
# 
_citation.id                        primary 
_citation.title                     
'Halogenated benzenes bound within a non-polar cavity in T4 lysozyme provide examples of I...S and I...Se halogen-bonding.' 
_citation.journal_abbrev            J.Mol.Biol. 
_citation.journal_volume            385 
_citation.page_first                595 
_citation.page_last                 605 
_citation.year                      2009 
_citation.journal_id_ASTM           JMOBAK 
_citation.country                   UK 
_citation.journal_id_ISSN           0022-2836 
_citation.journal_id_CSD            0070 
_citation.book_publisher            ? 
_citation.pdbx_database_id_PubMed   19014950 
_citation.pdbx_database_id_DOI      10.1016/j.jmb.2008.10.086 
# 
loop_
_citation_author.citation_id 
_citation_author.name 
_citation_author.ordinal 
_citation_author.identifier_ORCID 
primary 'Liu, L.'        1 ? 
primary 'Baase, W.A.'    2 ? 
primary 'Matthews, B.W.' 3 ? 
# 
_cell.entry_id           3DN1 
_cell.length_a           59.864 
_cell.length_b           59.864 
_cell.length_c           95.501 
_cell.angle_alpha        90.00 
_cell.angle_beta         90.00 
_cell.angle_gamma        120.00 
_cell.Z_PDB              6 
_cell.pdbx_unique_axis   ? 
_cell.length_a_esd       ? 
_cell.length_b_esd       ? 
_cell.length_c_esd       ? 
_cell.angle_alpha_esd    ? 
_cell.angle_beta_esd     ? 
_cell.angle_gamma_esd    ? 
# 
_symmetry.entry_id                         3DN1 
_symmetry.space_group_name_H-M             'P 32 2 1' 
_symmetry.pdbx_full_space_group_name_H-M   ? 
_symmetry.cell_setting                     ? 
_symmetry.Int_Tables_number                154 
_symmetry.space_group_name_Hall            ? 
# 
loop_
_entity.id 
_entity.type 
_entity.src_method 
_entity.pdbx_description 
_entity.formula_weight 
_entity.pdbx_number_of_molecules 
_entity.pdbx_ec 
_entity.pdbx_mutation 
_entity.pdbx_fragment 
_entity.details 
1 polymer     man Lysozyme                              18586.283 1   3.2.1.17 'C54T, C97A, L99A' ? ? 
2 non-polymer syn 'PHOSPHATE ION'                       94.971    2   ?        ?                  ? ? 
3 non-polymer syn 'CHLORIDE ION'                        35.453    1   ?        ?                  ? ? 
4 non-polymer syn 1-chloro-2,3,4,5,6-pentafluorobenzene 202.509   1   ?        ?                  ? ? 
5 non-polymer syn '2-HYDROXYETHYL DISULFIDE'            154.251   2   ?        ?                  ? ? 
6 water       nat water                                 18.015    212 ?        ?                  ? ? 
# 
_entity_name_com.entity_id   1 
_entity_name_com.name        'Lysis protein, Muramidase, Endolysin' 
# 
_entity_poly.entity_id                      1 
_entity_poly.type                           'polypeptide(L)' 
_entity_poly.nstd_linkage                   no 
_entity_poly.nstd_monomer                   no 
_entity_poly.pdbx_seq_one_letter_code       
;MNIFEMLRIDEGLRLKIYKDTEGYYTIGIGHLLTKSPSLNAAKSELDKAIGRNTNGVITKDEAEKLFNQDVDAAVRGILR
NAKLKPVYDSLDAVRRAAAINMVFQMGETGVAGFTNSLRMLQQKRWDEAAVNLAKSRWYNQTPNRAKRVITTFRTGTWDA
YKNL
;
_entity_poly.pdbx_seq_one_letter_code_can   
;MNIFEMLRIDEGLRLKIYKDTEGYYTIGIGHLLTKSPSLNAAKSELDKAIGRNTNGVITKDEAEKLFNQDVDAAVRGILR
NAKLKPVYDSLDAVRRAAAINMVFQMGETGVAGFTNSLRMLQQKRWDEAAVNLAKSRWYNQTPNRAKRVITTFRTGTWDA
YKNL
;
_entity_poly.pdbx_strand_id                 A 
_entity_poly.pdbx_target_identifier         ? 
# 
loop_
_entity_poly_seq.entity_id 
_entity_poly_seq.num 
_entity_poly_seq.mon_id 
_entity_poly_seq.hetero 
1 1   MET n 
1 2   ASN n 
1 3   ILE n 
1 4   PHE n 
1 5   GLU n 
1 6   MET n 
1 7   LEU n 
1 8   ARG n 
1 9   ILE n 
1 10  ASP n 
1 11  GLU n 
1 12  GLY n 
1 13  LEU n 
1 14  ARG n 
1 15  LEU n 
1 16  LYS n 
1 17  ILE n 
1 18  TYR n 
1 19  LYS n 
1 20  ASP n 
1 21  THR n 
1 22  GLU n 
1 23  GLY n 
1 24  TYR n 
1 25  TYR n 
1 26  THR n 
1 27  ILE n 
1 28  GLY n 
1 29  ILE n 
1 30  GLY n 
1 31  HIS n 
1 32  LEU n 
1 33  LEU n 
1 34  THR n 
1 35  LYS n 
1 36  SER n 
1 37  PRO n 
1 38  SER n 
1 39  LEU n 
1 40  ASN n 
1 41  ALA n 
1 42  ALA n 
1 43  LYS n 
1 44  SER n 
1 45  GLU n 
1 46  LEU n 
1 47  ASP n 
1 48  LYS n 
1 49  ALA n 
1 50  ILE n 
1 51  GLY n 
1 52  ARG n 
1 53  ASN n 
1 54  THR n 
1 55  ASN n 
1 56  GLY n 
1 57  VAL n 
1 58  ILE n 
1 59  THR n 
1 60  LYS n 
1 61  ASP n 
1 62  GLU n 
1 63  ALA n 
1 64  GLU n 
1 65  LYS n 
1 66  LEU n 
1 67  PHE n 
1 68  ASN n 
1 69  GLN n 
1 70  ASP n 
1 71  VAL n 
1 72  ASP n 
1 73  ALA n 
1 74  ALA n 
1 75  VAL n 
1 76  ARG n 
1 77  GLY n 
1 78  ILE n 
1 79  LEU n 
1 80  ARG n 
1 81  ASN n 
1 82  ALA n 
1 83  LYS n 
1 84  LEU n 
1 85  LYS n 
1 86  PRO n 
1 87  VAL n 
1 88  TYR n 
1 89  ASP n 
1 90  SER n 
1 91  LEU n 
1 92  ASP n 
1 93  ALA n 
1 94  VAL n 
1 95  ARG n 
1 96  ARG n 
1 97  ALA n 
1 98  ALA n 
1 99  ALA n 
1 100 ILE n 
1 101 ASN n 
1 102 MET n 
1 103 VAL n 
1 104 PHE n 
1 105 GLN n 
1 106 MET n 
1 107 GLY n 
1 108 GLU n 
1 109 THR n 
1 110 GLY n 
1 111 VAL n 
1 112 ALA n 
1 113 GLY n 
1 114 PHE n 
1 115 THR n 
1 116 ASN n 
1 117 SER n 
1 118 LEU n 
1 119 ARG n 
1 120 MET n 
1 121 LEU n 
1 122 GLN n 
1 123 GLN n 
1 124 LYS n 
1 125 ARG n 
1 126 TRP n 
1 127 ASP n 
1 128 GLU n 
1 129 ALA n 
1 130 ALA n 
1 131 VAL n 
1 132 ASN n 
1 133 LEU n 
1 134 ALA n 
1 135 LYS n 
1 136 SER n 
1 137 ARG n 
1 138 TRP n 
1 139 TYR n 
1 140 ASN n 
1 141 GLN n 
1 142 THR n 
1 143 PRO n 
1 144 ASN n 
1 145 ARG n 
1 146 ALA n 
1 147 LYS n 
1 148 ARG n 
1 149 VAL n 
1 150 ILE n 
1 151 THR n 
1 152 THR n 
1 153 PHE n 
1 154 ARG n 
1 155 THR n 
1 156 GLY n 
1 157 THR n 
1 158 TRP n 
1 159 ASP n 
1 160 ALA n 
1 161 TYR n 
1 162 LYS n 
1 163 ASN n 
1 164 LEU n 
# 
_entity_src_gen.entity_id                          1 
_entity_src_gen.pdbx_src_id                        1 
_entity_src_gen.pdbx_alt_source_flag               sample 
_entity_src_gen.pdbx_seq_type                      ? 
_entity_src_gen.pdbx_beg_seq_num                   ? 
_entity_src_gen.pdbx_end_seq_num                   ? 
_entity_src_gen.gene_src_common_name               ? 
_entity_src_gen.gene_src_genus                     ? 
_entity_src_gen.pdbx_gene_src_gene                 E 
_entity_src_gen.gene_src_species                   ? 
_entity_src_gen.gene_src_strain                    ? 
_entity_src_gen.gene_src_tissue                    ? 
_entity_src_gen.gene_src_tissue_fraction           ? 
_entity_src_gen.gene_src_details                   ? 
_entity_src_gen.pdbx_gene_src_fragment             ? 
_entity_src_gen.pdbx_gene_src_scientific_name      'Bacteriophage T4' 
_entity_src_gen.pdbx_gene_src_ncbi_taxonomy_id     10665 
_entity_src_gen.pdbx_gene_src_variant              ? 
_entity_src_gen.pdbx_gene_src_cell_line            ? 
_entity_src_gen.pdbx_gene_src_atcc                 ? 
_entity_src_gen.pdbx_gene_src_organ                ? 
_entity_src_gen.pdbx_gene_src_organelle            ? 
_entity_src_gen.pdbx_gene_src_cell                 ? 
_entity_src_gen.pdbx_gene_src_cellular_location    ? 
_entity_src_gen.host_org_common_name               ? 
_entity_src_gen.pdbx_host_org_scientific_name      'Escherichia coli' 
_entity_src_gen.pdbx_host_org_ncbi_taxonomy_id     562 
_entity_src_gen.host_org_genus                     ? 
_entity_src_gen.pdbx_host_org_gene                 ? 
_entity_src_gen.pdbx_host_org_organ                ? 
_entity_src_gen.host_org_species                   ? 
_entity_src_gen.pdbx_host_org_tissue               ? 
_entity_src_gen.pdbx_host_org_tissue_fraction      ? 
_entity_src_gen.pdbx_host_org_strain               ? 
_entity_src_gen.pdbx_host_org_variant              ? 
_entity_src_gen.pdbx_host_org_cell_line            ? 
_entity_src_gen.pdbx_host_org_atcc                 ? 
_entity_src_gen.pdbx_host_org_culture_collection   ? 
_entity_src_gen.pdbx_host_org_cell                 ? 
_entity_src_gen.pdbx_host_org_organelle            ? 
_entity_src_gen.pdbx_host_org_cellular_location    ? 
_entity_src_gen.pdbx_host_org_vector_type          ? 
_entity_src_gen.pdbx_host_org_vector               ? 
_entity_src_gen.host_org_details                   ? 
_entity_src_gen.expression_system_id               ? 
_entity_src_gen.plasmid_name                       ? 
_entity_src_gen.plasmid_details                    ? 
_entity_src_gen.pdbx_description                   ? 
# 
_struct_ref.id                         1 
_struct_ref.db_name                    UNP 
_struct_ref.db_code                    LYS_BPT4 
_struct_ref.pdbx_db_accession          P00720 
_struct_ref.entity_id                  1 
_struct_ref.pdbx_seq_one_letter_code   
;MNIFEMLRIDEGLRLKIYKDTEGYYTIGIGHLLTKSPSLNAAKSELDKAIGRNCNGVITKDEAEKLFNQDVDAAVRGILR
NAKLKPVYDSLDAVRRCALINMVFQMGETGVAGFTNSLRMLQQKRWDEAAVNLAKSRWYNQTPNRAKRVITTFRTGTWDA
YKNL
;
_struct_ref.pdbx_align_begin           1 
_struct_ref.pdbx_db_isoform            ? 
# 
_struct_ref_seq.align_id                      1 
_struct_ref_seq.ref_id                        1 
_struct_ref_seq.pdbx_PDB_id_code              3DN1 
_struct_ref_seq.pdbx_strand_id                A 
_struct_ref_seq.seq_align_beg                 1 
_struct_ref_seq.pdbx_seq_align_beg_ins_code   ? 
_struct_ref_seq.seq_align_end                 164 
_struct_ref_seq.pdbx_seq_align_end_ins_code   ? 
_struct_ref_seq.pdbx_db_accession             P00720 
_struct_ref_seq.db_align_beg                  1 
_struct_ref_seq.pdbx_db_align_beg_ins_code    ? 
_struct_ref_seq.db_align_end                  164 
_struct_ref_seq.pdbx_db_align_end_ins_code    ? 
_struct_ref_seq.pdbx_auth_seq_align_beg       1 
_struct_ref_seq.pdbx_auth_seq_align_end       164 
# 
loop_
_struct_ref_seq_dif.align_id 
_struct_ref_seq_dif.pdbx_pdb_id_code 
_struct_ref_seq_dif.mon_id 
_struct_ref_seq_dif.pdbx_pdb_strand_id 
_struct_ref_seq_dif.seq_num 
_struct_ref_seq_dif.pdbx_pdb_ins_code 
_struct_ref_seq_dif.pdbx_seq_db_name 
_struct_ref_seq_dif.pdbx_seq_db_accession_code 
_struct_ref_seq_dif.db_mon_id 
_struct_ref_seq_dif.pdbx_seq_db_seq_num 
_struct_ref_seq_dif.details 
_struct_ref_seq_dif.pdbx_auth_seq_num 
_struct_ref_seq_dif.pdbx_ordinal 
1 3DN1 THR A 54 ? UNP P00720 CYS 54 'engineered mutation' 54 1 
1 3DN1 ALA A 97 ? UNP P00720 CYS 97 'engineered mutation' 97 2 
1 3DN1 ALA A 99 ? UNP P00720 LEU 99 'engineered mutation' 99 3 
# 
loop_
_chem_comp.id 
_chem_comp.type 
_chem_comp.mon_nstd_flag 
_chem_comp.name 
_chem_comp.pdbx_synonyms 
_chem_comp.formula 
_chem_comp.formula_weight 
ALA 'L-peptide linking' y ALANINE                               ? 'C3 H7 N O2'     89.093  
ARG 'L-peptide linking' y ARGININE                              ? 'C6 H15 N4 O2 1' 175.209 
ASN 'L-peptide linking' y ASPARAGINE                            ? 'C4 H8 N2 O3'    132.118 
ASP 'L-peptide linking' y 'ASPARTIC ACID'                       ? 'C4 H7 N O4'     133.103 
BCF non-polymer         . 1-chloro-2,3,4,5,6-pentafluorobenzene ? 'C6 Cl F5'       202.509 
CL  non-polymer         . 'CHLORIDE ION'                        ? 'Cl -1'          35.453  
CYS 'L-peptide linking' y CYSTEINE                              ? 'C3 H7 N O2 S'   121.158 
GLN 'L-peptide linking' y GLUTAMINE                             ? 'C5 H10 N2 O3'   146.144 
GLU 'L-peptide linking' y 'GLUTAMIC ACID'                       ? 'C5 H9 N O4'     147.129 
GLY 'peptide linking'   y GLYCINE                               ? 'C2 H5 N O2'     75.067  
HED non-polymer         . '2-HYDROXYETHYL DISULFIDE'            ? 'C4 H10 O2 S2'   154.251 
HIS 'L-peptide linking' y HISTIDINE                             ? 'C6 H10 N3 O2 1' 156.162 
HOH non-polymer         . WATER                                 ? 'H2 O'           18.015  
ILE 'L-peptide linking' y ISOLEUCINE                            ? 'C6 H13 N O2'    131.173 
LEU 'L-peptide linking' y LEUCINE                               ? 'C6 H13 N O2'    131.173 
LYS 'L-peptide linking' y LYSINE                                ? 'C6 H15 N2 O2 1' 147.195 
MET 'L-peptide linking' y METHIONINE                            ? 'C5 H11 N O2 S'  149.211 
PHE 'L-peptide linking' y PHENYLALANINE                         ? 'C9 H11 N O2'    165.189 
PO4 non-polymer         . 'PHOSPHATE ION'                       ? 'O4 P -3'        94.971  
PRO 'L-peptide linking' y PROLINE                               ? 'C5 H9 N O2'     115.130 
SER 'L-peptide linking' y SERINE                                ? 'C3 H7 N O3'     105.093 
THR 'L-peptide linking' y THREONINE                             ? 'C4 H9 N O3'     119.119 
TRP 'L-peptide linking' y TRYPTOPHAN                            ? 'C11 H12 N2 O2'  204.225 
TYR 'L-peptide linking' y TYROSINE                              ? 'C9 H11 N O3'    181.189 
VAL 'L-peptide linking' y VALINE                                ? 'C5 H11 N O2'    117.146 
# 
_exptl.entry_id          3DN1 
_exptl.method            'X-RAY DIFFRACTION' 
_exptl.crystals_number   1 
# 
_exptl_crystal.id                    1 
_exptl_crystal.density_meas          ? 
_exptl_crystal.density_Matthews      2.66 
_exptl_crystal.density_percent_sol   53.72 
_exptl_crystal.description           ? 
_exptl_crystal.F_000                 ? 
_exptl_crystal.preparation           ? 
# 
_exptl_crystal_grow.crystal_id      1 
_exptl_crystal_grow.method          'VAPOR DIFFUSION, HANGING DROP' 
_exptl_crystal_grow.temp            277 
_exptl_crystal_grow.temp_details    ? 
_exptl_crystal_grow.pH              6.9 
_exptl_crystal_grow.pdbx_details    
;2.0-2.2 M K/Na phosphate, pH 6.9, 5mM BME and 5mM oxidized BME. Complexes were prepared by soaking or vapor diffusion methods, VAPOR DIFFUSION, HANGING DROP, temperature 277K
;
_exptl_crystal_grow.pdbx_pH_range   . 
# 
_diffrn.id                     1 
_diffrn.ambient_temp           100 
_diffrn.ambient_temp_details   ? 
_diffrn.crystal_id             1 
# 
_diffrn_detector.diffrn_id              1 
_diffrn_detector.detector               'IMAGE PLATE' 
_diffrn_detector.type                   'RIGAKU RAXIS IV' 
_diffrn_detector.pdbx_collection_date   2005-03-25 
_diffrn_detector.details                ? 
# 
_diffrn_radiation.diffrn_id                        1 
_diffrn_radiation.wavelength_id                    1 
_diffrn_radiation.pdbx_monochromatic_or_laue_m_l   M 
_diffrn_radiation.monochromator                    Graphite 
_diffrn_radiation.pdbx_diffrn_protocol             'SINGLE WAVELENGTH' 
_diffrn_radiation.pdbx_scattering_type             x-ray 
# 
_diffrn_radiation_wavelength.id           1 
_diffrn_radiation_wavelength.wavelength   1.542 
_diffrn_radiation_wavelength.wt           1.0 
# 
_diffrn_source.diffrn_id                   1 
_diffrn_source.source                      'ROTATING ANODE' 
_diffrn_source.type                        'RIGAKU RUH3R' 
_diffrn_source.pdbx_synchrotron_site       ? 
_diffrn_source.pdbx_synchrotron_beamline   ? 
_diffrn_source.pdbx_wavelength             ? 
_diffrn_source.pdbx_wavelength_list        1.542 
# 
_reflns.entry_id                     3DN1 
_reflns.observed_criterion_sigma_F   2.0 
_reflns.observed_criterion_sigma_I   2.0 
_reflns.d_resolution_high            1.80 
_reflns.d_resolution_low             53 
_reflns.number_all                   ? 
_reflns.number_obs                   18867 
_reflns.percent_possible_obs         99.5 
_reflns.pdbx_Rmerge_I_obs            ? 
_reflns.pdbx_Rsym_value              ? 
_reflns.pdbx_netI_over_sigmaI        ? 
_reflns.B_iso_Wilson_estimate        ? 
_reflns.pdbx_redundancy              ? 
_reflns.R_free_details               ? 
_reflns.limit_h_max                  ? 
_reflns.limit_h_min                  ? 
_reflns.limit_k_max                  ? 
_reflns.limit_k_min                  ? 
_reflns.limit_l_max                  ? 
_reflns.limit_l_min                  ? 
_reflns.observed_criterion_F_max     ? 
_reflns.observed_criterion_F_min     ? 
_reflns.pdbx_chi_squared             ? 
_reflns.pdbx_scaling_rejects         ? 
_reflns.pdbx_diffrn_id               1 
_reflns.pdbx_ordinal                 1 
# 
_reflns_shell.d_res_high             1.80 
_reflns_shell.d_res_low              1.86 
_reflns_shell.percent_possible_all   97.2 
_reflns_shell.Rmerge_I_obs           ? 
_reflns_shell.pdbx_Rsym_value        ? 
_reflns_shell.meanI_over_sigI_obs    ? 
_reflns_shell.pdbx_redundancy        ? 
_reflns_shell.percent_possible_obs   ? 
_reflns_shell.number_unique_all      ? 
_reflns_shell.number_measured_all    ? 
_reflns_shell.number_measured_obs    ? 
_reflns_shell.number_unique_obs      ? 
_reflns_shell.pdbx_chi_squared       ? 
_reflns_shell.pdbx_diffrn_id         ? 
_reflns_shell.pdbx_ordinal           1 
# 
_refine.entry_id                                 3DN1 
_refine.ls_number_reflns_obs                     17859 
_refine.ls_number_reflns_all                     ? 
_refine.pdbx_ls_sigma_I                          ? 
_refine.pdbx_ls_sigma_F                          ? 
_refine.pdbx_data_cutoff_high_absF               ? 
_refine.pdbx_data_cutoff_low_absF                ? 
_refine.pdbx_data_cutoff_high_rms_absF           ? 
_refine.ls_d_res_low                             45.55 
_refine.ls_d_res_high                            1.80 
_refine.ls_percent_reflns_obs                    99.67 
_refine.ls_R_factor_obs                          0.19168 
_refine.ls_R_factor_all                          ? 
_refine.ls_R_factor_R_work                       0.19010 
_refine.ls_R_factor_R_free                       0.22037 
_refine.ls_R_factor_R_free_error                 ? 
_refine.ls_R_factor_R_free_error_details         ? 
_refine.ls_percent_reflns_R_free                 5.1 
_refine.ls_number_reflns_R_free                  964 
_refine.ls_number_parameters                     ? 
_refine.ls_number_restraints                     ? 
_refine.occupancy_min                            ? 
_refine.occupancy_max                            ? 
_refine.correlation_coeff_Fo_to_Fc               0.949 
_refine.correlation_coeff_Fo_to_Fc_free          0.932 
_refine.B_iso_mean                               18.396 
_refine.aniso_B[1][1]                            0.05 
_refine.aniso_B[2][2]                            0.05 
_refine.aniso_B[3][3]                            -0.07 
_refine.aniso_B[1][2]                            0.02 
_refine.aniso_B[1][3]                            0.00 
_refine.aniso_B[2][3]                            0.00 
_refine.solvent_model_details                    MASK 
_refine.solvent_model_param_ksol                 ? 
_refine.solvent_model_param_bsol                 ? 
_refine.pdbx_solvent_vdw_probe_radii             1.20 
_refine.pdbx_solvent_ion_probe_radii             0.80 
_refine.pdbx_solvent_shrinkage_radii             0.80 
_refine.pdbx_ls_cross_valid_method               THROUGHOUT 
_refine.details                                  'HYDROGENS HAVE BEEN ADDED IN THE RIDING POSITIONS' 
_refine.pdbx_starting_model                      'PDB entry 3DMV' 
_refine.pdbx_method_to_determine_struct          'MOLECULAR REPLACEMENT' 
_refine.pdbx_isotropic_thermal_model             ? 
_refine.pdbx_stereochemistry_target_values       'MAXIMUM LIKELIHOOD' 
_refine.pdbx_stereochem_target_val_spec_case     ? 
_refine.pdbx_R_Free_selection_details            RANDOM 
_refine.pdbx_overall_ESU_R                       0.135 
_refine.pdbx_overall_ESU_R_Free                  0.124 
_refine.overall_SU_ML                            0.085 
_refine.overall_SU_B                             2.695 
_refine.ls_redundancy_reflns_obs                 ? 
_refine.B_iso_min                                ? 
_refine.B_iso_max                                ? 
_refine.overall_SU_R_Cruickshank_DPI             ? 
_refine.overall_SU_R_free                        ? 
_refine.ls_wR_factor_R_free                      ? 
_refine.ls_wR_factor_R_work                      ? 
_refine.overall_FOM_free_R_set                   ? 
_refine.overall_FOM_work_R_set                   ? 
_refine.pdbx_overall_phase_error                 ? 
_refine.pdbx_refine_id                           'X-RAY DIFFRACTION' 
_refine.pdbx_diffrn_id                           1 
_refine.pdbx_TLS_residual_ADP_flag               ? 
_refine.pdbx_overall_SU_R_free_Cruickshank_DPI   ? 
_refine.pdbx_overall_SU_R_Blow_DPI               ? 
_refine.pdbx_overall_SU_R_free_Blow_DPI          ? 
# 
_refine_hist.pdbx_refine_id                   'X-RAY DIFFRACTION' 
_refine_hist.cycle_id                         LAST 
_refine_hist.pdbx_number_atoms_protein        1357 
_refine_hist.pdbx_number_atoms_nucleic_acid   0 
_refine_hist.pdbx_number_atoms_ligand         99 
_refine_hist.number_atoms_solvent             212 
_refine_hist.number_atoms_total               1668 
_refine_hist.d_res_high                       1.80 
_refine_hist.d_res_low                        45.55 
# 
loop_
_refine_ls_restr.type 
_refine_ls_restr.dev_ideal 
_refine_ls_restr.dev_ideal_target 
_refine_ls_restr.weight 
_refine_ls_restr.number 
_refine_ls_restr.pdbx_refine_id 
_refine_ls_restr.pdbx_restraint_function 
r_bond_refined_d             0.008  0.022  ? 1479 'X-RAY DIFFRACTION' ? 
r_bond_other_d               ?      ?      ? ?    'X-RAY DIFFRACTION' ? 
r_angle_refined_deg          0.964  2.023  ? 2007 'X-RAY DIFFRACTION' ? 
r_angle_other_deg            ?      ?      ? ?    'X-RAY DIFFRACTION' ? 
r_dihedral_angle_1_deg       4.757  5.000  ? 178  'X-RAY DIFFRACTION' ? 
r_dihedral_angle_2_deg       31.932 23.088 ? 68   'X-RAY DIFFRACTION' ? 
r_dihedral_angle_3_deg       12.546 15.000 ? 265  'X-RAY DIFFRACTION' ? 
r_dihedral_angle_4_deg       12.844 15.000 ? 16   'X-RAY DIFFRACTION' ? 
r_chiral_restr               0.063  0.200  ? 207  'X-RAY DIFFRACTION' ? 
r_gen_planes_refined         0.003  0.020  ? 1123 'X-RAY DIFFRACTION' ? 
r_gen_planes_other           ?      ?      ? ?    'X-RAY DIFFRACTION' ? 
r_nbd_refined                0.194  0.200  ? 767  'X-RAY DIFFRACTION' ? 
r_nbd_other                  ?      ?      ? ?    'X-RAY DIFFRACTION' ? 
r_nbtor_refined              0.296  0.200  ? 982  'X-RAY DIFFRACTION' ? 
r_nbtor_other                ?      ?      ? ?    'X-RAY DIFFRACTION' ? 
r_xyhbond_nbd_refined        0.130  0.200  ? 182  'X-RAY DIFFRACTION' ? 
r_xyhbond_nbd_other          ?      ?      ? ?    'X-RAY DIFFRACTION' ? 
r_metal_ion_refined          ?      ?      ? ?    'X-RAY DIFFRACTION' ? 
r_metal_ion_other            ?      ?      ? ?    'X-RAY DIFFRACTION' ? 
r_symmetry_vdw_refined       0.196  0.200  ? 61   'X-RAY DIFFRACTION' ? 
r_symmetry_vdw_other         ?      ?      ? ?    'X-RAY DIFFRACTION' ? 
r_symmetry_hbond_refined     0.137  0.200  ? 27   'X-RAY DIFFRACTION' ? 
r_symmetry_hbond_other       ?      ?      ? ?    'X-RAY DIFFRACTION' ? 
r_symmetry_metal_ion_refined ?      ?      ? ?    'X-RAY DIFFRACTION' ? 
r_symmetry_metal_ion_other   ?      ?      ? ?    'X-RAY DIFFRACTION' ? 
r_mcbond_it                  0.539  1.500  ? 874  'X-RAY DIFFRACTION' ? 
r_mcbond_other               ?      ?      ? ?    'X-RAY DIFFRACTION' ? 
r_mcangle_it                 0.856  2.000  ? 1353 'X-RAY DIFFRACTION' ? 
r_scbond_it                  1.189  3.000  ? 788  'X-RAY DIFFRACTION' ? 
r_scangle_it                 1.879  4.500  ? 647  'X-RAY DIFFRACTION' ? 
r_rigid_bond_restr           ?      ?      ? ?    'X-RAY DIFFRACTION' ? 
r_sphericity_free            ?      ?      ? ?    'X-RAY DIFFRACTION' ? 
r_sphericity_bonded          ?      ?      ? ?    'X-RAY DIFFRACTION' ? 
# 
_refine_ls_shell.pdbx_total_number_of_bins_used   20 
_refine_ls_shell.d_res_high                       1.80 
_refine_ls_shell.d_res_low                        1.847 
_refine_ls_shell.number_reflns_R_work             1249 
_refine_ls_shell.R_factor_R_work                  0.407 
_refine_ls_shell.percent_reflns_obs               97.92 
_refine_ls_shell.R_factor_R_free                  0.484 
_refine_ls_shell.R_factor_R_free_error            ? 
_refine_ls_shell.percent_reflns_R_free            ? 
_refine_ls_shell.number_reflns_R_free             71 
_refine_ls_shell.number_reflns_all                ? 
_refine_ls_shell.R_factor_all                     ? 
_refine_ls_shell.number_reflns_obs                ? 
_refine_ls_shell.redundancy_reflns_obs            ? 
_refine_ls_shell.pdbx_refine_id                   'X-RAY DIFFRACTION' 
# 
_struct.entry_id                  3DN1 
_struct.title                     'Chloropentafluorobenzene binding in the hydrophobic cavity of T4 lysozyme L99A mutant' 
_struct.pdbx_model_details        ? 
_struct.pdbx_CASP_flag            ? 
_struct.pdbx_model_type_details   ? 
# 
_struct_keywords.entry_id        3DN1 
_struct_keywords.pdbx_keywords   HYDROLASE 
_struct_keywords.text            
'T4 lysozyme, halogen bond, hydrophobic cavity, halogenated benzene, Antimicrobial, Bacteriolytic enzyme, Glycosidase, Hydrolase' 
# 
loop_
_struct_asym.id 
_struct_asym.pdbx_blank_PDB_chainid_flag 
_struct_asym.pdbx_modified 
_struct_asym.entity_id 
_struct_asym.details 
A N N 1 ? 
B N N 2 ? 
C N N 2 ? 
D N N 3 ? 
E N N 4 ? 
F N N 5 ? 
G N N 5 ? 
H N N 6 ? 
# 
_struct_biol.id        1 
_struct_biol.details   ? 
# 
loop_
_struct_conf.conf_type_id 
_struct_conf.id 
_struct_conf.pdbx_PDB_helix_id 
_struct_conf.beg_label_comp_id 
_struct_conf.beg_label_asym_id 
_struct_conf.beg_label_seq_id 
_struct_conf.pdbx_beg_PDB_ins_code 
_struct_conf.end_label_comp_id 
_struct_conf.end_label_asym_id 
_struct_conf.end_label_seq_id 
_struct_conf.pdbx_end_PDB_ins_code 
_struct_conf.beg_auth_comp_id 
_struct_conf.beg_auth_asym_id 
_struct_conf.beg_auth_seq_id 
_struct_conf.end_auth_comp_id 
_struct_conf.end_auth_asym_id 
_struct_conf.end_auth_seq_id 
_struct_conf.pdbx_PDB_helix_class 
_struct_conf.details 
_struct_conf.pdbx_PDB_helix_length 
HELX_P HELX_P1  1  ASN A 2   ? GLY A 12  ? ASN A 2   GLY A 12  1 ? 11 
HELX_P HELX_P2  2  SER A 38  ? GLY A 51  ? SER A 38  GLY A 51  1 ? 14 
HELX_P HELX_P3  3  THR A 59  ? ASN A 81  ? THR A 59  ASN A 81  1 ? 23 
HELX_P HELX_P4  4  LEU A 84  ? LEU A 91  ? LEU A 84  LEU A 91  1 ? 8  
HELX_P HELX_P5  5  ASP A 92  ? GLY A 107 ? ASP A 92  GLY A 107 1 ? 16 
HELX_P HELX_P6  6  VAL A 111 ? GLY A 113 ? VAL A 111 GLY A 113 5 ? 3  
HELX_P HELX_P7  7  PHE A 114 ? GLN A 123 ? PHE A 114 GLN A 123 1 ? 10 
HELX_P HELX_P8  8  ARG A 125 ? LYS A 135 ? ARG A 125 LYS A 135 1 ? 11 
HELX_P HELX_P9  9  SER A 136 ? THR A 142 ? SER A 136 THR A 142 1 ? 7  
HELX_P HELX_P10 10 THR A 142 ? GLY A 156 ? THR A 142 GLY A 156 1 ? 15 
# 
_struct_conf_type.id          HELX_P 
_struct_conf_type.criteria    ? 
_struct_conf_type.reference   ? 
# 
_struct_sheet.id               A 
_struct_sheet.type             ? 
_struct_sheet.number_strands   3 
_struct_sheet.details          ? 
# 
loop_
_struct_sheet_order.sheet_id 
_struct_sheet_order.range_id_1 
_struct_sheet_order.range_id_2 
_struct_sheet_order.offset 
_struct_sheet_order.sense 
A 1 2 ? anti-parallel 
A 2 3 ? anti-parallel 
# 
loop_
_struct_sheet_range.sheet_id 
_struct_sheet_range.id 
_struct_sheet_range.beg_label_comp_id 
_struct_sheet_range.beg_label_asym_id 
_struct_sheet_range.beg_label_seq_id 
_struct_sheet_range.pdbx_beg_PDB_ins_code 
_struct_sheet_range.end_label_comp_id 
_struct_sheet_range.end_label_asym_id 
_struct_sheet_range.end_label_seq_id 
_struct_sheet_range.pdbx_end_PDB_ins_code 
_struct_sheet_range.beg_auth_comp_id 
_struct_sheet_range.beg_auth_asym_id 
_struct_sheet_range.beg_auth_seq_id 
_struct_sheet_range.end_auth_comp_id 
_struct_sheet_range.end_auth_asym_id 
_struct_sheet_range.end_auth_seq_id 
A 1 ARG A 14 ? LYS A 19 ? ARG A 14 LYS A 19 
A 2 TYR A 25 ? GLY A 28 ? TYR A 25 GLY A 28 
A 3 HIS A 31 ? LEU A 32 ? HIS A 31 LEU A 32 
# 
loop_
_pdbx_struct_sheet_hbond.sheet_id 
_pdbx_struct_sheet_hbond.range_id_1 
_pdbx_struct_sheet_hbond.range_id_2 
_pdbx_struct_sheet_hbond.range_1_label_atom_id 
_pdbx_struct_sheet_hbond.range_1_label_comp_id 
_pdbx_struct_sheet_hbond.range_1_label_asym_id 
_pdbx_struct_sheet_hbond.range_1_label_seq_id 
_pdbx_struct_sheet_hbond.range_1_PDB_ins_code 
_pdbx_struct_sheet_hbond.range_1_auth_atom_id 
_pdbx_struct_sheet_hbond.range_1_auth_comp_id 
_pdbx_struct_sheet_hbond.range_1_auth_asym_id 
_pdbx_struct_sheet_hbond.range_1_auth_seq_id 
_pdbx_struct_sheet_hbond.range_2_label_atom_id 
_pdbx_struct_sheet_hbond.range_2_label_comp_id 
_pdbx_struct_sheet_hbond.range_2_label_asym_id 
_pdbx_struct_sheet_hbond.range_2_label_seq_id 
_pdbx_struct_sheet_hbond.range_2_PDB_ins_code 
_pdbx_struct_sheet_hbond.range_2_auth_atom_id 
_pdbx_struct_sheet_hbond.range_2_auth_comp_id 
_pdbx_struct_sheet_hbond.range_2_auth_asym_id 
_pdbx_struct_sheet_hbond.range_2_auth_seq_id 
A 1 2 N TYR A 18 ? N TYR A 18 O THR A 26 ? O THR A 26 
A 2 3 N ILE A 27 ? N ILE A 27 O HIS A 31 ? O HIS A 31 
# 
loop_
_struct_site.id 
_struct_site.pdbx_evidence_code 
_struct_site.pdbx_auth_asym_id 
_struct_site.pdbx_auth_comp_id 
_struct_site.pdbx_auth_seq_id 
_struct_site.pdbx_auth_ins_code 
_struct_site.pdbx_num_residues 
_struct_site.details 
AC1 Software A PO4 901 ? 9 'BINDING SITE FOR RESIDUE PO4 A 901' 
AC2 Software A PO4 902 ? 7 'BINDING SITE FOR RESIDUE PO4 A 902' 
AC3 Software A BCF 900 ? 9 'BINDING SITE FOR RESIDUE BCF A 900' 
AC4 Software A HED 904 ? 8 'BINDING SITE FOR RESIDUE HED A 904' 
AC5 Software A HED 905 ? 8 'BINDING SITE FOR RESIDUE HED A 905' 
# 
loop_
_struct_site_gen.id 
_struct_site_gen.site_id 
_struct_site_gen.pdbx_num_res 
_struct_site_gen.label_comp_id 
_struct_site_gen.label_asym_id 
_struct_site_gen.label_seq_id 
_struct_site_gen.pdbx_auth_ins_code 
_struct_site_gen.auth_comp_id 
_struct_site_gen.auth_asym_id 
_struct_site_gen.auth_seq_id 
_struct_site_gen.label_atom_id 
_struct_site_gen.label_alt_id 
_struct_site_gen.symmetry 
_struct_site_gen.details 
1  AC1 9 ARG A 14  ? ARG A 14   . ? 4_545 ? 
2  AC1 9 LYS A 19  ? LYS A 19   . ? 4_545 ? 
3  AC1 9 ARG A 125 ? ARG A 125  . ? 1_555 ? 
4  AC1 9 TRP A 126 ? TRP A 126  . ? 1_555 ? 
5  AC1 9 ASP A 127 ? ASP A 127  . ? 1_555 ? 
6  AC1 9 GLU A 128 ? GLU A 128  . ? 1_555 ? 
7  AC1 9 HOH H .   ? HOH A 1037 . ? 1_555 ? 
8  AC1 9 HOH H .   ? HOH A 1079 . ? 1_555 ? 
9  AC1 9 HOH H .   ? HOH A 1101 . ? 1_555 ? 
10 AC2 7 GLN A 122 ? GLN A 122  . ? 4_655 ? 
11 AC2 7 ASN A 144 ? ASN A 144  . ? 1_555 ? 
12 AC2 7 ARG A 148 ? ARG A 148  . ? 1_555 ? 
13 AC2 7 HOH H .   ? HOH A 916  . ? 1_555 ? 
14 AC2 7 HOH H .   ? HOH A 1008 . ? 1_555 ? 
15 AC2 7 HOH H .   ? HOH A 1010 . ? 1_555 ? 
16 AC2 7 HOH H .   ? HOH A 1036 . ? 1_555 ? 
17 AC3 9 ILE A 78  ? ILE A 78   . ? 1_555 ? 
18 AC3 9 LEU A 84  ? LEU A 84   . ? 1_555 ? 
19 AC3 9 TYR A 88  ? TYR A 88   . ? 1_555 ? 
20 AC3 9 LEU A 91  ? LEU A 91   . ? 1_555 ? 
21 AC3 9 ALA A 99  ? ALA A 99   . ? 1_555 ? 
22 AC3 9 MET A 102 ? MET A 102  . ? 1_555 ? 
23 AC3 9 LEU A 118 ? LEU A 118  . ? 1_555 ? 
24 AC3 9 LEU A 121 ? LEU A 121  . ? 1_555 ? 
25 AC3 9 PHE A 153 ? PHE A 153  . ? 1_555 ? 
26 AC4 8 ASN A 68  ? ASN A 68   . ? 5_555 ? 
27 AC4 8 ASP A 72  ? ASP A 72   . ? 5_555 ? 
28 AC4 8 ARG A 76  ? ARG A 76   . ? 5_555 ? 
29 AC4 8 TYR A 88  ? TYR A 88   . ? 1_555 ? 
30 AC4 8 ALA A 93  ? ALA A 93   . ? 1_555 ? 
31 AC4 8 ARG A 96  ? ARG A 96   . ? 1_555 ? 
32 AC4 8 ILE A 100 ? ILE A 100  . ? 1_555 ? 
33 AC4 8 HOH H .   ? HOH A 1030 . ? 5_555 ? 
34 AC5 8 GLY A 30  ? GLY A 30   . ? 1_555 ? 
35 AC5 8 HIS A 31  ? HIS A 31   . ? 1_555 ? 
36 AC5 8 LEU A 32  ? LEU A 32   . ? 1_555 ? 
37 AC5 8 ASP A 70  ? ASP A 70   . ? 1_555 ? 
38 AC5 8 PHE A 104 ? PHE A 104  . ? 1_555 ? 
39 AC5 8 HOH H .   ? HOH A 919  . ? 1_555 ? 
40 AC5 8 HOH H .   ? HOH A 1007 . ? 1_555 ? 
41 AC5 8 HOH H .   ? HOH A 1091 . ? 1_555 ? 
# 
_atom_sites.entry_id                    3DN1 
_atom_sites.fract_transf_matrix[1][1]   -0.01337923 
_atom_sites.fract_transf_matrix[1][2]   0.01108836 
_atom_sites.fract_transf_matrix[1][3]   0.00837307 
_atom_sites.fract_transf_matrix[2][1]   -0.01729440 
_atom_sites.fract_transf_matrix[2][2]   0.00215146 
_atom_sites.fract_transf_matrix[2][3]   -0.00826683 
_atom_sites.fract_transf_matrix[3][1]   -0.00356417 
_atom_sites.fract_transf_matrix[3][2]   -0.00829988 
_atom_sites.fract_transf_matrix[3][3]   0.00529628 
_atom_sites.fract_transf_vector[1]      0.685745 
_atom_sites.fract_transf_vector[2]      0.224069 
_atom_sites.fract_transf_vector[3]      0.104501 
# 
loop_
_atom_type.symbol 
C  
CL 
F  
N  
O  
P  
S  
# 
loop_
_atom_site.group_PDB 
_atom_site.id 
_atom_site.type_symbol 
_atom_site.label_atom_id 
_atom_site.label_alt_id 
_atom_site.label_comp_id 
_atom_site.label_asym_id 
_atom_site.label_entity_id 
_atom_site.label_seq_id 
_atom_site.pdbx_PDB_ins_code 
_atom_site.Cartn_x 
_atom_site.Cartn_y 
_atom_site.Cartn_z 
_atom_site.occupancy 
_atom_site.B_iso_or_equiv 
_atom_site.pdbx_formal_charge 
_atom_site.auth_seq_id 
_atom_site.auth_comp_id 
_atom_site.auth_asym_id 
_atom_site.auth_atom_id 
_atom_site.pdbx_PDB_model_num 
ATOM   1    N  N   . MET A 1 1   ? 10.638  4.907   12.821  1.00 15.29 ? 1    MET A N   1 
ATOM   2    C  CA  . MET A 1 1   ? 9.737   4.700   11.650  1.00 15.32 ? 1    MET A CA  1 
ATOM   3    C  C   . MET A 1 1   ? 10.078  3.393   10.921  1.00 14.67 ? 1    MET A C   1 
ATOM   4    O  O   . MET A 1 1   ? 11.231  2.977   10.900  1.00 14.70 ? 1    MET A O   1 
ATOM   5    C  CB  . MET A 1 1   ? 9.826   5.904   10.698  1.00 15.63 ? 1    MET A CB  1 
ATOM   6    C  CG  . MET A 1 1   ? 8.755   5.973   9.599   1.00 17.28 ? 1    MET A CG  1 
ATOM   7    S  SD  . MET A 1 1   ? 7.017   5.881   10.090  1.00 20.73 ? 1    MET A SD  1 
ATOM   8    C  CE  . MET A 1 1   ? 6.936   7.193   11.290  1.00 16.59 ? 1    MET A CE  1 
ATOM   9    N  N   . ASN A 1 2   ? 9.058   2.759   10.340  1.00 13.70 ? 2    ASN A N   1 
ATOM   10   C  CA  . ASN A 1 2   ? 9.199   1.536   9.544   1.00 12.87 ? 2    ASN A CA  1 
ATOM   11   C  C   . ASN A 1 2   ? 7.944   1.355   8.673   1.00 12.50 ? 2    ASN A C   1 
ATOM   12   O  O   . ASN A 1 2   ? 7.013   2.165   8.777   1.00 11.99 ? 2    ASN A O   1 
ATOM   13   C  CB  . ASN A 1 2   ? 9.454   0.311   10.440  1.00 12.96 ? 2    ASN A CB  1 
ATOM   14   C  CG  . ASN A 1 2   ? 8.330   0.048   11.419  1.00 12.94 ? 2    ASN A CG  1 
ATOM   15   O  OD1 . ASN A 1 2   ? 7.169   -0.073  11.035  1.00 11.96 ? 2    ASN A OD1 1 
ATOM   16   N  ND2 . ASN A 1 2   ? 8.675   -0.065  12.694  1.00 11.87 ? 2    ASN A ND2 1 
ATOM   17   N  N   . ILE A 1 3   ? 7.912   0.312   7.838   1.00 11.83 ? 3    ILE A N   1 
ATOM   18   C  CA  . ILE A 1 3   ? 6.797   0.103   6.885   1.00 11.33 ? 3    ILE A CA  1 
ATOM   19   C  C   . ILE A 1 3   ? 5.424   -0.008  7.586   1.00 11.07 ? 3    ILE A C   1 
ATOM   20   O  O   . ILE A 1 3   ? 4.408   0.469   7.071   1.00 10.91 ? 3    ILE A O   1 
ATOM   21   C  CB  . ILE A 1 3   ? 7.046   -1.107  5.918   1.00 11.51 ? 3    ILE A CB  1 
ATOM   22   C  CG1 . ILE A 1 3   ? 5.908   -1.258  4.900   1.00 11.56 ? 3    ILE A CG1 1 
ATOM   23   C  CG2 . ILE A 1 3   ? 7.270   -2.425  6.700   1.00 10.84 ? 3    ILE A CG2 1 
ATOM   24   C  CD1 . ILE A 1 3   ? 5.625   -0.006  4.053   1.00 10.69 ? 3    ILE A CD1 1 
ATOM   25   N  N   . PHE A 1 4   ? 5.408   -0.653  8.749   1.00 10.99 ? 4    PHE A N   1 
ATOM   26   C  CA  . PHE A 1 4   ? 4.185   -0.782  9.540   1.00 11.22 ? 4    PHE A CA  1 
ATOM   27   C  C   . PHE A 1 4   ? 3.681   0.569   10.049  1.00 11.16 ? 4    PHE A C   1 
ATOM   28   O  O   . PHE A 1 4   ? 2.506   0.892   9.877   1.00 10.92 ? 4    PHE A O   1 
ATOM   29   C  CB  . PHE A 1 4   ? 4.384   -1.783  10.686  1.00 11.26 ? 4    PHE A CB  1 
ATOM   30   C  CG  . PHE A 1 4   ? 4.524   -3.199  10.219  1.00 11.45 ? 4    PHE A CG  1 
ATOM   31   C  CD1 . PHE A 1 4   ? 3.399   -4.003  10.061  1.00 13.21 ? 4    PHE A CD1 1 
ATOM   32   C  CD2 . PHE A 1 4   ? 5.776   -3.723  9.901   1.00 12.56 ? 4    PHE A CD2 1 
ATOM   33   C  CE1 . PHE A 1 4   ? 3.517   -5.323  9.604   1.00 13.57 ? 4    PHE A CE1 1 
ATOM   34   C  CE2 . PHE A 1 4   ? 5.907   -5.049  9.445   1.00 12.80 ? 4    PHE A CE2 1 
ATOM   35   C  CZ  . PHE A 1 4   ? 4.773   -5.845  9.305   1.00 13.43 ? 4    PHE A CZ  1 
ATOM   36   N  N   . GLU A 1 5   ? 4.563   1.358   10.661  1.00 11.11 ? 5    GLU A N   1 
ATOM   37   C  CA  . GLU A 1 5   ? 4.181   2.683   11.174  1.00 11.55 ? 5    GLU A CA  1 
ATOM   38   C  C   . GLU A 1 5   ? 3.790   3.626   10.033  1.00 11.36 ? 5    GLU A C   1 
ATOM   39   O  O   . GLU A 1 5   ? 2.866   4.438   10.163  1.00 11.13 ? 5    GLU A O   1 
ATOM   40   C  CB  . GLU A 1 5   ? 5.319   3.311   11.971  1.00 11.51 ? 5    GLU A CB  1 
ATOM   41   C  CG  . GLU A 1 5   ? 5.660   2.606   13.278  1.00 12.16 ? 5    GLU A CG  1 
ATOM   42   C  CD  . GLU A 1 5   ? 6.790   3.297   14.051  1.00 12.88 ? 5    GLU A CD  1 
ATOM   43   O  OE1 . GLU A 1 5   ? 7.032   4.512   13.853  1.00 15.29 ? 5    GLU A OE1 1 
ATOM   44   O  OE2 . GLU A 1 5   ? 7.431   2.623   14.872  1.00 15.01 ? 5    GLU A OE2 1 
ATOM   45   N  N   . MET A 1 6   ? 4.509   3.495   8.922   1.00 11.18 ? 6    MET A N   1 
ATOM   46   C  CA  . MET A 1 6   ? 4.306   4.323   7.729   1.00 11.62 ? 6    MET A CA  1 
ATOM   47   C  C   . MET A 1 6   ? 2.914   4.100   7.146   1.00 11.42 ? 6    MET A C   1 
ATOM   48   O  O   . MET A 1 6   ? 2.153   5.052   6.941   1.00 11.49 ? 6    MET A O   1 
ATOM   49   C  CB  . MET A 1 6   ? 5.386   3.995   6.698   1.00 11.07 ? 6    MET A CB  1 
ATOM   50   C  CG  . MET A 1 6   ? 5.312   4.791   5.401   1.00 11.97 ? 6    MET A CG  1 
ATOM   51   S  SD  . MET A 1 6   ? 6.223   3.946   4.097   1.00 12.17 ? 6    MET A SD  1 
ATOM   52   C  CE  . MET A 1 6   ? 6.643   5.320   3.013   1.00 12.27 ? 6    MET A CE  1 
ATOM   53   N  N   . LEU A 1 7   ? 2.578   2.835   6.902   1.00 11.59 ? 7    LEU A N   1 
ATOM   54   C  CA  . LEU A 1 7   ? 1.271   2.492   6.364   1.00 11.44 ? 7    LEU A CA  1 
ATOM   55   C  C   . LEU A 1 7   ? 0.157   2.783   7.379   1.00 11.69 ? 7    LEU A C   1 
ATOM   56   O  O   . LEU A 1 7   ? -0.928  3.218   7.000   1.00 11.38 ? 7    LEU A O   1 
ATOM   57   C  CB  . LEU A 1 7   ? 1.248   1.037   5.888   1.00 11.52 ? 7    LEU A CB  1 
ATOM   58   C  CG  . LEU A 1 7   ? 1.843   0.863   4.484   1.00 11.68 ? 7    LEU A CG  1 
ATOM   59   C  CD1 . LEU A 1 7   ? 2.079   -0.601  4.166   1.00 13.25 ? 7    LEU A CD1 1 
ATOM   60   C  CD2 . LEU A 1 7   ? 0.927   1.508   3.432   1.00 11.68 ? 7    LEU A CD2 1 
ATOM   61   N  N   . ARG A 1 8   ? 0.435   2.582   8.664   1.00 11.82 ? 8    ARG A N   1 
ATOM   62   C  CA  . ARG A 1 8   ? -0.520  2.991   9.710   1.00 12.04 ? 8    ARG A CA  1 
ATOM   63   C  C   . ARG A 1 8   ? -0.896  4.484   9.607   1.00 11.90 ? 8    ARG A C   1 
ATOM   64   O  O   . ARG A 1 8   ? -2.067  4.852   9.765   1.00 11.59 ? 8    ARG A O   1 
ATOM   65   C  CB  . ARG A 1 8   ? 0.009   2.651   11.110  1.00 12.58 ? 8    ARG A CB  1 
ATOM   66   C  CG  . ARG A 1 8   ? -0.864  3.128   12.256  1.00 12.84 ? 8    ARG A CG  1 
ATOM   67   C  CD  . ARG A 1 8   ? -2.301  2.582   12.213  1.00 15.79 ? 8    ARG A CD  1 
ATOM   68   N  NE  . ARG A 1 8   ? -3.072  3.106   13.335  1.00 17.31 ? 8    ARG A NE  1 
ATOM   69   C  CZ  . ARG A 1 8   ? -3.676  4.293   13.351  1.00 18.13 ? 8    ARG A CZ  1 
ATOM   70   N  NH1 . ARG A 1 8   ? -3.618  5.103   12.297  1.00 18.27 ? 8    ARG A NH1 1 
ATOM   71   N  NH2 . ARG A 1 8   ? -4.334  4.673   14.434  1.00 18.52 ? 8    ARG A NH2 1 
ATOM   72   N  N   . ILE A 1 9   ? 0.089   5.334   9.322   1.00 12.08 ? 9    ILE A N   1 
ATOM   73   C  CA  . ILE A 1 9   ? -0.170  6.765   9.117   1.00 11.99 ? 9    ILE A CA  1 
ATOM   74   C  C   . ILE A 1 9   ? -1.010  6.992   7.850   1.00 11.67 ? 9    ILE A C   1 
ATOM   75   O  O   . ILE A 1 9   ? -2.029  7.684   7.890   1.00 11.65 ? 9    ILE A O   1 
ATOM   76   C  CB  . ILE A 1 9   ? 1.153   7.596   9.074   1.00 12.36 ? 9    ILE A CB  1 
ATOM   77   C  CG1 . ILE A 1 9   ? 1.752   7.742   10.480  1.00 11.75 ? 9    ILE A CG1 1 
ATOM   78   C  CG2 . ILE A 1 9   ? 0.918   8.970   8.455   1.00 12.63 ? 9    ILE A CG2 1 
ATOM   79   C  CD1 . ILE A 1 9   ? 3.227   8.205   10.492  1.00 11.75 ? 9    ILE A CD1 1 
ATOM   80   N  N   . ASP A 1 10  ? -0.582  6.394   6.741   1.00 11.84 ? 10   ASP A N   1 
ATOM   81   C  CA  . ASP A 1 10  ? -1.229  6.586   5.437   1.00 12.40 ? 10   ASP A CA  1 
ATOM   82   C  C   . ASP A 1 10  ? -2.630  6.005   5.333   1.00 12.23 ? 10   ASP A C   1 
ATOM   83   O  O   . ASP A 1 10  ? -3.486  6.586   4.660   1.00 12.74 ? 10   ASP A O   1 
ATOM   84   C  CB  . ASP A 1 10  ? -0.355  6.025   4.313   1.00 12.10 ? 10   ASP A CB  1 
ATOM   85   C  CG  . ASP A 1 10  ? 0.864   6.891   4.048   1.00 12.78 ? 10   ASP A CG  1 
ATOM   86   O  OD1 . ASP A 1 10  ? 0.825   8.093   4.397   1.00 12.03 ? 10   ASP A OD1 1 
ATOM   87   O  OD2 . ASP A 1 10  ? 1.856   6.368   3.504   1.00 13.14 ? 10   ASP A OD2 1 
ATOM   88   N  N   . GLU A 1 11  ? -2.866  4.879   6.006   1.00 12.29 ? 11   GLU A N   1 
ATOM   89   C  CA  . GLU A 1 11  ? -4.137  4.156   5.882   1.00 12.60 ? 11   GLU A CA  1 
ATOM   90   C  C   . GLU A 1 11  ? -5.115  4.392   7.035   1.00 12.96 ? 11   GLU A C   1 
ATOM   91   O  O   . GLU A 1 11  ? -6.317  4.204   6.870   1.00 13.37 ? 11   GLU A O   1 
ATOM   92   C  CB  . GLU A 1 11  ? -3.895  2.648   5.703   1.00 12.60 ? 11   GLU A CB  1 
ATOM   93   C  CG  . GLU A 1 11  ? -3.091  2.267   4.457   1.00 13.52 ? 11   GLU A CG  1 
ATOM   94   C  CD  . GLU A 1 11  ? -3.851  2.478   3.151   1.00 13.91 ? 11   GLU A CD  1 
ATOM   95   O  OE1 . GLU A 1 11  ? -5.066  2.793   3.183   1.00 12.68 ? 11   GLU A OE1 1 
ATOM   96   O  OE2 . GLU A 1 11  ? -3.228  2.308   2.091   1.00 14.63 ? 11   GLU A OE2 1 
ATOM   97   N  N   . GLY A 1 12  ? -4.599  4.798   8.192   1.00 12.89 ? 12   GLY A N   1 
ATOM   98   C  CA  . GLY A 1 12  ? -5.421  4.935   9.399   1.00 13.23 ? 12   GLY A CA  1 
ATOM   99   C  C   . GLY A 1 12  ? -5.831  3.587   9.975   1.00 13.21 ? 12   GLY A C   1 
ATOM   100  O  O   . GLY A 1 12  ? -5.373  2.538   9.513   1.00 12.94 ? 12   GLY A O   1 
ATOM   101  N  N   . LEU A 1 13  ? -6.678  3.620   11.000  1.00 13.52 ? 13   LEU A N   1 
ATOM   102  C  CA  . LEU A 1 13  ? -7.251  2.404   11.575  1.00 13.66 ? 13   LEU A CA  1 
ATOM   103  C  C   . LEU A 1 13  ? -8.736  2.603   11.873  1.00 13.77 ? 13   LEU A C   1 
ATOM   104  O  O   . LEU A 1 13  ? -9.105  3.469   12.668  1.00 13.12 ? 13   LEU A O   1 
ATOM   105  C  CB  . LEU A 1 13  ? -6.501  2.008   12.856  1.00 13.49 ? 13   LEU A CB  1 
ATOM   106  C  CG  . LEU A 1 13  ? -7.084  0.936   13.789  1.00 14.31 ? 13   LEU A CG  1 
ATOM   107  C  CD1 . LEU A 1 13  ? -7.136  -0.417  13.102  1.00 15.02 ? 13   LEU A CD1 1 
ATOM   108  C  CD2 . LEU A 1 13  ? -6.270  0.843   15.067  1.00 14.25 ? 13   LEU A CD2 1 
ATOM   109  N  N   . ARG A 1 14  ? -9.576  1.792   11.233  1.00 13.85 ? 14   ARG A N   1 
ATOM   110  C  CA  . ARG A 1 14  ? -11.019 1.840   11.457  1.00 14.72 ? 14   ARG A CA  1 
ATOM   111  C  C   . ARG A 1 14  ? -11.542 0.412   11.632  1.00 14.23 ? 14   ARG A C   1 
ATOM   112  O  O   . ARG A 1 14  ? -11.225 -0.467  10.837  1.00 14.03 ? 14   ARG A O   1 
ATOM   113  C  CB  . ARG A 1 14  ? -11.724 2.561   10.302  1.00 14.69 ? 14   ARG A CB  1 
ATOM   114  C  CG  . ARG A 1 14  ? -11.336 4.044   10.177  1.00 15.88 ? 14   ARG A CG  1 
ATOM   115  C  CD  . ARG A 1 14  ? -12.086 4.753   9.054   1.00 16.49 ? 14   ARG A CD  1 
ATOM   116  N  NE  . ARG A 1 14  ? -13.483 5.002   9.403   1.00 20.06 ? 14   ARG A NE  1 
ATOM   117  C  CZ  . ARG A 1 14  ? -14.361 5.638   8.627   1.00 21.12 ? 14   ARG A CZ  1 
ATOM   118  N  NH1 . ARG A 1 14  ? -14.006 6.109   7.438   1.00 20.58 ? 14   ARG A NH1 1 
ATOM   119  N  NH2 . ARG A 1 14  ? -15.609 5.801   9.047   1.00 22.56 ? 14   ARG A NH2 1 
ATOM   120  N  N   . LEU A 1 15  ? -12.341 0.192   12.673  1.00 13.93 ? 15   LEU A N   1 
ATOM   121  C  CA  . LEU A 1 15  ? -12.722 -1.162  13.075  1.00 14.08 ? 15   LEU A CA  1 
ATOM   122  C  C   . LEU A 1 15  ? -14.055 -1.634  12.495  1.00 14.19 ? 15   LEU A C   1 
ATOM   123  O  O   . LEU A 1 15  ? -14.460 -2.785  12.696  1.00 14.06 ? 15   LEU A O   1 
ATOM   124  C  CB  . LEU A 1 15  ? -12.716 -1.284  14.601  1.00 13.84 ? 15   LEU A CB  1 
ATOM   125  C  CG  . LEU A 1 15  ? -11.383 -1.027  15.310  1.00 14.66 ? 15   LEU A CG  1 
ATOM   126  C  CD1 . LEU A 1 15  ? -11.537 -1.260  16.814  1.00 15.85 ? 15   LEU A CD1 1 
ATOM   127  C  CD2 . LEU A 1 15  ? -10.239 -1.876  14.716  1.00 13.96 ? 15   LEU A CD2 1 
ATOM   128  N  N   . LYS A 1 16  ? -14.723 -0.741  11.771  1.00 14.43 ? 16   LYS A N   1 
ATOM   129  C  CA  . LYS A 1 16  ? -15.970 -1.061  11.086  1.00 15.10 ? 16   LYS A CA  1 
ATOM   130  C  C   . LYS A 1 16  ? -15.796 -0.832  9.588   1.00 14.66 ? 16   LYS A C   1 
ATOM   131  O  O   . LYS A 1 16  ? -15.029 0.050   9.172   1.00 14.64 ? 16   LYS A O   1 
ATOM   132  C  CB  . LYS A 1 16  ? -17.122 -0.189  11.601  1.00 15.55 ? 16   LYS A CB  1 
ATOM   133  C  CG  . LYS A 1 16  ? -17.214 -0.055  13.118  1.00 18.41 ? 16   LYS A CG  1 
ATOM   134  C  CD  . LYS A 1 16  ? -18.088 1.151   13.487  1.00 23.38 ? 16   LYS A CD  1 
ATOM   135  C  CE  . LYS A 1 16  ? -18.261 1.296   14.991  1.00 25.42 ? 16   LYS A CE  1 
ATOM   136  N  NZ  . LYS A 1 16  ? -18.882 2.622   15.336  1.00 27.92 ? 16   LYS A NZ  1 
ATOM   137  N  N   . ILE A 1 17  ? -16.510 -1.615  8.782   1.00 14.33 ? 17   ILE A N   1 
ATOM   138  C  CA  . ILE A 1 17  ? -16.418 -1.496  7.331   1.00 13.98 ? 17   ILE A CA  1 
ATOM   139  C  C   . ILE A 1 17  ? -16.637 -0.041  6.911   1.00 14.21 ? 17   ILE A C   1 
ATOM   140  O  O   . ILE A 1 17  ? -17.589 0.614   7.360   1.00 14.09 ? 17   ILE A O   1 
ATOM   141  C  CB  . ILE A 1 17  ? -17.417 -2.426  6.598   1.00 13.80 ? 17   ILE A CB  1 
ATOM   142  C  CG1 . ILE A 1 17  ? -17.043 -3.899  6.816   1.00 13.67 ? 17   ILE A CG1 1 
ATOM   143  C  CG2 . ILE A 1 17  ? -17.499 -2.070  5.108   1.00 12.65 ? 17   ILE A CG2 1 
ATOM   144  C  CD1 . ILE A 1 17  ? -18.096 -4.886  6.318   1.00 14.53 ? 17   ILE A CD1 1 
ATOM   145  N  N   . TYR A 1 18  ? -15.723 0.455   6.081   1.00 13.64 ? 18   TYR A N   1 
ATOM   146  C  CA  . TYR A 1 18  ? -15.807 1.798   5.510   1.00 13.97 ? 18   TYR A CA  1 
ATOM   147  C  C   . TYR A 1 18  ? -15.413 1.734   4.034   1.00 13.82 ? 18   TYR A C   1 
ATOM   148  O  O   . TYR A 1 18  ? -14.933 0.704   3.558   1.00 13.93 ? 18   TYR A O   1 
ATOM   149  C  CB  . TYR A 1 18  ? -14.885 2.767   6.274   1.00 14.24 ? 18   TYR A CB  1 
ATOM   150  C  CG  . TYR A 1 18  ? -13.395 2.482   6.123   1.00 14.93 ? 18   TYR A CG  1 
ATOM   151  C  CD1 . TYR A 1 18  ? -12.765 1.504   6.900   1.00 15.28 ? 18   TYR A CD1 1 
ATOM   152  C  CD2 . TYR A 1 18  ? -12.610 3.201   5.211   1.00 15.05 ? 18   TYR A CD2 1 
ATOM   153  C  CE1 . TYR A 1 18  ? -11.398 1.243   6.768   1.00 16.60 ? 18   TYR A CE1 1 
ATOM   154  C  CE2 . TYR A 1 18  ? -11.235 2.945   5.071   1.00 15.60 ? 18   TYR A CE2 1 
ATOM   155  C  CZ  . TYR A 1 18  ? -10.639 1.967   5.851   1.00 16.02 ? 18   TYR A CZ  1 
ATOM   156  O  OH  . TYR A 1 18  ? -9.287  1.700   5.729   1.00 15.58 ? 18   TYR A OH  1 
ATOM   157  N  N   . LYS A 1 19  ? -15.623 2.832   3.315   1.00 13.46 ? 19   LYS A N   1 
ATOM   158  C  CA  . LYS A 1 19  ? -15.214 2.922   1.915   1.00 13.23 ? 19   LYS A CA  1 
ATOM   159  C  C   . LYS A 1 19  ? -13.891 3.664   1.795   1.00 13.37 ? 19   LYS A C   1 
ATOM   160  O  O   . LYS A 1 19  ? -13.714 4.747   2.370   1.00 13.12 ? 19   LYS A O   1 
ATOM   161  C  CB  . LYS A 1 19  ? -16.291 3.599   1.059   1.00 13.16 ? 19   LYS A CB  1 
ATOM   162  C  CG  . LYS A 1 19  ? -17.581 2.806   0.937   1.00 13.26 ? 19   LYS A CG  1 
ATOM   163  C  CD  . LYS A 1 19  ? -18.528 3.470   -0.046  1.00 14.31 ? 19   LYS A CD  1 
ATOM   164  C  CE  . LYS A 1 19  ? -19.820 2.684   -0.192  1.00 16.03 ? 19   LYS A CE  1 
ATOM   165  N  NZ  . LYS A 1 19  ? -20.806 3.510   -0.946  1.00 17.12 ? 19   LYS A NZ  1 
ATOM   166  N  N   . ASP A 1 20  ? -12.964 3.071   1.051   1.00 13.59 ? 20   ASP A N   1 
ATOM   167  C  CA  . ASP A 1 20  ? -11.646 3.673   0.831   1.00 13.49 ? 20   ASP A CA  1 
ATOM   168  C  C   . ASP A 1 20  ? -11.722 4.878   -0.120  1.00 13.93 ? 20   ASP A C   1 
ATOM   169  O  O   . ASP A 1 20  ? -12.823 5.316   -0.498  1.00 13.54 ? 20   ASP A O   1 
ATOM   170  C  CB  . ASP A 1 20  ? -10.626 2.617   0.364   1.00 13.84 ? 20   ASP A CB  1 
ATOM   171  C  CG  . ASP A 1 20  ? -10.842 2.146   -1.081  1.00 13.87 ? 20   ASP A CG  1 
ATOM   172  O  OD1 . ASP A 1 20  ? -11.631 2.744   -1.846  1.00 13.09 ? 20   ASP A OD1 1 
ATOM   173  O  OD2 . ASP A 1 20  ? -10.190 1.155   -1.457  1.00 15.31 ? 20   ASP A OD2 1 
ATOM   174  N  N   . THR A 1 21  ? -10.565 5.415   -0.504  1.00 13.76 ? 21   THR A N   1 
ATOM   175  C  CA  . THR A 1 21  ? -10.536 6.633   -1.322  1.00 14.21 ? 21   THR A CA  1 
ATOM   176  C  C   . THR A 1 21  ? -11.174 6.450   -2.707  1.00 14.48 ? 21   THR A C   1 
ATOM   177  O  O   . THR A 1 21  ? -11.591 7.428   -3.329  1.00 14.42 ? 21   THR A O   1 
ATOM   178  C  CB  . THR A 1 21  ? -9.110  7.181   -1.484  1.00 14.31 ? 21   THR A CB  1 
ATOM   179  O  OG1 . THR A 1 21  ? -8.308  6.227   -2.185  1.00 14.69 ? 21   THR A OG1 1 
ATOM   180  C  CG2 . THR A 1 21  ? -8.483  7.475   -0.122  1.00 14.27 ? 21   THR A CG2 1 
ATOM   181  N  N   . GLU A 1 22  ? -11.235 5.202   -3.176  1.00 14.39 ? 22   GLU A N   1 
ATOM   182  C  CA  . GLU A 1 22  ? -11.831 4.860   -4.469  1.00 14.74 ? 22   GLU A CA  1 
ATOM   183  C  C   . GLU A 1 22  ? -13.306 4.445   -4.357  1.00 14.70 ? 22   GLU A C   1 
ATOM   184  O  O   . GLU A 1 22  ? -13.962 4.152   -5.368  1.00 14.34 ? 22   GLU A O   1 
ATOM   185  C  CB  . GLU A 1 22  ? -11.026 3.742   -5.152  1.00 15.00 ? 22   GLU A CB  1 
ATOM   186  C  CG  . GLU A 1 22  ? -9.584  4.114   -5.535  1.00 17.00 ? 22   GLU A CG  1 
ATOM   187  C  CD  . GLU A 1 22  ? -9.496  5.195   -6.617  1.00 21.01 ? 22   GLU A CD  1 
ATOM   188  O  OE1 . GLU A 1 22  ? -10.466 5.372   -7.385  1.00 21.31 ? 22   GLU A OE1 1 
ATOM   189  O  OE2 . GLU A 1 22  ? -8.439  5.855   -6.713  1.00 23.19 ? 22   GLU A OE2 1 
ATOM   190  N  N   . GLY A 1 23  ? -13.819 4.409   -3.130  1.00 14.48 ? 23   GLY A N   1 
ATOM   191  C  CA  . GLY A 1 23  ? -15.216 4.045   -2.884  1.00 14.22 ? 23   GLY A CA  1 
ATOM   192  C  C   . GLY A 1 23  ? -15.442 2.567   -2.619  1.00 14.29 ? 23   GLY A C   1 
ATOM   193  O  O   . GLY A 1 23  ? -16.581 2.098   -2.634  1.00 13.94 ? 23   GLY A O   1 
ATOM   194  N  N   . TYR A 1 24  ? -14.364 1.835   -2.338  1.00 14.16 ? 24   TYR A N   1 
ATOM   195  C  CA  . TYR A 1 24  ? -14.440 0.386   -2.136  1.00 14.49 ? 24   TYR A CA  1 
ATOM   196  C  C   . TYR A 1 24  ? -14.488 -0.005  -0.670  1.00 14.13 ? 24   TYR A C   1 
ATOM   197  O  O   . TYR A 1 24  ? -13.760 0.559   0.160   1.00 13.88 ? 24   TYR A O   1 
ATOM   198  C  CB  . TYR A 1 24  ? -13.254 -0.322  -2.801  1.00 15.23 ? 24   TYR A CB  1 
ATOM   199  C  CG  . TYR A 1 24  ? -13.169 -0.111  -4.296  1.00 16.27 ? 24   TYR A CG  1 
ATOM   200  C  CD1 . TYR A 1 24  ? -14.313 -0.187  -5.095  1.00 16.98 ? 24   TYR A CD1 1 
ATOM   201  C  CD2 . TYR A 1 24  ? -11.947 0.166   -4.910  1.00 16.76 ? 24   TYR A CD2 1 
ATOM   202  C  CE1 . TYR A 1 24  ? -14.244 0.005   -6.476  1.00 18.80 ? 24   TYR A CE1 1 
ATOM   203  C  CE2 . TYR A 1 24  ? -11.867 0.360   -6.287  1.00 17.73 ? 24   TYR A CE2 1 
ATOM   204  C  CZ  . TYR A 1 24  ? -13.019 0.280   -7.061  1.00 18.41 ? 24   TYR A CZ  1 
ATOM   205  O  OH  . TYR A 1 24  ? -12.956 0.462   -8.428  1.00 19.56 ? 24   TYR A OH  1 
ATOM   206  N  N   . TYR A 1 25  ? -15.322 -0.998  -0.363  1.00 13.92 ? 25   TYR A N   1 
ATOM   207  C  CA  . TYR A 1 25  ? -15.425 -1.501  1.003   1.00 13.62 ? 25   TYR A CA  1 
ATOM   208  C  C   . TYR A 1 25  ? -14.083 -2.011  1.528   1.00 13.20 ? 25   TYR A C   1 
ATOM   209  O  O   . TYR A 1 25  ? -13.399 -2.818  0.878   1.00 13.22 ? 25   TYR A O   1 
ATOM   210  C  CB  . TYR A 1 25  ? -16.503 -2.574  1.120   1.00 14.10 ? 25   TYR A CB  1 
ATOM   211  C  CG  . TYR A 1 25  ? -17.899 -2.032  0.919   1.00 14.48 ? 25   TYR A CG  1 
ATOM   212  C  CD1 . TYR A 1 25  ? -18.435 -1.080  1.795   1.00 13.97 ? 25   TYR A CD1 1 
ATOM   213  C  CD2 . TYR A 1 25  ? -18.682 -2.458  -0.154  1.00 14.48 ? 25   TYR A CD2 1 
ATOM   214  C  CE1 . TYR A 1 25  ? -19.721 -0.577  1.605   1.00 15.64 ? 25   TYR A CE1 1 
ATOM   215  C  CE2 . TYR A 1 25  ? -19.971 -1.962  -0.347  1.00 14.75 ? 25   TYR A CE2 1 
ATOM   216  C  CZ  . TYR A 1 25  ? -20.480 -1.027  0.534   1.00 15.44 ? 25   TYR A CZ  1 
ATOM   217  O  OH  . TYR A 1 25  ? -21.751 -0.535  0.346   1.00 16.82 ? 25   TYR A OH  1 
ATOM   218  N  N   . THR A 1 26  ? -13.735 -1.516  2.709   1.00 12.89 ? 26   THR A N   1 
ATOM   219  C  CA  . THR A 1 26  ? -12.430 -1.708  3.330   1.00 12.41 ? 26   THR A CA  1 
ATOM   220  C  C   . THR A 1 26  ? -12.625 -1.819  4.848   1.00 12.34 ? 26   THR A C   1 
ATOM   221  O  O   . THR A 1 26  ? -13.658 -1.409  5.382   1.00 11.87 ? 26   THR A O   1 
ATOM   222  C  CB  . THR A 1 26  ? -11.490 -0.510  2.965   1.00 12.77 ? 26   THR A CB  1 
ATOM   223  O  OG1 . THR A 1 26  ? -11.384 -0.403  1.542   1.00 11.96 ? 26   THR A OG1 1 
ATOM   224  C  CG2 . THR A 1 26  ? -10.085 -0.671  3.546   1.00 12.24 ? 26   THR A CG2 1 
ATOM   225  N  N   . ILE A 1 27  ? -11.646 -2.383  5.543   1.00 12.06 ? 27   ILE A N   1 
ATOM   226  C  CA  . ILE A 1 27  ? -11.678 -2.419  7.006   1.00 12.35 ? 27   ILE A CA  1 
ATOM   227  C  C   . ILE A 1 27  ? -10.254 -2.353  7.575   1.00 12.45 ? 27   ILE A C   1 
ATOM   228  O  O   . ILE A 1 27  ? -9.278  -2.612  6.856   1.00 11.70 ? 27   ILE A O   1 
ATOM   229  C  CB  . ILE A 1 27  ? -12.459 -3.655  7.559   1.00 12.50 ? 27   ILE A CB  1 
ATOM   230  C  CG1 . ILE A 1 27  ? -12.957 -3.379  8.993   1.00 12.57 ? 27   ILE A CG1 1 
ATOM   231  C  CG2 . ILE A 1 27  ? -11.604 -4.932  7.480   1.00 12.40 ? 27   ILE A CG2 1 
ATOM   232  C  CD1 . ILE A 1 27  ? -14.122 -4.250  9.460   1.00 12.82 ? 27   ILE A CD1 1 
ATOM   233  N  N   . GLY A 1 28  ? -10.149 -1.990  8.854   1.00 12.27 ? 28   GLY A N   1 
ATOM   234  C  CA  . GLY A 1 28  ? -8.884  -2.059  9.589   1.00 12.72 ? 28   GLY A CA  1 
ATOM   235  C  C   . GLY A 1 28  ? -7.884  -1.031  9.097   1.00 12.37 ? 28   GLY A C   1 
ATOM   236  O  O   . GLY A 1 28  ? -8.195  0.158   9.018   1.00 12.46 ? 28   GLY A O   1 
ATOM   237  N  N   . ILE A 1 29  ? -6.691  -1.501  8.755   1.00 12.44 ? 29   ILE A N   1 
ATOM   238  C  CA  . ILE A 1 29  ? -5.629  -0.631  8.276   1.00 12.48 ? 29   ILE A CA  1 
ATOM   239  C  C   . ILE A 1 29  ? -5.526  -0.772  6.754   1.00 12.30 ? 29   ILE A C   1 
ATOM   240  O  O   . ILE A 1 29  ? -4.596  -1.383  6.226   1.00 12.65 ? 29   ILE A O   1 
ATOM   241  C  CB  . ILE A 1 29  ? -4.269  -0.900  9.014   1.00 12.70 ? 29   ILE A CB  1 
ATOM   242  C  CG1 . ILE A 1 29  ? -4.476  -0.837  10.533  1.00 12.71 ? 29   ILE A CG1 1 
ATOM   243  C  CG2 . ILE A 1 29  ? -3.207  0.109   8.565   1.00 12.55 ? 29   ILE A CG2 1 
ATOM   244  C  CD1 . ILE A 1 29  ? -3.351  -1.424  11.362  1.00 12.86 ? 29   ILE A CD1 1 
ATOM   245  N  N   . GLY A 1 30  ? -6.519  -0.219  6.056   1.00 12.04 ? 30   GLY A N   1 
ATOM   246  C  CA  . GLY A 1 30  ? -6.543  -0.265  4.594   1.00 12.07 ? 30   GLY A CA  1 
ATOM   247  C  C   . GLY A 1 30  ? -6.639  -1.667  4.011   1.00 12.00 ? 30   GLY A C   1 
ATOM   248  O  O   . GLY A 1 30  ? -6.061  -1.939  2.955   1.00 12.34 ? 30   GLY A O   1 
ATOM   249  N  N   . HIS A 1 31  ? -7.338  -2.567  4.702   1.00 11.78 ? 31   HIS A N   1 
ATOM   250  C  CA  . HIS A 1 31  ? -7.570  -3.901  4.144   1.00 12.34 ? 31   HIS A CA  1 
ATOM   251  C  C   . HIS A 1 31  ? -8.778  -3.873  3.204   1.00 12.38 ? 31   HIS A C   1 
ATOM   252  O  O   . HIS A 1 31  ? -9.923  -3.861  3.657   1.00 12.25 ? 31   HIS A O   1 
ATOM   253  C  CB  . HIS A 1 31  ? -7.755  -4.991  5.215   1.00 12.08 ? 31   HIS A CB  1 
ATOM   254  C  CG  . HIS A 1 31  ? -8.010  -6.345  4.626   1.00 13.07 ? 31   HIS A CG  1 
ATOM   255  N  ND1 . HIS A 1 31  ? -6.991  -7.181  4.223   1.00 14.87 ? 31   HIS A ND1 1 
ATOM   256  C  CD2 . HIS A 1 31  ? -9.164  -6.985  4.321   1.00 13.99 ? 31   HIS A CD2 1 
ATOM   257  C  CE1 . HIS A 1 31  ? -7.504  -8.286  3.710   1.00 14.09 ? 31   HIS A CE1 1 
ATOM   258  N  NE2 . HIS A 1 31  ? -8.821  -8.191  3.753   1.00 13.71 ? 31   HIS A NE2 1 
ATOM   259  N  N   . LEU A 1 32  ? -8.501  -3.854  1.903   1.00 12.98 ? 32   LEU A N   1 
ATOM   260  C  CA  . LEU A 1 32  ? -9.545  -3.880  0.873   1.00 13.62 ? 32   LEU A CA  1 
ATOM   261  C  C   . LEU A 1 32  ? -10.308 -5.201  0.947   1.00 13.71 ? 32   LEU A C   1 
ATOM   262  O  O   . LEU A 1 32  ? -9.708  -6.278  0.933   1.00 14.00 ? 32   LEU A O   1 
ATOM   263  C  CB  . LEU A 1 32  ? -8.924  -3.685  -0.521  1.00 13.67 ? 32   LEU A CB  1 
ATOM   264  C  CG  . LEU A 1 32  ? -9.865  -3.735  -1.731  1.00 14.07 ? 32   LEU A CG  1 
ATOM   265  C  CD1 . LEU A 1 32  ? -10.943 -2.651  -1.616  1.00 13.98 ? 32   LEU A CD1 1 
ATOM   266  C  CD2 . LEU A 1 32  ? -9.097  -3.605  -3.050  1.00 14.88 ? 32   LEU A CD2 1 
ATOM   267  N  N   . LEU A 1 33  ? -11.629 -5.111  1.051   1.00 13.71 ? 33   LEU A N   1 
ATOM   268  C  CA  . LEU A 1 33  ? -12.461 -6.304  1.144   1.00 14.31 ? 33   LEU A CA  1 
ATOM   269  C  C   . LEU A 1 33  ? -12.935 -6.772  -0.229  1.00 15.38 ? 33   LEU A C   1 
ATOM   270  O  O   . LEU A 1 33  ? -12.924 -7.969  -0.520  1.00 15.47 ? 33   LEU A O   1 
ATOM   271  C  CB  . LEU A 1 33  ? -13.651 -6.056  2.075   1.00 14.24 ? 33   LEU A CB  1 
ATOM   272  C  CG  . LEU A 1 33  ? -13.319 -5.928  3.565   1.00 13.63 ? 33   LEU A CG  1 
ATOM   273  C  CD1 . LEU A 1 33  ? -14.492 -5.321  4.333   1.00 13.29 ? 33   LEU A CD1 1 
ATOM   274  C  CD2 . LEU A 1 33  ? -12.908 -7.285  4.160   1.00 12.61 ? 33   LEU A CD2 1 
ATOM   275  N  N   . THR A 1 34  ? -13.344 -5.816  -1.064  1.00 16.24 ? 34   THR A N   1 
ATOM   276  C  CA  . THR A 1 34  ? -13.934 -6.101  -2.368  1.00 16.83 ? 34   THR A CA  1 
ATOM   277  C  C   . THR A 1 34  ? -14.151 -4.809  -3.146  1.00 17.62 ? 34   THR A C   1 
ATOM   278  O  O   . THR A 1 34  ? -14.307 -3.739  -2.557  1.00 17.48 ? 34   THR A O   1 
ATOM   279  C  CB  . THR A 1 34  ? -15.296 -6.853  -2.238  1.00 16.99 ? 34   THR A CB  1 
ATOM   280  O  OG1 . THR A 1 34  ? -15.805 -7.168  -3.540  1.00 16.87 ? 34   THR A OG1 1 
ATOM   281  C  CG2 . THR A 1 34  ? -16.325 -6.015  -1.469  1.00 16.97 ? 34   THR A CG2 1 
ATOM   282  N  N   . LYS A 1 35  ? -14.151 -4.924  -4.473  1.00 18.35 ? 35   LYS A N   1 
ATOM   283  C  CA  . LYS A 1 35  ? -14.511 -3.805  -5.342  1.00 19.28 ? 35   LYS A CA  1 
ATOM   284  C  C   . LYS A 1 35  ? -16.004 -3.803  -5.659  1.00 19.51 ? 35   LYS A C   1 
ATOM   285  O  O   . LYS A 1 35  ? -16.506 -2.879  -6.310  1.00 19.21 ? 35   LYS A O   1 
ATOM   286  C  CB  . LYS A 1 35  ? -13.663 -3.809  -6.617  1.00 19.47 ? 35   LYS A CB  1 
ATOM   287  C  CG  . LYS A 1 35  ? -12.193 -3.531  -6.347  1.00 20.64 ? 35   LYS A CG  1 
ATOM   288  C  CD  . LYS A 1 35  ? -11.432 -3.156  -7.604  1.00 22.71 ? 35   LYS A CD  1 
ATOM   289  C  CE  . LYS A 1 35  ? -9.944  -3.105  -7.310  1.00 24.27 ? 35   LYS A CE  1 
ATOM   290  N  NZ  . LYS A 1 35  ? -9.133  -2.826  -8.531  1.00 25.87 ? 35   LYS A NZ  1 
ATOM   291  N  N   . SER A 1 36  ? -16.711 -4.826  -5.171  1.00 19.65 ? 36   SER A N   1 
ATOM   292  C  CA  . SER A 1 36  ? -18.161 -4.944  -5.355  1.00 19.88 ? 36   SER A CA  1 
ATOM   293  C  C   . SER A 1 36  ? -18.933 -3.872  -4.583  1.00 19.78 ? 36   SER A C   1 
ATOM   294  O  O   . SER A 1 36  ? -18.600 -3.576  -3.432  1.00 19.96 ? 36   SER A O   1 
ATOM   295  C  CB  . SER A 1 36  ? -18.643 -6.333  -4.931  1.00 19.88 ? 36   SER A CB  1 
ATOM   296  O  OG  . SER A 1 36  ? -20.044 -6.348  -4.723  1.00 19.97 ? 36   SER A OG  1 
ATOM   297  N  N   . PRO A 1 37  ? -19.980 -3.291  -5.208  1.00 19.93 ? 37   PRO A N   1 
ATOM   298  C  CA  . PRO A 1 37  ? -20.801 -2.301  -4.506  1.00 19.64 ? 37   PRO A CA  1 
ATOM   299  C  C   . PRO A 1 37  ? -21.768 -2.925  -3.492  1.00 19.10 ? 37   PRO A C   1 
ATOM   300  O  O   . PRO A 1 37  ? -22.510 -2.202  -2.826  1.00 18.93 ? 37   PRO A O   1 
ATOM   301  C  CB  . PRO A 1 37  ? -21.569 -1.612  -5.642  1.00 19.75 ? 37   PRO A CB  1 
ATOM   302  C  CG  . PRO A 1 37  ? -21.678 -2.659  -6.702  1.00 20.31 ? 37   PRO A CG  1 
ATOM   303  C  CD  . PRO A 1 37  ? -20.440 -3.509  -6.596  1.00 20.15 ? 37   PRO A CD  1 
ATOM   304  N  N   . SER A 1 38  ? -21.753 -4.253  -3.373  1.00 18.60 ? 38   SER A N   1 
ATOM   305  C  CA  . SER A 1 38  ? -22.617 -4.947  -2.423  1.00 18.55 ? 38   SER A CA  1 
ATOM   306  C  C   . SER A 1 38  ? -21.985 -5.005  -1.033  1.00 18.19 ? 38   SER A C   1 
ATOM   307  O  O   . SER A 1 38  ? -20.913 -5.593  -0.859  1.00 18.07 ? 38   SER A O   1 
ATOM   308  C  CB  . SER A 1 38  ? -22.931 -6.367  -2.911  1.00 18.39 ? 38   SER A CB  1 
ATOM   309  O  OG  . SER A 1 38  ? -23.455 -7.154  -1.848  1.00 19.01 ? 38   SER A OG  1 
ATOM   310  N  N   . LEU A 1 39  ? -22.654 -4.404  -0.053  1.00 18.26 ? 39   LEU A N   1 
ATOM   311  C  CA  . LEU A 1 39  ? -22.196 -4.461  1.343   1.00 18.16 ? 39   LEU A CA  1 
ATOM   312  C  C   . LEU A 1 39  ? -22.161 -5.895  1.866   1.00 17.70 ? 39   LEU A C   1 
ATOM   313  O  O   . LEU A 1 39  ? -21.257 -6.266  2.628   1.00 17.07 ? 39   LEU A O   1 
ATOM   314  C  CB  . LEU A 1 39  ? -23.059 -3.578  2.256   1.00 18.51 ? 39   LEU A CB  1 
ATOM   315  C  CG  . LEU A 1 39  ? -22.686 -3.489  3.749   1.00 18.38 ? 39   LEU A CG  1 
ATOM   316  C  CD1 . LEU A 1 39  ? -21.217 -3.087  3.972   1.00 19.16 ? 39   LEU A CD1 1 
ATOM   317  C  CD2 . LEU A 1 39  ? -23.614 -2.529  4.476   1.00 18.98 ? 39   LEU A CD2 1 
ATOM   318  N  N   . ASN A 1 40  ? -23.145 -6.695  1.456   1.00 17.26 ? 40   ASN A N   1 
ATOM   319  C  CA  . ASN A 1 40  ? -23.194 -8.106  1.839   1.00 16.96 ? 40   ASN A CA  1 
ATOM   320  C  C   . ASN A 1 40  ? -21.997 -8.900  1.334   1.00 16.37 ? 40   ASN A C   1 
ATOM   321  O  O   . ASN A 1 40  ? -21.467 -9.740  2.070   1.00 15.68 ? 40   ASN A O   1 
ATOM   322  C  CB  . ASN A 1 40  ? -24.504 -8.757  1.386   1.00 17.61 ? 40   ASN A CB  1 
ATOM   323  C  CG  . ASN A 1 40  ? -25.682 -8.343  2.242   1.00 18.40 ? 40   ASN A CG  1 
ATOM   324  O  OD1 . ASN A 1 40  ? -25.569 -8.222  3.464   1.00 22.05 ? 40   ASN A OD1 1 
ATOM   325  N  ND2 . ASN A 1 40  ? -26.824 -8.127  1.604   1.00 21.10 ? 40   ASN A ND2 1 
ATOM   326  N  N   . ALA A 1 41  ? -21.583 -8.621  0.095   1.00 15.31 ? 41   ALA A N   1 
ATOM   327  C  CA  . ALA A 1 41  ? -20.371 -9.200  -0.489  1.00 14.83 ? 41   ALA A CA  1 
ATOM   328  C  C   . ALA A 1 41  ? -19.145 -8.825  0.339   1.00 14.46 ? 41   ALA A C   1 
ATOM   329  O  O   . ALA A 1 41  ? -18.310 -9.683  0.630   1.00 14.17 ? 41   ALA A O   1 
ATOM   330  C  CB  . ALA A 1 41  ? -20.194 -8.750  -1.940  1.00 15.00 ? 41   ALA A CB  1 
ATOM   331  N  N   . ALA A 1 42  ? -19.061 -7.546  0.726   1.00 13.53 ? 42   ALA A N   1 
ATOM   332  C  CA  . ALA A 1 42  ? -17.974 -7.055  1.582   1.00 13.62 ? 42   ALA A CA  1 
ATOM   333  C  C   . ALA A 1 42  ? -17.939 -7.781  2.929   1.00 13.23 ? 42   ALA A C   1 
ATOM   334  O  O   . ALA A 1 42  ? -16.868 -8.213  3.379   1.00 13.13 ? 42   ALA A O   1 
ATOM   335  C  CB  . ALA A 1 42  ? -18.089 -5.535  1.786   1.00 13.45 ? 42   ALA A CB  1 
ATOM   336  N  N   A LYS A 1 43  ? -19.105 -7.917  3.564   0.60 13.41 ? 43   LYS A N   1 
ATOM   337  N  N   B LYS A 1 43  ? -19.111 -7.925  3.543   0.40 13.28 ? 43   LYS A N   1 
ATOM   338  C  CA  A LYS A 1 43  ? -19.212 -8.603  4.858   0.60 13.66 ? 43   LYS A CA  1 
ATOM   339  C  CA  B LYS A 1 43  ? -19.250 -8.599  4.829   0.40 13.33 ? 43   LYS A CA  1 
ATOM   340  C  C   A LYS A 1 43  ? -18.783 -10.069 4.750   0.60 13.50 ? 43   LYS A C   1 
ATOM   341  C  C   B LYS A 1 43  ? -18.789 -10.055 4.742   0.40 13.37 ? 43   LYS A C   1 
ATOM   342  O  O   A LYS A 1 43  ? -18.126 -10.593 5.651   0.60 13.71 ? 43   LYS A O   1 
ATOM   343  O  O   B LYS A 1 43  ? -18.129 -10.563 5.647   0.40 13.53 ? 43   LYS A O   1 
ATOM   344  C  CB  A LYS A 1 43  ? -20.634 -8.496  5.431   0.60 13.63 ? 43   LYS A CB  1 
ATOM   345  C  CB  B LYS A 1 43  ? -20.703 -8.539  5.299   0.40 13.27 ? 43   LYS A CB  1 
ATOM   346  C  CG  A LYS A 1 43  ? -21.003 -7.118  5.963   0.60 13.73 ? 43   LYS A CG  1 
ATOM   347  C  CG  B LYS A 1 43  ? -20.847 -8.410  6.794   0.40 12.84 ? 43   LYS A CG  1 
ATOM   348  C  CD  A LYS A 1 43  ? -22.485 -7.031  6.299   0.60 14.15 ? 43   LYS A CD  1 
ATOM   349  C  CD  B LYS A 1 43  ? -21.889 -9.367  7.347   0.40 11.97 ? 43   LYS A CD  1 
ATOM   350  C  CE  A LYS A 1 43  ? -22.814 -5.742  7.033   0.60 14.27 ? 43   LYS A CE  1 
ATOM   351  C  CE  B LYS A 1 43  ? -21.293 -10.749 7.546   0.40 11.72 ? 43   LYS A CE  1 
ATOM   352  N  NZ  A LYS A 1 43  ? -24.217 -5.758  7.537   0.60 16.09 ? 43   LYS A NZ  1 
ATOM   353  N  NZ  B LYS A 1 43  ? -21.583 -11.337 8.887   0.40 8.78  ? 43   LYS A NZ  1 
ATOM   354  N  N   . SER A 1 44  ? -19.137 -10.714 3.641   1.00 13.68 ? 44   SER A N   1 
ATOM   355  C  CA  A SER A 1 44  ? -18.730 -12.098 3.388   0.60 13.99 ? 44   SER A CA  1 
ATOM   356  C  CA  B SER A 1 44  ? -18.731 -12.092 3.395   0.40 13.84 ? 44   SER A CA  1 
ATOM   357  C  C   . SER A 1 44  ? -17.209 -12.209 3.312   1.00 13.93 ? 44   SER A C   1 
ATOM   358  O  O   . SER A 1 44  ? -16.614 -13.086 3.943   1.00 13.76 ? 44   SER A O   1 
ATOM   359  C  CB  A SER A 1 44  ? -19.379 -12.643 2.110   0.60 14.13 ? 44   SER A CB  1 
ATOM   360  C  CB  B SER A 1 44  ? -19.377 -12.614 2.109   0.40 13.95 ? 44   SER A CB  1 
ATOM   361  O  OG  A SER A 1 44  ? -20.747 -12.935 2.331   0.60 15.32 ? 44   SER A OG  1 
ATOM   362  O  OG  B SER A 1 44  ? -19.196 -14.009 1.990   0.40 14.39 ? 44   SER A OG  1 
ATOM   363  N  N   . GLU A 1 45  ? -16.597 -11.308 2.539   1.00 13.68 ? 45   GLU A N   1 
ATOM   364  C  CA  . GLU A 1 45  ? -15.146 -11.229 2.413   1.00 13.65 ? 45   GLU A CA  1 
ATOM   365  C  C   . GLU A 1 45  ? -14.487 -11.041 3.777   1.00 13.61 ? 45   GLU A C   1 
ATOM   366  O  O   . GLU A 1 45  ? -13.501 -11.712 4.081   1.00 13.16 ? 45   GLU A O   1 
ATOM   367  C  CB  . GLU A 1 45  ? -14.726 -10.113 1.449   1.00 13.59 ? 45   GLU A CB  1 
ATOM   368  C  CG  . GLU A 1 45  ? -15.014 -10.421 -0.030  1.00 15.04 ? 45   GLU A CG  1 
ATOM   369  C  CD  . GLU A 1 45  ? -14.332 -11.694 -0.544  1.00 17.22 ? 45   GLU A CD  1 
ATOM   370  O  OE1 . GLU A 1 45  ? -13.120 -11.885 -0.306  1.00 17.92 ? 45   GLU A OE1 1 
ATOM   371  O  OE2 . GLU A 1 45  ? -15.011 -12.495 -1.214  1.00 18.07 ? 45   GLU A OE2 1 
ATOM   372  N  N   . LEU A 1 46  ? -15.057 -10.157 4.596   1.00 13.23 ? 46   LEU A N   1 
ATOM   373  C  CA  . LEU A 1 46  ? -14.570 -9.924  5.955   1.00 12.94 ? 46   LEU A CA  1 
ATOM   374  C  C   . LEU A 1 46  ? -14.595 -11.191 6.811   1.00 13.08 ? 46   LEU A C   1 
ATOM   375  O  O   . LEU A 1 46  ? -13.575 -11.569 7.388   1.00 12.43 ? 46   LEU A O   1 
ATOM   376  C  CB  . LEU A 1 46  ? -15.354 -8.802  6.636   1.00 12.85 ? 46   LEU A CB  1 
ATOM   377  C  CG  . LEU A 1 46  ? -14.904 -8.453  8.061   1.00 12.95 ? 46   LEU A CG  1 
ATOM   378  C  CD1 . LEU A 1 46  ? -13.423 -8.097  8.106   1.00 13.56 ? 46   LEU A CD1 1 
ATOM   379  C  CD2 . LEU A 1 46  ? -15.757 -7.320  8.595   1.00 12.30 ? 46   LEU A CD2 1 
ATOM   380  N  N   . ASP A 1 47  ? -15.755 -11.840 6.878   1.00 13.21 ? 47   ASP A N   1 
ATOM   381  C  CA  . ASP A 1 47  ? -15.907 -13.096 7.618   1.00 13.50 ? 47   ASP A CA  1 
ATOM   382  C  C   . ASP A 1 47  ? -14.881 -14.156 7.209   1.00 13.45 ? 47   ASP A C   1 
ATOM   383  O  O   . ASP A 1 47  ? -14.256 -14.804 8.067   1.00 13.45 ? 47   ASP A O   1 
ATOM   384  C  CB  . ASP A 1 47  ? -17.320 -13.642 7.431   1.00 13.67 ? 47   ASP A CB  1 
ATOM   385  C  CG  . ASP A 1 47  ? -18.376 -12.773 8.088   1.00 14.24 ? 47   ASP A CG  1 
ATOM   386  O  OD1 . ASP A 1 47  ? -18.031 -11.838 8.843   1.00 13.44 ? 47   ASP A OD1 1 
ATOM   387  O  OD2 . ASP A 1 47  ? -19.567 -13.043 7.852   1.00 15.65 ? 47   ASP A OD2 1 
ATOM   388  N  N   . LYS A 1 48  ? -14.709 -14.311 5.896   1.00 13.54 ? 48   LYS A N   1 
ATOM   389  C  CA  . LYS A 1 48  ? -13.740 -15.244 5.309   1.00 13.52 ? 48   LYS A CA  1 
ATOM   390  C  C   . LYS A 1 48  ? -12.305 -14.891 5.720   1.00 13.42 ? 48   LYS A C   1 
ATOM   391  O  O   . LYS A 1 48  ? -11.516 -15.784 6.044   1.00 12.79 ? 48   LYS A O   1 
ATOM   392  C  CB  . LYS A 1 48  ? -13.898 -15.274 3.777   1.00 13.39 ? 48   LYS A CB  1 
ATOM   393  C  CG  . LYS A 1 48  ? -12.752 -15.924 2.988   1.00 13.67 ? 48   LYS A CG  1 
ATOM   394  C  CD  . LYS A 1 48  ? -13.143 -16.246 1.532   1.00 13.89 ? 48   LYS A CD  1 
ATOM   395  C  CE  . LYS A 1 48  ? -13.358 -15.003 0.675   1.00 14.04 ? 48   LYS A CE  1 
ATOM   396  N  NZ  . LYS A 1 48  ? -12.126 -14.477 0.042   1.00 13.80 ? 48   LYS A NZ  1 
ATOM   397  N  N   . ALA A 1 49  ? -11.989 -13.594 5.722   1.00 13.51 ? 49   ALA A N   1 
ATOM   398  C  CA  . ALA A 1 49  ? -10.659 -13.105 6.126   1.00 13.95 ? 49   ALA A CA  1 
ATOM   399  C  C   . ALA A 1 49  ? -10.346 -13.342 7.610   1.00 14.40 ? 49   ALA A C   1 
ATOM   400  O  O   . ALA A 1 49  ? -9.226  -13.744 7.958   1.00 14.33 ? 49   ALA A O   1 
ATOM   401  C  CB  . ALA A 1 49  ? -10.493 -11.627 5.765   1.00 13.90 ? 49   ALA A CB  1 
ATOM   402  N  N   . ILE A 1 50  ? -11.343 -13.107 8.467   1.00 15.05 ? 50   ILE A N   1 
ATOM   403  C  CA  . ILE A 1 50  ? -11.198 -13.187 9.925   1.00 16.12 ? 50   ILE A CA  1 
ATOM   404  C  C   . ILE A 1 50  ? -11.403 -14.607 10.479  1.00 16.36 ? 50   ILE A C   1 
ATOM   405  O  O   . ILE A 1 50  ? -10.833 -14.976 11.516  1.00 16.07 ? 50   ILE A O   1 
ATOM   406  C  CB  . ILE A 1 50  ? -12.191 -12.204 10.628  1.00 16.21 ? 50   ILE A CB  1 
ATOM   407  C  CG1 . ILE A 1 50  ? -11.974 -10.771 10.128  1.00 17.28 ? 50   ILE A CG1 1 
ATOM   408  C  CG2 . ILE A 1 50  ? -12.099 -12.297 12.160  1.00 17.28 ? 50   ILE A CG2 1 
ATOM   409  C  CD1 . ILE A 1 50  ? -10.590 -10.192 10.408  1.00 19.79 ? 50   ILE A CD1 1 
ATOM   410  N  N   . GLY A 1 51  ? -12.228 -15.387 9.793   1.00 16.38 ? 51   GLY A N   1 
ATOM   411  C  CA  . GLY A 1 51  ? -12.543 -16.745 10.225  1.00 17.49 ? 51   GLY A CA  1 
ATOM   412  C  C   . GLY A 1 51  ? -13.669 -16.828 11.243  1.00 17.93 ? 51   GLY A C   1 
ATOM   413  O  O   . GLY A 1 51  ? -13.747 -17.790 12.007  1.00 18.27 ? 51   GLY A O   1 
ATOM   414  N  N   . ARG A 1 52  ? -14.539 -15.820 11.253  1.00 18.26 ? 52   ARG A N   1 
ATOM   415  C  CA  . ARG A 1 52  ? -15.724 -15.809 12.122  1.00 18.86 ? 52   ARG A CA  1 
ATOM   416  C  C   . ARG A 1 52  ? -16.809 -14.901 11.543  1.00 19.33 ? 52   ARG A C   1 
ATOM   417  O  O   . ARG A 1 52  ? -16.533 -14.056 10.684  1.00 18.76 ? 52   ARG A O   1 
ATOM   418  C  CB  . ARG A 1 52  ? -15.376 -15.408 13.568  1.00 18.97 ? 52   ARG A CB  1 
ATOM   419  C  CG  . ARG A 1 52  ? -14.928 -13.964 13.734  1.00 19.12 ? 52   ARG A CG  1 
ATOM   420  C  CD  . ARG A 1 52  ? -14.691 -13.545 15.196  1.00 19.04 ? 52   ARG A CD  1 
ATOM   421  N  NE  . ARG A 1 52  ? -14.347 -12.124 15.242  1.00 18.31 ? 52   ARG A NE  1 
ATOM   422  C  CZ  . ARG A 1 52  ? -15.228 -11.126 15.304  1.00 18.61 ? 52   ARG A CZ  1 
ATOM   423  N  NH1 . ARG A 1 52  ? -16.537 -11.375 15.366  1.00 18.64 ? 52   ARG A NH1 1 
ATOM   424  N  NH2 . ARG A 1 52  ? -14.801 -9.869  15.311  1.00 18.65 ? 52   ARG A NH2 1 
ATOM   425  N  N   . ASN A 1 53  ? -18.038 -15.093 12.013  1.00 19.81 ? 53   ASN A N   1 
ATOM   426  C  CA  . ASN A 1 53  ? -19.181 -14.292 11.584  1.00 20.59 ? 53   ASN A CA  1 
ATOM   427  C  C   . ASN A 1 53  ? -19.135 -12.938 12.300  1.00 20.40 ? 53   ASN A C   1 
ATOM   428  O  O   . ASN A 1 53  ? -19.498 -12.838 13.474  1.00 20.57 ? 53   ASN A O   1 
ATOM   429  C  CB  . ASN A 1 53  ? -20.486 -15.048 11.894  1.00 20.84 ? 53   ASN A CB  1 
ATOM   430  C  CG  . ASN A 1 53  ? -21.680 -14.542 11.092  1.00 22.73 ? 53   ASN A CG  1 
ATOM   431  O  OD1 . ASN A 1 53  ? -21.642 -13.472 10.480  1.00 25.76 ? 53   ASN A OD1 1 
ATOM   432  N  ND2 . ASN A 1 53  ? -22.758 -15.318 11.101  1.00 24.02 ? 53   ASN A ND2 1 
ATOM   433  N  N   . THR A 1 54  ? -18.673 -11.907 11.593  1.00 20.32 ? 54   THR A N   1 
ATOM   434  C  CA  . THR A 1 54  ? -18.387 -10.598 12.208  1.00 20.45 ? 54   THR A CA  1 
ATOM   435  C  C   . THR A 1 54  ? -19.522 -9.566  12.120  1.00 20.65 ? 54   THR A C   1 
ATOM   436  O  O   . THR A 1 54  ? -19.638 -8.700  12.982  1.00 20.44 ? 54   THR A O   1 
ATOM   437  C  CB  . THR A 1 54  ? -17.145 -9.922  11.562  1.00 20.38 ? 54   THR A CB  1 
ATOM   438  O  OG1 . THR A 1 54  ? -17.447 -9.579  10.204  1.00 21.24 ? 54   THR A OG1 1 
ATOM   439  C  CG2 . THR A 1 54  ? -15.921 -10.830 11.601  1.00 19.75 ? 54   THR A CG2 1 
ATOM   440  N  N   . ASN A 1 55  ? -20.323 -9.639  11.057  1.00 20.85 ? 55   ASN A N   1 
ATOM   441  C  CA  . ASN A 1 55  ? -21.232 -8.541  10.681  1.00 21.00 ? 55   ASN A CA  1 
ATOM   442  C  C   . ASN A 1 55  ? -20.576 -7.148  10.744  1.00 20.63 ? 55   ASN A C   1 
ATOM   443  O  O   . ASN A 1 55  ? -21.056 -6.236  11.439  1.00 21.14 ? 55   ASN A O   1 
ATOM   444  C  CB  . ASN A 1 55  ? -22.534 -8.579  11.489  1.00 21.68 ? 55   ASN A CB  1 
ATOM   445  C  CG  . ASN A 1 55  ? -23.670 -7.819  10.815  1.00 22.38 ? 55   ASN A CG  1 
ATOM   446  O  OD1 . ASN A 1 55  ? -23.804 -7.824  9.590   1.00 23.93 ? 55   ASN A OD1 1 
ATOM   447  N  ND2 . ASN A 1 55  ? -24.504 -7.172  11.620  1.00 24.77 ? 55   ASN A ND2 1 
ATOM   448  N  N   . GLY A 1 56  ? -19.453 -7.016  10.041  1.00 19.53 ? 56   GLY A N   1 
ATOM   449  C  CA  . GLY A 1 56  ? -18.879 -5.710  9.734   1.00 18.26 ? 56   GLY A CA  1 
ATOM   450  C  C   . GLY A 1 56  ? -17.993 -5.017  10.755  1.00 17.36 ? 56   GLY A C   1 
ATOM   451  O  O   . GLY A 1 56  ? -17.539 -3.907  10.498  1.00 16.64 ? 56   GLY A O   1 
ATOM   452  N  N   . VAL A 1 57  ? -17.749 -5.647  11.907  1.00 16.48 ? 57   VAL A N   1 
ATOM   453  C  CA  . VAL A 1 57  ? -16.931 -5.032  12.958  1.00 15.99 ? 57   VAL A CA  1 
ATOM   454  C  C   . VAL A 1 57  ? -15.848 -6.007  13.420  1.00 15.57 ? 57   VAL A C   1 
ATOM   455  O  O   . VAL A 1 57  ? -16.127 -7.191  13.649  1.00 15.16 ? 57   VAL A O   1 
ATOM   456  C  CB  . VAL A 1 57  ? -17.770 -4.596  14.198  1.00 16.37 ? 57   VAL A CB  1 
ATOM   457  C  CG1 . VAL A 1 57  ? -16.909 -3.773  15.167  1.00 16.45 ? 57   VAL A CG1 1 
ATOM   458  C  CG2 . VAL A 1 57  ? -19.026 -3.813  13.785  1.00 16.64 ? 57   VAL A CG2 1 
ATOM   459  N  N   . ILE A 1 58  ? -14.620 -5.505  13.553  1.00 14.80 ? 58   ILE A N   1 
ATOM   460  C  CA  . ILE A 1 58  ? -13.503 -6.316  14.053  1.00 14.11 ? 58   ILE A CA  1 
ATOM   461  C  C   . ILE A 1 58  ? -12.790 -5.611  15.215  1.00 14.28 ? 58   ILE A C   1 
ATOM   462  O  O   . ILE A 1 58  ? -13.019 -4.422  15.469  1.00 14.29 ? 58   ILE A O   1 
ATOM   463  C  CB  . ILE A 1 58  ? -12.487 -6.689  12.929  1.00 14.29 ? 58   ILE A CB  1 
ATOM   464  C  CG1 . ILE A 1 58  ? -11.852 -5.434  12.314  1.00 13.89 ? 58   ILE A CG1 1 
ATOM   465  C  CG2 . ILE A 1 58  ? -13.147 -7.582  11.854  1.00 14.11 ? 58   ILE A CG2 1 
ATOM   466  C  CD1 . ILE A 1 58  ? -10.735 -5.731  11.300  1.00 13.17 ? 58   ILE A CD1 1 
ATOM   467  N  N   . THR A 1 59  ? -11.935 -6.355  15.918  1.00 14.31 ? 59   THR A N   1 
ATOM   468  C  CA  . THR A 1 59  ? -11.131 -5.807  17.016  1.00 14.33 ? 59   THR A CA  1 
ATOM   469  C  C   . THR A 1 59  ? -9.820  -5.230  16.473  1.00 14.18 ? 59   THR A C   1 
ATOM   470  O  O   . THR A 1 59  ? -9.461  -5.487  15.320  1.00 13.31 ? 59   THR A O   1 
ATOM   471  C  CB  . THR A 1 59  ? -10.779 -6.895  18.057  1.00 14.36 ? 59   THR A CB  1 
ATOM   472  O  OG1 . THR A 1 59  ? -9.858  -7.827  17.478  1.00 14.01 ? 59   THR A OG1 1 
ATOM   473  C  CG2 . THR A 1 59  ? -12.035 -7.635  18.536  1.00 15.45 ? 59   THR A CG2 1 
ATOM   474  N  N   . LYS A 1 60  ? -9.110  -4.460  17.302  1.00 14.46 ? 60   LYS A N   1 
ATOM   475  C  CA  . LYS A 1 60  ? -7.801  -3.924  16.918  1.00 14.93 ? 60   LYS A CA  1 
ATOM   476  C  C   . LYS A 1 60  ? -6.797  -5.040  16.631  1.00 14.31 ? 60   LYS A C   1 
ATOM   477  O  O   . LYS A 1 60  ? -6.025  -4.945  15.677  1.00 13.97 ? 60   LYS A O   1 
ATOM   478  C  CB  . LYS A 1 60  ? -7.246  -2.960  17.980  1.00 14.88 ? 60   LYS A CB  1 
ATOM   479  C  CG  . LYS A 1 60  ? -6.004  -2.200  17.529  1.00 16.36 ? 60   LYS A CG  1 
ATOM   480  C  CD  . LYS A 1 60  ? -5.557  -1.176  18.567  1.00 16.80 ? 60   LYS A CD  1 
ATOM   481  C  CE  . LYS A 1 60  ? -4.352  -0.402  18.077  1.00 20.00 ? 60   LYS A CE  1 
ATOM   482  N  NZ  . LYS A 1 60  ? -3.717  0.384   19.169  1.00 22.39 ? 60   LYS A NZ  1 
ATOM   483  N  N   . ASP A 1 61  ? -6.815  -6.086  17.460  1.00 14.42 ? 61   ASP A N   1 
ATOM   484  C  CA  . ASP A 1 61  ? -5.938  -7.247  17.264  1.00 14.36 ? 61   ASP A CA  1 
ATOM   485  C  C   . ASP A 1 61  ? -6.192  -7.879  15.902  1.00 13.63 ? 61   ASP A C   1 
ATOM   486  O  O   . ASP A 1 61  ? -5.257  -8.155  15.149  1.00 12.98 ? 61   ASP A O   1 
ATOM   487  C  CB  . ASP A 1 61  ? -6.128  -8.282  18.381  1.00 15.03 ? 61   ASP A CB  1 
ATOM   488  C  CG  . ASP A 1 61  ? -5.459  -7.878  19.691  1.00 16.94 ? 61   ASP A CG  1 
ATOM   489  O  OD1 . ASP A 1 61  ? -4.850  -6.786  19.772  1.00 19.30 ? 61   ASP A OD1 1 
ATOM   490  O  OD2 . ASP A 1 61  ? -5.541  -8.673  20.651  1.00 19.90 ? 61   ASP A OD2 1 
ATOM   491  N  N   . GLU A 1 62  ? -7.469  -8.068  15.577  1.00 13.08 ? 62   GLU A N   1 
ATOM   492  C  CA  . GLU A 1 62  ? -7.854  -8.619  14.284  1.00 12.91 ? 62   GLU A CA  1 
ATOM   493  C  C   . GLU A 1 62  ? -7.409  -7.701  13.138  1.00 12.40 ? 62   GLU A C   1 
ATOM   494  O  O   . GLU A 1 62  ? -6.852  -8.175  12.156  1.00 12.51 ? 62   GLU A O   1 
ATOM   495  C  CB  . GLU A 1 62  ? -9.358  -8.899  14.241  1.00 12.66 ? 62   GLU A CB  1 
ATOM   496  C  CG  . GLU A 1 62  ? -9.772  -10.043 15.164  1.00 13.62 ? 62   GLU A CG  1 
ATOM   497  C  CD  . GLU A 1 62  ? -11.277 -10.169 15.352  1.00 13.31 ? 62   GLU A CD  1 
ATOM   498  O  OE1 . GLU A 1 62  ? -12.009 -9.181  15.145  1.00 13.19 ? 62   GLU A OE1 1 
ATOM   499  O  OE2 . GLU A 1 62  ? -11.729 -11.277 15.702  1.00 13.72 ? 62   GLU A OE2 1 
ATOM   500  N  N   . ALA A 1 63  ? -7.623  -6.393  13.286  1.00 11.98 ? 63   ALA A N   1 
ATOM   501  C  CA  . ALA A 1 63  ? -7.160  -5.425  12.282  1.00 11.87 ? 63   ALA A CA  1 
ATOM   502  C  C   . ALA A 1 63  ? -5.651  -5.541  12.037  1.00 11.82 ? 63   ALA A C   1 
ATOM   503  O  O   . ALA A 1 63  ? -5.212  -5.603  10.889  1.00 11.69 ? 63   ALA A O   1 
ATOM   504  C  CB  . ALA A 1 63  ? -7.553  -4.006  12.666  1.00 11.97 ? 63   ALA A CB  1 
ATOM   505  N  N   . GLU A 1 64  ? -4.871  -5.603  13.119  1.00 11.83 ? 64   GLU A N   1 
ATOM   506  C  CA  . GLU A 1 64  ? -3.415  -5.736  13.036  1.00 12.38 ? 64   GLU A CA  1 
ATOM   507  C  C   . GLU A 1 64  ? -2.972  -7.067  12.429  1.00 11.90 ? 64   GLU A C   1 
ATOM   508  O  O   . GLU A 1 64  ? -1.962  -7.125  11.721  1.00 12.10 ? 64   GLU A O   1 
ATOM   509  C  CB  . GLU A 1 64  ? -2.768  -5.496  14.404  1.00 11.94 ? 64   GLU A CB  1 
ATOM   510  C  CG  . GLU A 1 64  ? -2.840  -4.017  14.811  1.00 12.62 ? 64   GLU A CG  1 
ATOM   511  C  CD  . GLU A 1 64  ? -2.407  -3.740  16.236  1.00 14.26 ? 64   GLU A CD  1 
ATOM   512  O  OE1 . GLU A 1 64  ? -2.232  -2.542  16.549  1.00 17.46 ? 64   GLU A OE1 1 
ATOM   513  O  OE2 . GLU A 1 64  ? -2.259  -4.694  17.043  1.00 16.05 ? 64   GLU A OE2 1 
ATOM   514  N  N   . LYS A 1 65  ? -3.731  -8.129  12.692  1.00 11.54 ? 65   LYS A N   1 
ATOM   515  C  CA  . LYS A 1 65  ? -3.440  -9.430  12.093  1.00 11.84 ? 65   LYS A CA  1 
ATOM   516  C  C   . LYS A 1 65  ? -3.526  -9.371  10.560  1.00 11.34 ? 65   LYS A C   1 
ATOM   517  O  O   . LYS A 1 65  ? -2.573  -9.755  9.862   1.00 11.20 ? 65   LYS A O   1 
ATOM   518  C  CB  . LYS A 1 65  ? -4.359  -10.521 12.649  1.00 11.74 ? 65   LYS A CB  1 
ATOM   519  C  CG  . LYS A 1 65  ? -4.037  -11.921 12.116  1.00 12.60 ? 65   LYS A CG  1 
ATOM   520  C  CD  . LYS A 1 65  ? -4.946  -12.956 12.756  1.00 15.19 ? 65   LYS A CD  1 
ATOM   521  C  CE  . LYS A 1 65  ? -4.723  -14.351 12.175  1.00 16.21 ? 65   LYS A CE  1 
ATOM   522  N  NZ  . LYS A 1 65  ? -3.390  -14.917 12.515  1.00 17.61 ? 65   LYS A NZ  1 
ATOM   523  N  N   . LEU A 1 66  ? -4.655  -8.880  10.049  1.00 11.41 ? 66   LEU A N   1 
ATOM   524  C  CA  . LEU A 1 66  ? -4.837  -8.660  8.612   1.00 11.53 ? 66   LEU A CA  1 
ATOM   525  C  C   . LEU A 1 66  ? -3.766  -7.731  8.033   1.00 11.48 ? 66   LEU A C   1 
ATOM   526  O  O   . LEU A 1 66  ? -3.260  -7.966  6.932   1.00 11.08 ? 66   LEU A O   1 
ATOM   527  C  CB  . LEU A 1 66  ? -6.224  -8.076  8.334   1.00 11.71 ? 66   LEU A CB  1 
ATOM   528  C  CG  . LEU A 1 66  ? -7.445  -8.932  8.669   1.00 11.65 ? 66   LEU A CG  1 
ATOM   529  C  CD1 . LEU A 1 66  ? -8.697  -8.187  8.258   1.00 12.73 ? 66   LEU A CD1 1 
ATOM   530  C  CD2 . LEU A 1 66  ? -7.360  -10.305 7.987   1.00 12.83 ? 66   LEU A CD2 1 
ATOM   531  N  N   . PHE A 1 67  ? -3.422  -6.686  8.784   1.00 11.36 ? 67   PHE A N   1 
ATOM   532  C  CA  . PHE A 1 67  ? -2.395  -5.721  8.368   1.00 11.58 ? 67   PHE A CA  1 
ATOM   533  C  C   . PHE A 1 67  ? -1.042  -6.405  8.141   1.00 11.70 ? 67   PHE A C   1 
ATOM   534  O  O   . PHE A 1 67  ? -0.417  -6.236  7.080   1.00 11.22 ? 67   PHE A O   1 
ATOM   535  C  CB  . PHE A 1 67  ? -2.295  -4.596  9.406   1.00 11.47 ? 67   PHE A CB  1 
ATOM   536  C  CG  . PHE A 1 67  ? -1.320  -3.490  9.044   1.00 11.56 ? 67   PHE A CG  1 
ATOM   537  C  CD1 . PHE A 1 67  ? -1.263  -2.967  7.742   1.00 11.80 ? 67   PHE A CD1 1 
ATOM   538  C  CD2 . PHE A 1 67  ? -0.497  -2.944  10.027  1.00 11.66 ? 67   PHE A CD2 1 
ATOM   539  C  CE1 . PHE A 1 67  ? -0.363  -1.930  7.432   1.00 11.90 ? 67   PHE A CE1 1 
ATOM   540  C  CE2 . PHE A 1 67  ? 0.391   -1.913  9.732   1.00 12.18 ? 67   PHE A CE2 1 
ATOM   541  C  CZ  . PHE A 1 67  ? 0.456   -1.412  8.433   1.00 10.90 ? 67   PHE A CZ  1 
ATOM   542  N  N   . ASN A 1 68  ? -0.609  -7.190  9.133   1.00 12.06 ? 68   ASN A N   1 
ATOM   543  C  CA  A ASN A 1 68  ? 0.634   -7.953  9.019   0.80 12.72 ? 68   ASN A CA  1 
ATOM   544  C  CA  B ASN A 1 68  ? 0.623   -7.973  9.025   0.20 12.30 ? 68   ASN A CA  1 
ATOM   545  C  C   . ASN A 1 68  ? 0.612   -8.855  7.784   1.00 12.39 ? 68   ASN A C   1 
ATOM   546  O  O   . ASN A 1 68  ? 1.585   -8.902  7.026   1.00 12.46 ? 68   ASN A O   1 
ATOM   547  C  CB  A ASN A 1 68  ? 0.886   -8.761  10.300  0.80 12.77 ? 68   ASN A CB  1 
ATOM   548  C  CB  B ASN A 1 68  ? 0.829   -8.840  10.273  0.20 12.28 ? 68   ASN A CB  1 
ATOM   549  C  CG  A ASN A 1 68  ? 2.343   -9.208  10.453  0.80 14.35 ? 68   ASN A CG  1 
ATOM   550  C  CG  B ASN A 1 68  ? 1.341   -8.051  11.464  0.20 12.46 ? 68   ASN A CG  1 
ATOM   551  O  OD1 A ASN A 1 68  ? 2.822   -9.390  11.574  0.80 16.36 ? 68   ASN A OD1 1 
ATOM   552  O  OD1 B ASN A 1 68  ? 0.972   -8.319  12.605  0.20 12.63 ? 68   ASN A OD1 1 
ATOM   553  N  ND2 A ASN A 1 68  ? 3.049   -9.388  9.335   0.80 14.54 ? 68   ASN A ND2 1 
ATOM   554  N  ND2 B ASN A 1 68  ? 2.195   -7.077  11.207  0.20 12.72 ? 68   ASN A ND2 1 
ATOM   555  N  N   . GLN A 1 69  ? -0.503  -9.554  7.575   1.00 12.55 ? 69   GLN A N   1 
ATOM   556  C  CA  . GLN A 1 69  ? -0.660  -10.428 6.414   1.00 12.57 ? 69   GLN A CA  1 
ATOM   557  C  C   . GLN A 1 69  ? -0.566  -9.644  5.112   1.00 12.67 ? 69   GLN A C   1 
ATOM   558  O  O   . GLN A 1 69  ? 0.093   -10.087 4.165   1.00 12.34 ? 69   GLN A O   1 
ATOM   559  C  CB  . GLN A 1 69  ? -1.990  -11.180 6.486   1.00 12.26 ? 69   GLN A CB  1 
ATOM   560  C  CG  . GLN A 1 69  ? -2.020  -12.248 7.578   1.00 12.55 ? 69   GLN A CG  1 
ATOM   561  C  CD  . GLN A 1 69  ? -3.361  -12.950 7.701   1.00 13.07 ? 69   GLN A CD  1 
ATOM   562  O  OE1 . GLN A 1 69  ? -3.467  -13.957 8.393   1.00 15.42 ? 69   GLN A OE1 1 
ATOM   563  N  NE2 . GLN A 1 69  ? -4.389  -12.425 7.033   1.00 12.99 ? 69   GLN A NE2 1 
ATOM   564  N  N   . ASP A 1 70  ? -1.216  -8.480  5.082   1.00 12.86 ? 70   ASP A N   1 
ATOM   565  C  CA  . ASP A 1 70  ? -1.242  -7.639  3.888   1.00 12.93 ? 70   ASP A CA  1 
ATOM   566  C  C   . ASP A 1 70  ? 0.128   -7.078  3.531   1.00 12.86 ? 70   ASP A C   1 
ATOM   567  O  O   . ASP A 1 70  ? 0.489   -7.046  2.351   1.00 12.37 ? 70   ASP A O   1 
ATOM   568  C  CB  . ASP A 1 70  ? -2.266  -6.513  4.031   1.00 12.83 ? 70   ASP A CB  1 
ATOM   569  C  CG  . ASP A 1 70  ? -3.700  -7.022  4.050   1.00 12.88 ? 70   ASP A CG  1 
ATOM   570  O  OD1 . ASP A 1 70  ? -3.943  -8.191  3.664   1.00 10.15 ? 70   ASP A OD1 1 
ATOM   571  O  OD2 . ASP A 1 70  ? -4.585  -6.248  4.455   1.00 12.50 ? 70   ASP A OD2 1 
ATOM   572  N  N   . VAL A 1 71  ? 0.880   -6.645  4.543   1.00 12.78 ? 71   VAL A N   1 
ATOM   573  C  CA  . VAL A 1 71  ? 2.256   -6.168  4.345   1.00 13.51 ? 71   VAL A CA  1 
ATOM   574  C  C   . VAL A 1 71  ? 3.130   -7.305  3.779   1.00 14.07 ? 71   VAL A C   1 
ATOM   575  O  O   . VAL A 1 71  ? 3.867   -7.113  2.804   1.00 13.83 ? 71   VAL A O   1 
ATOM   576  C  CB  . VAL A 1 71  ? 2.859   -5.597  5.658   1.00 13.62 ? 71   VAL A CB  1 
ATOM   577  C  CG1 . VAL A 1 71  ? 4.373   -5.373  5.517   1.00 13.66 ? 71   VAL A CG1 1 
ATOM   578  C  CG2 . VAL A 1 71  ? 2.152   -4.292  6.058   1.00 12.75 ? 71   VAL A CG2 1 
ATOM   579  N  N   . ASP A 1 72  ? 3.021   -8.475  4.408   1.00 14.51 ? 72   ASP A N   1 
ATOM   580  C  CA  A ASP A 1 72  ? 3.712   -9.682  3.963   0.70 15.06 ? 72   ASP A CA  1 
ATOM   581  C  CA  B ASP A 1 72  ? 3.697   -9.695  3.951   0.30 14.95 ? 72   ASP A CA  1 
ATOM   582  C  C   . ASP A 1 72  ? 3.377   -10.022 2.501   1.00 15.25 ? 72   ASP A C   1 
ATOM   583  O  O   . ASP A 1 72  ? 4.279   -10.250 1.689   1.00 15.32 ? 72   ASP A O   1 
ATOM   584  C  CB  A ASP A 1 72  ? 3.332   -10.843 4.886   0.70 15.37 ? 72   ASP A CB  1 
ATOM   585  C  CB  B ASP A 1 72  ? 3.292   -10.886 4.817   0.30 15.10 ? 72   ASP A CB  1 
ATOM   586  C  CG  A ASP A 1 72  ? 4.373   -11.931 4.925   0.70 15.85 ? 72   ASP A CG  1 
ATOM   587  C  CG  B ASP A 1 72  ? 4.265   -11.152 5.930   0.30 15.21 ? 72   ASP A CG  1 
ATOM   588  O  OD1 A ASP A 1 72  ? 5.449   -11.779 4.298   0.70 17.87 ? 72   ASP A OD1 1 
ATOM   589  O  OD1 B ASP A 1 72  ? 4.574   -10.216 6.693   0.30 16.06 ? 72   ASP A OD1 1 
ATOM   590  O  OD2 A ASP A 1 72  ? 4.111   -12.947 5.596   0.70 16.31 ? 72   ASP A OD2 1 
ATOM   591  O  OD2 B ASP A 1 72  ? 4.716   -12.308 6.043   0.30 16.27 ? 72   ASP A OD2 1 
ATOM   592  N  N   . ALA A 1 73  ? 2.084   -10.047 2.184   1.00 15.22 ? 73   ALA A N   1 
ATOM   593  C  CA  . ALA A 1 73  ? 1.609   -10.312 0.826   1.00 15.67 ? 73   ALA A CA  1 
ATOM   594  C  C   . ALA A 1 73  ? 2.179   -9.317  -0.195  1.00 15.38 ? 73   ALA A C   1 
ATOM   595  O  O   . ALA A 1 73  ? 2.502   -9.705  -1.324  1.00 15.55 ? 73   ALA A O   1 
ATOM   596  C  CB  . ALA A 1 73  ? 0.093   -10.313 0.791   1.00 15.71 ? 73   ALA A CB  1 
ATOM   597  N  N   . ALA A 1 74  ? 2.320   -8.053  0.208   1.00 15.01 ? 74   ALA A N   1 
ATOM   598  C  CA  . ALA A 1 74  ? 2.848   -7.012  -0.686  1.00 14.99 ? 74   ALA A CA  1 
ATOM   599  C  C   . ALA A 1 74  ? 4.322   -7.268  -1.022  1.00 14.92 ? 74   ALA A C   1 
ATOM   600  O  O   . ALA A 1 74  ? 4.727   -7.196  -2.189  1.00 14.08 ? 74   ALA A O   1 
ATOM   601  C  CB  . ALA A 1 74  ? 2.663   -5.625  -0.074  1.00 14.32 ? 74   ALA A CB  1 
ATOM   602  N  N   . VAL A 1 75  ? 5.103   -7.569  0.013   1.00 15.21 ? 75   VAL A N   1 
ATOM   603  C  CA  . VAL A 1 75  ? 6.524   -7.879  -0.128  1.00 15.89 ? 75   VAL A CA  1 
ATOM   604  C  C   . VAL A 1 75  ? 6.714   -9.108  -1.016  1.00 16.55 ? 75   VAL A C   1 
ATOM   605  O  O   . VAL A 1 75  ? 7.419   -9.051  -2.033  1.00 16.37 ? 75   VAL A O   1 
ATOM   606  C  CB  . VAL A 1 75  ? 7.191   -8.098  1.259   1.00 15.72 ? 75   VAL A CB  1 
ATOM   607  C  CG1 . VAL A 1 75  ? 8.637   -8.563  1.102   1.00 16.16 ? 75   VAL A CG1 1 
ATOM   608  C  CG2 . VAL A 1 75  ? 7.134   -6.826  2.071   1.00 16.40 ? 75   VAL A CG2 1 
ATOM   609  N  N   . ARG A 1 76  ? 6.059   -10.204 -0.640  1.00 17.10 ? 76   ARG A N   1 
ATOM   610  C  CA  A ARG A 1 76  ? 6.145   -11.462 -1.378  0.40 17.60 ? 76   ARG A CA  1 
ATOM   611  C  CA  B ARG A 1 76  ? 6.178   -11.452 -1.387  0.60 17.93 ? 76   ARG A CA  1 
ATOM   612  C  C   . ARG A 1 76  ? 5.728   -11.270 -2.836  1.00 17.82 ? 76   ARG A C   1 
ATOM   613  O  O   . ARG A 1 76  ? 6.329   -11.843 -3.745  1.00 18.40 ? 76   ARG A O   1 
ATOM   614  C  CB  A ARG A 1 76  ? 5.299   -12.545 -0.694  0.40 17.75 ? 76   ARG A CB  1 
ATOM   615  C  CB  B ARG A 1 76  ? 5.412   -12.588 -0.698  0.60 18.30 ? 76   ARG A CB  1 
ATOM   616  C  CG  A ARG A 1 76  ? 5.837   -12.968 0.677   0.40 17.72 ? 76   ARG A CG  1 
ATOM   617  C  CG  B ARG A 1 76  ? 5.679   -12.727 0.807   0.60 19.33 ? 76   ARG A CG  1 
ATOM   618  C  CD  A ARG A 1 76  ? 4.883   -13.905 1.424   0.40 17.43 ? 76   ARG A CD  1 
ATOM   619  C  CD  B ARG A 1 76  ? 7.129   -13.060 1.164   0.60 20.77 ? 76   ARG A CD  1 
ATOM   620  N  NE  A ARG A 1 76  ? 4.927   -15.275 0.913   0.40 17.17 ? 76   ARG A NE  1 
ATOM   621  N  NE  B ARG A 1 76  ? 7.303   -13.062 2.614   0.60 23.07 ? 76   ARG A NE  1 
ATOM   622  C  CZ  A ARG A 1 76  ? 5.769   -16.217 1.330   0.40 16.97 ? 76   ARG A CZ  1 
ATOM   623  C  CZ  B ARG A 1 76  ? 8.186   -12.326 3.286   0.60 23.00 ? 76   ARG A CZ  1 
ATOM   624  N  NH1 A ARG A 1 76  ? 5.719   -17.433 0.795   0.40 17.16 ? 76   ARG A NH1 1 
ATOM   625  N  NH1 B ARG A 1 76  ? 9.027   -11.520 2.652   0.60 23.12 ? 76   ARG A NH1 1 
ATOM   626  N  NH2 A ARG A 1 76  ? 6.662   -15.956 2.280   0.40 16.19 ? 76   ARG A NH2 1 
ATOM   627  N  NH2 B ARG A 1 76  ? 8.228   -12.407 4.605   0.60 22.92 ? 76   ARG A NH2 1 
ATOM   628  N  N   . GLY A 1 77  ? 4.699   -10.446 -3.050  1.00 17.61 ? 77   GLY A N   1 
ATOM   629  C  CA  . GLY A 1 77  ? 4.261   -10.065 -4.399  1.00 17.63 ? 77   GLY A CA  1 
ATOM   630  C  C   . GLY A 1 77  ? 5.326   -9.356  -5.236  1.00 17.50 ? 77   GLY A C   1 
ATOM   631  O  O   . GLY A 1 77  ? 5.515   -9.673  -6.425  1.00 17.61 ? 77   GLY A O   1 
ATOM   632  N  N   . ILE A 1 78  ? 6.025   -8.402  -4.619  1.00 17.02 ? 78   ILE A N   1 
ATOM   633  C  CA  . ILE A 1 78  ? 7.127   -7.691  -5.272  1.00 16.95 ? 78   ILE A CA  1 
ATOM   634  C  C   . ILE A 1 78  ? 8.228   -8.672  -5.679  1.00 17.21 ? 78   ILE A C   1 
ATOM   635  O  O   . ILE A 1 78  ? 8.742   -8.615  -6.805  1.00 17.03 ? 78   ILE A O   1 
ATOM   636  C  CB  . ILE A 1 78  ? 7.733   -6.587  -4.355  1.00 16.82 ? 78   ILE A CB  1 
ATOM   637  C  CG1 . ILE A 1 78  ? 6.738   -5.432  -4.162  1.00 16.91 ? 78   ILE A CG1 1 
ATOM   638  C  CG2 . ILE A 1 78  ? 9.055   -6.054  -4.934  1.00 16.11 ? 78   ILE A CG2 1 
ATOM   639  C  CD1 . ILE A 1 78  ? 7.064   -4.515  -2.984  1.00 16.77 ? 78   ILE A CD1 1 
ATOM   640  N  N   . LEU A 1 79  ? 8.572   -9.576  -4.763  1.00 17.08 ? 79   LEU A N   1 
ATOM   641  C  CA  . LEU A 1 79  ? 9.672   -10.518 -4.987  1.00 17.92 ? 79   LEU A CA  1 
ATOM   642  C  C   . LEU A 1 79  ? 9.375   -11.558 -6.080  1.00 18.57 ? 79   LEU A C   1 
ATOM   643  O  O   . LEU A 1 79  ? 10.303  -12.109 -6.685  1.00 18.65 ? 79   LEU A O   1 
ATOM   644  C  CB  . LEU A 1 79  ? 10.085  -11.186 -3.668  1.00 17.89 ? 79   LEU A CB  1 
ATOM   645  C  CG  . LEU A 1 79  ? 10.576  -10.270 -2.532  1.00 17.63 ? 79   LEU A CG  1 
ATOM   646  C  CD1 . LEU A 1 79  ? 10.861  -11.084 -1.263  1.00 17.47 ? 79   LEU A CD1 1 
ATOM   647  C  CD2 . LEU A 1 79  ? 11.802  -9.431  -2.917  1.00 17.86 ? 79   LEU A CD2 1 
ATOM   648  N  N   . ARG A 1 80  ? 8.088   -11.795 -6.339  1.00 19.15 ? 80   ARG A N   1 
ATOM   649  C  CA  A ARG A 1 80  ? 7.651   -12.749 -7.363  0.40 19.64 ? 80   ARG A CA  1 
ATOM   650  C  CA  B ARG A 1 80  ? 7.668   -12.748 -7.369  0.60 19.76 ? 80   ARG A CA  1 
ATOM   651  C  C   . ARG A 1 80  ? 7.374   -12.082 -8.712  1.00 19.94 ? 80   ARG A C   1 
ATOM   652  O  O   . ARG A 1 80  ? 7.137   -12.766 -9.719  1.00 20.12 ? 80   ARG A O   1 
ATOM   653  C  CB  A ARG A 1 80  ? 6.412   -13.513 -6.885  0.40 19.81 ? 80   ARG A CB  1 
ATOM   654  C  CB  B ARG A 1 80  ? 6.455   -13.546 -6.897  0.60 20.04 ? 80   ARG A CB  1 
ATOM   655  C  CG  A ARG A 1 80  ? 6.710   -14.545 -5.808  0.40 20.39 ? 80   ARG A CG  1 
ATOM   656  C  CG  B ARG A 1 80  ? 6.819   -14.738 -6.022  0.60 21.13 ? 80   ARG A CG  1 
ATOM   657  C  CD  A ARG A 1 80  ? 5.443   -15.014 -5.120  0.40 21.60 ? 80   ARG A CD  1 
ATOM   658  C  CD  B ARG A 1 80  ? 5.610   -15.257 -5.264  0.60 23.33 ? 80   ARG A CD  1 
ATOM   659  N  NE  A ARG A 1 80  ? 5.707   -16.112 -4.191  0.40 22.30 ? 80   ARG A NE  1 
ATOM   660  N  NE  B ARG A 1 80  ? 4.433   -15.376 -6.123  0.60 25.00 ? 80   ARG A NE  1 
ATOM   661  C  CZ  A ARG A 1 80  ? 5.992   -15.963 -2.900  0.40 23.50 ? 80   ARG A CZ  1 
ATOM   662  C  CZ  B ARG A 1 80  ? 4.099   -16.464 -6.811  0.60 25.80 ? 80   ARG A CZ  1 
ATOM   663  N  NH1 A ARG A 1 80  ? 6.053   -14.752 -2.355  0.40 23.88 ? 80   ARG A NH1 1 
ATOM   664  N  NH1 B ARG A 1 80  ? 4.847   -17.560 -6.750  0.60 26.72 ? 80   ARG A NH1 1 
ATOM   665  N  NH2 A ARG A 1 80  ? 6.216   -17.033 -2.149  0.40 23.73 ? 80   ARG A NH2 1 
ATOM   666  N  NH2 B ARG A 1 80  ? 3.004   -16.456 -7.558  0.60 26.09 ? 80   ARG A NH2 1 
ATOM   667  N  N   . ASN A 1 81  ? 7.400   -10.755 -8.725  1.00 19.74 ? 81   ASN A N   1 
ATOM   668  C  CA  . ASN A 1 81  ? 7.174   -9.989  -9.939  1.00 19.87 ? 81   ASN A CA  1 
ATOM   669  C  C   . ASN A 1 81  ? 8.511   -9.659  -10.601 1.00 19.78 ? 81   ASN A C   1 
ATOM   670  O  O   . ASN A 1 81  ? 9.361   -9.008  -9.996  1.00 19.14 ? 81   ASN A O   1 
ATOM   671  C  CB  . ASN A 1 81  ? 6.386   -8.718  -9.616  1.00 20.03 ? 81   ASN A CB  1 
ATOM   672  C  CG  . ASN A 1 81  ? 5.935   -7.975  -10.858 1.00 20.83 ? 81   ASN A CG  1 
ATOM   673  O  OD1 . ASN A 1 81  ? 6.749   -7.586  -11.694 1.00 21.61 ? 81   ASN A OD1 1 
ATOM   674  N  ND2 . ASN A 1 81  ? 4.630   -7.748  -10.969 1.00 19.75 ? 81   ASN A ND2 1 
ATOM   675  N  N   . ALA A 1 82  ? 8.691   -10.112 -11.843 1.00 20.05 ? 82   ALA A N   1 
ATOM   676  C  CA  . ALA A 1 82  ? 9.955   -9.927  -12.567 1.00 20.45 ? 82   ALA A CA  1 
ATOM   677  C  C   . ALA A 1 82  ? 10.273  -8.465  -12.879 1.00 20.82 ? 82   ALA A C   1 
ATOM   678  O  O   . ALA A 1 82  ? 11.442  -8.092  -13.000 1.00 20.57 ? 82   ALA A O   1 
ATOM   679  C  CB  . ALA A 1 82  ? 9.965   -10.755 -13.853 1.00 20.88 ? 82   ALA A CB  1 
ATOM   680  N  N   . LYS A 1 83  ? 9.230   -7.649  -13.011 1.00 20.95 ? 83   LYS A N   1 
ATOM   681  C  CA  . LYS A 1 83  ? 9.395   -6.228  -13.284 1.00 21.73 ? 83   LYS A CA  1 
ATOM   682  C  C   . LYS A 1 83  ? 9.727   -5.430  -12.021 1.00 21.04 ? 83   LYS A C   1 
ATOM   683  O  O   . LYS A 1 83  ? 10.319  -4.357  -12.110 1.00 21.90 ? 83   LYS A O   1 
ATOM   684  C  CB  . LYS A 1 83  ? 8.148   -5.655  -13.974 1.00 21.97 ? 83   LYS A CB  1 
ATOM   685  C  CG  . LYS A 1 83  ? 7.969   -6.090  -15.435 1.00 23.43 ? 83   LYS A CG  1 
ATOM   686  C  CD  . LYS A 1 83  ? 6.799   -5.346  -16.078 1.00 23.69 ? 83   LYS A CD  1 
ATOM   687  C  CE  . LYS A 1 83  ? 6.755   -5.506  -17.606 1.00 27.18 ? 83   LYS A CE  1 
ATOM   688  N  NZ  . LYS A 1 83  ? 6.123   -6.789  -18.046 1.00 27.69 ? 83   LYS A NZ  1 
ATOM   689  N  N   . LEU A 1 84  ? 9.361   -5.957  -10.853 1.00 19.70 ? 84   LEU A N   1 
ATOM   690  C  CA  . LEU A 1 84  ? 9.518   -5.220  -9.596  1.00 18.53 ? 84   LEU A CA  1 
ATOM   691  C  C   . LEU A 1 84  ? 10.719  -5.644  -8.758  1.00 17.56 ? 84   LEU A C   1 
ATOM   692  O  O   . LEU A 1 84  ? 11.357  -4.808  -8.113  1.00 16.78 ? 84   LEU A O   1 
ATOM   693  C  CB  . LEU A 1 84  ? 8.245   -5.330  -8.748  1.00 18.76 ? 84   LEU A CB  1 
ATOM   694  C  CG  . LEU A 1 84  ? 6.950   -4.830  -9.395  1.00 19.44 ? 84   LEU A CG  1 
ATOM   695  C  CD1 . LEU A 1 84  ? 5.787   -4.953  -8.417  1.00 19.99 ? 84   LEU A CD1 1 
ATOM   696  C  CD2 . LEU A 1 84  ? 7.100   -3.389  -9.893  1.00 20.69 ? 84   LEU A CD2 1 
ATOM   697  N  N   . LYS A 1 85  ? 11.008  -6.940  -8.757  1.00 16.62 ? 85   LYS A N   1 
ATOM   698  C  CA  . LYS A 1 85  ? 12.057  -7.497  -7.904  1.00 16.43 ? 85   LYS A CA  1 
ATOM   699  C  C   . LYS A 1 85  ? 13.434  -6.821  -8.081  1.00 16.40 ? 85   LYS A C   1 
ATOM   700  O  O   . LYS A 1 85  ? 14.054  -6.450  -7.080  1.00 15.81 ? 85   LYS A O   1 
ATOM   701  C  CB  . LYS A 1 85  ? 12.160  -9.016  -8.081  1.00 16.50 ? 85   LYS A CB  1 
ATOM   702  C  CG  . LYS A 1 85  ? 13.150  -9.683  -7.137  1.00 17.02 ? 85   LYS A CG  1 
ATOM   703  C  CD  . LYS A 1 85  ? 13.339  -11.154 -7.490  1.00 19.94 ? 85   LYS A CD  1 
ATOM   704  C  CE  . LYS A 1 85  ? 14.157  -11.884 -6.429  1.00 21.25 ? 85   LYS A CE  1 
ATOM   705  N  NZ  . LYS A 1 85  ? 15.583  -11.474 -6.413  1.00 22.48 ? 85   LYS A NZ  1 
ATOM   706  N  N   . PRO A 1 86  ? 13.912  -6.660  -9.339  1.00 16.39 ? 86   PRO A N   1 
ATOM   707  C  CA  . PRO A 1 86  ? 15.218  -6.014  -9.528  1.00 16.21 ? 86   PRO A CA  1 
ATOM   708  C  C   . PRO A 1 86  ? 15.285  -4.606  -8.923  1.00 15.63 ? 86   PRO A C   1 
ATOM   709  O  O   . PRO A 1 86  ? 16.275  -4.267  -8.265  1.00 14.98 ? 86   PRO A O   1 
ATOM   710  C  CB  . PRO A 1 86  ? 15.365  -5.936  -11.053 1.00 16.65 ? 86   PRO A CB  1 
ATOM   711  C  CG  . PRO A 1 86  ? 14.456  -6.982  -11.587 1.00 16.72 ? 86   PRO A CG  1 
ATOM   712  C  CD  . PRO A 1 86  ? 13.309  -7.054  -10.631 1.00 16.64 ? 86   PRO A CD  1 
ATOM   713  N  N   . VAL A 1 87  ? 14.241  -3.803  -9.135  1.00 15.09 ? 87   VAL A N   1 
ATOM   714  C  CA  . VAL A 1 87  ? 14.238  -2.428  -8.628  1.00 14.86 ? 87   VAL A CA  1 
ATOM   715  C  C   . VAL A 1 87  ? 14.221  -2.443  -7.099  1.00 14.86 ? 87   VAL A C   1 
ATOM   716  O  O   . VAL A 1 87  ? 15.000  -1.736  -6.449  1.00 13.98 ? 87   VAL A O   1 
ATOM   717  C  CB  . VAL A 1 87  ? 13.062  -1.609  -9.198  1.00 15.41 ? 87   VAL A CB  1 
ATOM   718  C  CG1 . VAL A 1 87  ? 13.171  -0.146  -8.775  1.00 15.22 ? 87   VAL A CG1 1 
ATOM   719  C  CG2 . VAL A 1 87  ? 13.042  -1.723  -10.719 1.00 15.71 ? 87   VAL A CG2 1 
ATOM   720  N  N   . TYR A 1 88  ? 13.356  -3.287  -6.536  1.00 14.39 ? 88   TYR A N   1 
ATOM   721  C  CA  . TYR A 1 88  ? 13.269  -3.458  -5.087  1.00 14.39 ? 88   TYR A CA  1 
ATOM   722  C  C   . TYR A 1 88  ? 14.616  -3.881  -4.486  1.00 14.35 ? 88   TYR A C   1 
ATOM   723  O  O   . TYR A 1 88  ? 15.090  -3.269  -3.527  1.00 14.33 ? 88   TYR A O   1 
ATOM   724  C  CB  . TYR A 1 88  ? 12.191  -4.487  -4.745  1.00 14.66 ? 88   TYR A CB  1 
ATOM   725  C  CG  . TYR A 1 88  ? 11.949  -4.636  -3.265  1.00 14.62 ? 88   TYR A CG  1 
ATOM   726  C  CD1 . TYR A 1 88  ? 11.079  -3.776  -2.588  1.00 15.48 ? 88   TYR A CD1 1 
ATOM   727  C  CD2 . TYR A 1 88  ? 12.585  -5.642  -2.540  1.00 14.87 ? 88   TYR A CD2 1 
ATOM   728  C  CE1 . TYR A 1 88  ? 10.855  -3.912  -1.222  1.00 15.62 ? 88   TYR A CE1 1 
ATOM   729  C  CE2 . TYR A 1 88  ? 12.370  -5.786  -1.178  1.00 16.05 ? 88   TYR A CE2 1 
ATOM   730  C  CZ  . TYR A 1 88  ? 11.507  -4.918  -0.528  1.00 15.09 ? 88   TYR A CZ  1 
ATOM   731  O  OH  . TYR A 1 88  ? 11.296  -5.067  0.815   1.00 16.28 ? 88   TYR A OH  1 
ATOM   732  N  N   . ASP A 1 89  ? 15.239  -4.901  -5.079  1.00 14.54 ? 89   ASP A N   1 
ATOM   733  C  CA  . ASP A 1 89  ? 16.554  -5.395  -4.641  1.00 14.62 ? 89   ASP A CA  1 
ATOM   734  C  C   . ASP A 1 89  ? 17.631  -4.313  -4.678  1.00 14.09 ? 89   ASP A C   1 
ATOM   735  O  O   . ASP A 1 89  ? 18.549  -4.317  -3.855  1.00 14.21 ? 89   ASP A O   1 
ATOM   736  C  CB  . ASP A 1 89  ? 17.004  -6.579  -5.508  1.00 14.84 ? 89   ASP A CB  1 
ATOM   737  C  CG  . ASP A 1 89  ? 16.338  -7.897  -5.118  1.00 15.91 ? 89   ASP A CG  1 
ATOM   738  O  OD1 . ASP A 1 89  ? 15.657  -7.977  -4.076  1.00 18.50 ? 89   ASP A OD1 1 
ATOM   739  O  OD2 . ASP A 1 89  ? 16.518  -8.873  -5.867  1.00 19.17 ? 89   ASP A OD2 1 
ATOM   740  N  N   . SER A 1 90  ? 17.509  -3.386  -5.627  1.00 13.75 ? 90   SER A N   1 
ATOM   741  C  CA  . SER A 1 90  ? 18.509  -2.334  -5.835  1.00 13.09 ? 90   SER A CA  1 
ATOM   742  C  C   . SER A 1 90  ? 18.436  -1.234  -4.772  1.00 12.97 ? 90   SER A C   1 
ATOM   743  O  O   . SER A 1 90  ? 19.381  -0.458  -4.611  1.00 12.63 ? 90   SER A O   1 
ATOM   744  C  CB  . SER A 1 90  ? 18.355  -1.722  -7.230  1.00 13.37 ? 90   SER A CB  1 
ATOM   745  O  OG  . SER A 1 90  ? 17.305  -0.768  -7.276  1.00 13.24 ? 90   SER A OG  1 
ATOM   746  N  N   . LEU A 1 91  ? 17.308  -1.166  -4.062  1.00 12.08 ? 91   LEU A N   1 
ATOM   747  C  CA  . LEU A 1 91  ? 17.032  -0.080  -3.119  1.00 12.28 ? 91   LEU A CA  1 
ATOM   748  C  C   . LEU A 1 91  ? 17.555  -0.342  -1.712  1.00 11.87 ? 91   LEU A C   1 
ATOM   749  O  O   . LEU A 1 91  ? 17.710  -1.498  -1.306  1.00 11.92 ? 91   LEU A O   1 
ATOM   750  C  CB  . LEU A 1 91  ? 15.520  0.187   -3.042  1.00 12.05 ? 91   LEU A CB  1 
ATOM   751  C  CG  . LEU A 1 91  ? 14.786  0.706   -4.286  1.00 12.19 ? 91   LEU A CG  1 
ATOM   752  C  CD1 . LEU A 1 91  ? 13.282  0.624   -4.046  1.00 12.89 ? 91   LEU A CD1 1 
ATOM   753  C  CD2 . LEU A 1 91  ? 15.194  2.135   -4.640  1.00 12.32 ? 91   LEU A CD2 1 
ATOM   754  N  N   . ASP A 1 92  ? 17.810  0.747   -0.982  1.00 11.41 ? 92   ASP A N   1 
ATOM   755  C  CA  . ASP A 1 92  ? 18.033  0.733   0.471   1.00 10.98 ? 92   ASP A CA  1 
ATOM   756  C  C   . ASP A 1 92  ? 16.705  0.453   1.186   1.00 11.30 ? 92   ASP A C   1 
ATOM   757  O  O   . ASP A 1 92  ? 15.639  0.586   0.579   1.00 10.78 ? 92   ASP A O   1 
ATOM   758  C  CB  . ASP A 1 92  ? 18.549  2.106   0.931   1.00 11.03 ? 92   ASP A CB  1 
ATOM   759  C  CG  . ASP A 1 92  ? 17.583  3.225   0.578   1.00 10.74 ? 92   ASP A CG  1 
ATOM   760  O  OD1 . ASP A 1 92  ? 17.626  3.691   -0.575  1.00 10.87 ? 92   ASP A OD1 1 
ATOM   761  O  OD2 . ASP A 1 92  ? 16.757  3.608   1.438   1.00 12.27 ? 92   ASP A OD2 1 
ATOM   762  N  N   . ALA A 1 93  ? 16.781  0.111   2.477   1.00 11.41 ? 93   ALA A N   1 
ATOM   763  C  CA  . ALA A 1 93  ? 15.600  -0.265  3.291   1.00 11.71 ? 93   ALA A CA  1 
ATOM   764  C  C   . ALA A 1 93  ? 14.490  0.799   3.398   1.00 11.51 ? 93   ALA A C   1 
ATOM   765  O  O   . ALA A 1 93  ? 13.296  0.462   3.422   1.00 11.35 ? 93   ALA A O   1 
ATOM   766  C  CB  . ALA A 1 93  ? 16.043  -0.713  4.694   1.00 11.65 ? 93   ALA A CB  1 
ATOM   767  N  N   . VAL A 1 94  ? 14.877  2.072   3.478   1.00 11.35 ? 94   VAL A N   1 
ATOM   768  C  CA  . VAL A 1 94  ? 13.900  3.170   3.549   1.00 11.44 ? 94   VAL A CA  1 
ATOM   769  C  C   . VAL A 1 94  ? 13.081  3.247   2.244   1.00 11.19 ? 94   VAL A C   1 
ATOM   770  O  O   . VAL A 1 94  ? 11.848  3.304   2.273   1.00 11.47 ? 94   VAL A O   1 
ATOM   771  C  CB  . VAL A 1 94  ? 14.581  4.545   3.892   1.00 11.46 ? 94   VAL A CB  1 
ATOM   772  C  CG1 . VAL A 1 94  ? 13.545  5.680   3.984   1.00 11.53 ? 94   VAL A CG1 1 
ATOM   773  C  CG2 . VAL A 1 94  ? 15.391  4.460   5.203   1.00 11.64 ? 94   VAL A CG2 1 
ATOM   774  N  N   . ARG A 1 95  ? 13.770  3.226   1.107   1.00 10.90 ? 95   ARG A N   1 
ATOM   775  C  CA  . ARG A 1 95  ? 13.106  3.289   -0.198  1.00 10.19 ? 95   ARG A CA  1 
ATOM   776  C  C   . ARG A 1 95  ? 12.328  2.008   -0.510  1.00 10.23 ? 95   ARG A C   1 
ATOM   777  O  O   . ARG A 1 95  ? 11.290  2.039   -1.191  1.00 9.66  ? 95   ARG A O   1 
ATOM   778  C  CB  . ARG A 1 95  ? 14.123  3.636   -1.291  1.00 10.14 ? 95   ARG A CB  1 
ATOM   779  C  CG  . ARG A 1 95  ? 14.658  5.064   -1.156  1.00 10.00 ? 95   ARG A CG  1 
ATOM   780  C  CD  . ARG A 1 95  ? 15.483  5.436   -2.364  1.00 9.06  ? 95   ARG A CD  1 
ATOM   781  N  NE  . ARG A 1 95  ? 15.933  6.828   -2.376  1.00 8.29  ? 95   ARG A NE  1 
ATOM   782  C  CZ  . ARG A 1 95  ? 17.083  7.266   -1.864  1.00 11.44 ? 95   ARG A CZ  1 
ATOM   783  N  NH1 . ARG A 1 95  ? 17.916  6.431   -1.253  1.00 11.67 ? 95   ARG A NH1 1 
ATOM   784  N  NH2 . ARG A 1 95  ? 17.402  8.557   -1.958  1.00 11.61 ? 95   ARG A NH2 1 
ATOM   785  N  N   . ARG A 1 96  ? 12.803  0.883   0.016   1.00 10.03 ? 96   ARG A N   1 
ATOM   786  C  CA  . ARG A 1 96  ? 12.039  -0.370  -0.077  1.00 10.65 ? 96   ARG A CA  1 
ATOM   787  C  C   . ARG A 1 96  ? 10.659  -0.209  0.580   1.00 10.46 ? 96   ARG A C   1 
ATOM   788  O  O   . ARG A 1 96  ? 9.651   -0.699  0.052   1.00 10.27 ? 96   ARG A O   1 
ATOM   789  C  CB  . ARG A 1 96  ? 12.803  -1.526  0.564   1.00 10.52 ? 96   ARG A CB  1 
ATOM   790  C  CG  . ARG A 1 96  ? 13.885  -2.096  -0.350  1.00 11.50 ? 96   ARG A CG  1 
ATOM   791  C  CD  . ARG A 1 96  ? 14.655  -3.237  0.294   1.00 11.92 ? 96   ARG A CD  1 
ATOM   792  N  NE  . ARG A 1 96  ? 15.743  -3.667  -0.582  1.00 12.38 ? 96   ARG A NE  1 
ATOM   793  C  CZ  . ARG A 1 96  ? 16.755  -4.450  -0.220  1.00 13.23 ? 96   ARG A CZ  1 
ATOM   794  N  NH1 . ARG A 1 96  ? 16.842  -4.922  1.019   1.00 14.34 ? 96   ARG A NH1 1 
ATOM   795  N  NH2 . ARG A 1 96  ? 17.699  -4.754  -1.108  1.00 12.32 ? 96   ARG A NH2 1 
ATOM   796  N  N   . ALA A 1 97  ? 10.628  0.474   1.724   1.00 10.69 ? 97   ALA A N   1 
ATOM   797  C  CA  . ALA A 1 97  ? 9.366   0.762   2.412   1.00 10.93 ? 97   ALA A CA  1 
ATOM   798  C  C   . ALA A 1 97  ? 8.433   1.558   1.495   1.00 11.06 ? 97   ALA A C   1 
ATOM   799  O  O   . ALA A 1 97  ? 7.254   1.229   1.371   1.00 10.83 ? 97   ALA A O   1 
ATOM   800  C  CB  . ALA A 1 97  ? 9.614   1.503   3.708   1.00 10.59 ? 97   ALA A CB  1 
ATOM   801  N  N   . ALA A 1 98  ? 8.973   2.583   0.835   1.00 11.11 ? 98   ALA A N   1 
ATOM   802  C  CA  . ALA A 1 98  ? 8.203   3.379   -0.129  1.00 11.29 ? 98   ALA A CA  1 
ATOM   803  C  C   . ALA A 1 98  ? 7.596   2.501   -1.244  1.00 11.39 ? 98   ALA A C   1 
ATOM   804  O  O   . ALA A 1 98  ? 6.427   2.668   -1.612  1.00 11.48 ? 98   ALA A O   1 
ATOM   805  C  CB  . ALA A 1 98  ? 9.077   4.507   -0.712  1.00 10.90 ? 98   ALA A CB  1 
ATOM   806  N  N   . ALA A 1 99  ? 8.391   1.550   -1.743  1.00 10.95 ? 99   ALA A N   1 
ATOM   807  C  CA  . ALA A 1 99  ? 7.942   0.546   -2.715  1.00 10.72 ? 99   ALA A CA  1 
ATOM   808  C  C   . ALA A 1 99  ? 6.779   -0.309  -2.204  1.00 10.47 ? 99   ALA A C   1 
ATOM   809  O  O   . ALA A 1 99  ? 5.779   -0.504  -2.919  1.00 10.58 ? 99   ALA A O   1 
ATOM   810  C  CB  . ALA A 1 99  ? 9.114   -0.359  -3.096  1.00 10.97 ? 99   ALA A CB  1 
ATOM   811  N  N   . ILE A 1 100 ? 6.921   -0.824  -0.983  1.00 10.48 ? 100  ILE A N   1 
ATOM   812  C  CA  . ILE A 1 100 ? 5.888   -1.656  -0.355  1.00 10.87 ? 100  ILE A CA  1 
ATOM   813  C  C   . ILE A 1 100 ? 4.601   -0.838  -0.192  1.00 10.77 ? 100  ILE A C   1 
ATOM   814  O  O   . ILE A 1 100 ? 3.509   -1.343  -0.451  1.00 10.41 ? 100  ILE A O   1 
ATOM   815  C  CB  . ILE A 1 100 ? 6.342   -2.239  1.001   1.00 10.84 ? 100  ILE A CB  1 
ATOM   816  C  CG1 . ILE A 1 100 ? 7.556   -3.160  0.806   1.00 12.11 ? 100  ILE A CG1 1 
ATOM   817  C  CG2 . ILE A 1 100 ? 5.184   -2.985  1.690   1.00 10.97 ? 100  ILE A CG2 1 
ATOM   818  C  CD1 . ILE A 1 100 ? 8.318   -3.472  2.078   1.00 12.71 ? 100  ILE A CD1 1 
ATOM   819  N  N   . ASN A 1 101 ? 4.756   0.422   0.214   1.00 10.69 ? 101  ASN A N   1 
ATOM   820  C  CA  . ASN A 1 101 ? 3.619   1.336   0.392   1.00 10.90 ? 101  ASN A CA  1 
ATOM   821  C  C   . ASN A 1 101 ? 2.768   1.436   -0.893  1.00 11.09 ? 101  ASN A C   1 
ATOM   822  O  O   . ASN A 1 101 ? 1.541   1.266   -0.852  1.00 10.96 ? 101  ASN A O   1 
ATOM   823  C  CB  . ASN A 1 101 ? 4.119   2.714   0.845   1.00 10.96 ? 101  ASN A CB  1 
ATOM   824  C  CG  . ASN A 1 101 ? 3.008   3.600   1.395   1.00 11.52 ? 101  ASN A CG  1 
ATOM   825  O  OD1 . ASN A 1 101 ? 1.987   3.819   0.736   1.00 11.45 ? 101  ASN A OD1 1 
ATOM   826  N  ND2 . ASN A 1 101 ? 3.218   4.134   2.598   1.00 10.64 ? 101  ASN A ND2 1 
ATOM   827  N  N   . MET A 1 102 ? 3.432   1.692   -2.018  1.00 10.84 ? 102  MET A N   1 
ATOM   828  C  CA  . MET A 1 102 ? 2.760   1.770   -3.328  1.00 12.18 ? 102  MET A CA  1 
ATOM   829  C  C   . MET A 1 102 ? 2.021   0.482   -3.694  1.00 11.79 ? 102  MET A C   1 
ATOM   830  O  O   . MET A 1 102 ? 0.865   0.530   -4.108  1.00 12.26 ? 102  MET A O   1 
ATOM   831  C  CB  . MET A 1 102 ? 3.758   2.136   -4.433  1.00 11.67 ? 102  MET A CB  1 
ATOM   832  C  CG  . MET A 1 102 ? 4.333   3.542   -4.338  1.00 12.59 ? 102  MET A CG  1 
ATOM   833  S  SD  . MET A 1 102 ? 5.325   3.967   -5.792  1.00 14.60 ? 102  MET A SD  1 
ATOM   834  C  CE  . MET A 1 102 ? 4.055   4.320   -7.006  1.00 14.69 ? 102  MET A CE  1 
ATOM   835  N  N   . VAL A 1 103 ? 2.682   -0.667  -3.531  1.00 12.28 ? 103  VAL A N   1 
ATOM   836  C  CA  . VAL A 1 103 ? 2.060   -1.966  -3.842  1.00 12.84 ? 103  VAL A CA  1 
ATOM   837  C  C   . VAL A 1 103 ? 0.849   -2.233  -2.936  1.00 13.27 ? 103  VAL A C   1 
ATOM   838  O  O   . VAL A 1 103 ? -0.204  -2.694  -3.408  1.00 13.51 ? 103  VAL A O   1 
ATOM   839  C  CB  . VAL A 1 103 ? 3.075   -3.152  -3.761  1.00 12.64 ? 103  VAL A CB  1 
ATOM   840  C  CG1 . VAL A 1 103 ? 2.354   -4.513  -3.902  1.00 13.03 ? 103  VAL A CG1 1 
ATOM   841  C  CG2 . VAL A 1 103 ? 4.133   -3.021  -4.837  1.00 13.12 ? 103  VAL A CG2 1 
ATOM   842  N  N   . PHE A 1 104 ? 1.002   -1.927  -1.648  1.00 13.44 ? 104  PHE A N   1 
ATOM   843  C  CA  . PHE A 1 104 ? -0.088  -2.027  -0.680  1.00 13.75 ? 104  PHE A CA  1 
ATOM   844  C  C   . PHE A 1 104 ? -1.318  -1.257  -1.185  1.00 13.88 ? 104  PHE A C   1 
ATOM   845  O  O   . PHE A 1 104 ? -2.424  -1.795  -1.200  1.00 13.66 ? 104  PHE A O   1 
ATOM   846  C  CB  . PHE A 1 104 ? 0.364   -1.488  0.680   1.00 13.24 ? 104  PHE A CB  1 
ATOM   847  C  CG  . PHE A 1 104 ? -0.571  -1.807  1.824   1.00 13.38 ? 104  PHE A CG  1 
ATOM   848  C  CD1 . PHE A 1 104 ? -1.690  -1.006  2.083   1.00 14.29 ? 104  PHE A CD1 1 
ATOM   849  C  CD2 . PHE A 1 104 ? -0.313  -2.890  2.666   1.00 13.93 ? 104  PHE A CD2 1 
ATOM   850  C  CE1 . PHE A 1 104 ? -2.548  -1.292  3.161   1.00 13.81 ? 104  PHE A CE1 1 
ATOM   851  C  CE2 . PHE A 1 104 ? -1.159  -3.177  3.751   1.00 13.99 ? 104  PHE A CE2 1 
ATOM   852  C  CZ  . PHE A 1 104 ? -2.276  -2.384  3.990   1.00 13.30 ? 104  PHE A CZ  1 
ATOM   853  N  N   . GLN A 1 105 ? -1.109  -0.018  -1.629  1.00 14.48 ? 105  GLN A N   1 
ATOM   854  C  CA  . GLN A 1 105 ? -2.202  0.850   -2.050  1.00 15.48 ? 105  GLN A CA  1 
ATOM   855  C  C   . GLN A 1 105 ? -2.842  0.472   -3.398  1.00 16.84 ? 105  GLN A C   1 
ATOM   856  O  O   . GLN A 1 105 ? -4.078  0.478   -3.518  1.00 16.13 ? 105  GLN A O   1 
ATOM   857  C  CB  . GLN A 1 105 ? -1.754  2.324   -2.067  1.00 15.15 ? 105  GLN A CB  1 
ATOM   858  C  CG  . GLN A 1 105 ? -2.882  3.329   -2.377  1.00 15.14 ? 105  GLN A CG  1 
ATOM   859  C  CD  . GLN A 1 105 ? -2.393  4.763   -2.554  1.00 14.68 ? 105  GLN A CD  1 
ATOM   860  O  OE1 . GLN A 1 105 ? -1.205  5.047   -2.443  1.00 14.12 ? 105  GLN A OE1 1 
ATOM   861  N  NE2 . GLN A 1 105 ? -3.323  5.676   -2.842  1.00 12.89 ? 105  GLN A NE2 1 
ATOM   862  N  N   . MET A 1 106 ? -2.012  0.129   -4.389  1.00 18.02 ? 106  MET A N   1 
ATOM   863  C  CA  A MET A 1 106 ? -2.506  -0.028  -5.760  0.70 19.44 ? 106  MET A CA  1 
ATOM   864  C  CA  B MET A 1 106 ? -2.459  -0.013  -5.780  0.30 18.68 ? 106  MET A CA  1 
ATOM   865  C  C   . MET A 1 106 ? -2.357  -1.424  -6.360  1.00 19.72 ? 106  MET A C   1 
ATOM   866  O  O   . MET A 1 106 ? -2.897  -1.695  -7.435  1.00 19.28 ? 106  MET A O   1 
ATOM   867  C  CB  A MET A 1 106 ? -1.910  1.039   -6.694  0.70 19.40 ? 106  MET A CB  1 
ATOM   868  C  CB  B MET A 1 106 ? -1.673  0.944   -6.677  0.30 18.75 ? 106  MET A CB  1 
ATOM   869  C  CG  A MET A 1 106 ? -0.391  1.015   -6.853  0.70 19.40 ? 106  MET A CG  1 
ATOM   870  C  CG  B MET A 1 106 ? -1.989  2.408   -6.469  0.30 18.10 ? 106  MET A CG  1 
ATOM   871  S  SD  A MET A 1 106 ? 0.222   2.239   -8.035  0.70 21.77 ? 106  MET A SD  1 
ATOM   872  S  SD  B MET A 1 106 ? -0.790  3.463   -7.296  0.30 18.20 ? 106  MET A SD  1 
ATOM   873  C  CE  A MET A 1 106 ? -0.866  3.617   -7.714  0.70 20.52 ? 106  MET A CE  1 
ATOM   874  C  CE  B MET A 1 106 ? 0.563   3.411   -6.123  0.30 16.96 ? 106  MET A CE  1 
ATOM   875  N  N   . GLY A 1 107 ? -1.649  -2.312  -5.664  1.00 20.96 ? 107  GLY A N   1 
ATOM   876  C  CA  . GLY A 1 107 ? -1.392  -3.661  -6.171  1.00 23.24 ? 107  GLY A CA  1 
ATOM   877  C  C   . GLY A 1 107 ? -0.401  -3.656  -7.327  1.00 24.84 ? 107  GLY A C   1 
ATOM   878  O  O   . GLY A 1 107 ? -0.018  -2.595  -7.837  1.00 24.73 ? 107  GLY A O   1 
ATOM   879  N  N   . GLU A 1 108 ? 0.022   -4.843  -7.746  1.00 26.62 ? 108  GLU A N   1 
ATOM   880  C  CA  . GLU A 1 108 ? 0.948   -4.971  -8.878  1.00 28.49 ? 108  GLU A CA  1 
ATOM   881  C  C   . GLU A 1 108 ? 0.324   -4.553  -10.215 1.00 29.47 ? 108  GLU A C   1 
ATOM   882  O  O   . GLU A 1 108 ? 1.013   -4.028  -11.091 1.00 30.08 ? 108  GLU A O   1 
ATOM   883  C  CB  . GLU A 1 108 ? 1.467   -6.396  -8.975  1.00 28.76 ? 108  GLU A CB  1 
ATOM   884  C  CG  . GLU A 1 108 ? 2.341   -6.804  -7.820  1.00 29.58 ? 108  GLU A CG  1 
ATOM   885  C  CD  . GLU A 1 108 ? 2.506   -8.297  -7.745  1.00 31.51 ? 108  GLU A CD  1 
ATOM   886  O  OE1 . GLU A 1 108 ? 2.261   -8.848  -6.653  1.00 32.51 ? 108  GLU A OE1 1 
ATOM   887  O  OE2 . GLU A 1 108 ? 2.862   -8.916  -8.777  1.00 30.94 ? 108  GLU A OE2 1 
ATOM   888  N  N   . THR A 1 109 ? -0.976  -4.791  -10.366 1.00 30.45 ? 109  THR A N   1 
ATOM   889  C  CA  . THR A 1 109 ? -1.701  -4.385  -11.573 1.00 31.50 ? 109  THR A CA  1 
ATOM   890  C  C   . THR A 1 109 ? -1.865  -2.866  -11.638 1.00 31.66 ? 109  THR A C   1 
ATOM   891  O  O   . THR A 1 109 ? -1.767  -2.271  -12.716 1.00 31.87 ? 109  THR A O   1 
ATOM   892  C  CB  . THR A 1 109 ? -3.073  -5.077  -11.688 1.00 31.72 ? 109  THR A CB  1 
ATOM   893  O  OG1 . THR A 1 109 ? -3.624  -5.280  -10.378 1.00 32.82 ? 109  THR A OG1 1 
ATOM   894  C  CG2 . THR A 1 109 ? -2.924  -6.425  -12.372 1.00 32.19 ? 109  THR A CG2 1 
ATOM   895  N  N   . GLY A 1 110 ? -2.094  -2.245  -10.478 1.00 31.59 ? 110  GLY A N   1 
ATOM   896  C  CA  . GLY A 1 110 ? -2.185  -0.789  -10.383 1.00 31.40 ? 110  GLY A CA  1 
ATOM   897  C  C   . GLY A 1 110 ? -0.851  -0.109  -10.616 1.00 31.17 ? 110  GLY A C   1 
ATOM   898  O  O   . GLY A 1 110 ? -0.786  1.109   -10.797 1.00 31.45 ? 110  GLY A O   1 
ATOM   899  N  N   . VAL A 1 111 ? 0.215   -0.905  -10.639 1.00 30.87 ? 111  VAL A N   1 
ATOM   900  C  CA  . VAL A 1 111 ? 1.563   -0.365  -10.729 1.00 30.50 ? 111  VAL A CA  1 
ATOM   901  C  C   . VAL A 1 111 ? 2.307   -0.686  -12.042 1.00 30.01 ? 111  VAL A C   1 
ATOM   902  O  O   . VAL A 1 111 ? 3.425   -0.202  -12.270 1.00 29.97 ? 111  VAL A O   1 
ATOM   903  C  CB  . VAL A 1 111 ? 2.380   -0.749  -9.477  1.00 30.60 ? 111  VAL A CB  1 
ATOM   904  C  CG1 . VAL A 1 111 ? 3.196   -2.025  -9.692  1.00 31.30 ? 111  VAL A CG1 1 
ATOM   905  C  CG2 . VAL A 1 111 ? 3.249   0.386   -9.108  1.00 31.07 ? 111  VAL A CG2 1 
ATOM   906  N  N   . ALA A 1 112 ? 1.677   -1.483  -12.902 1.00 29.34 ? 112  ALA A N   1 
ATOM   907  C  CA  . ALA A 1 112 ? 2.260   -1.862  -14.199 1.00 28.42 ? 112  ALA A CA  1 
ATOM   908  C  C   . ALA A 1 112 ? 2.708   -0.671  -15.062 1.00 27.79 ? 112  ALA A C   1 
ATOM   909  O  O   . ALA A 1 112 ? 3.639   -0.796  -15.861 1.00 27.84 ? 112  ALA A O   1 
ATOM   910  C  CB  . ALA A 1 112 ? 1.293   -2.755  -14.978 1.00 28.35 ? 112  ALA A CB  1 
ATOM   911  N  N   . GLY A 1 113 ? 2.053   0.475   -14.902 1.00 26.68 ? 113  GLY A N   1 
ATOM   912  C  CA  . GLY A 1 113 ? 2.375   1.654   -15.713 1.00 25.52 ? 113  GLY A CA  1 
ATOM   913  C  C   . GLY A 1 113 ? 3.597   2.441   -15.261 1.00 24.32 ? 113  GLY A C   1 
ATOM   914  O  O   . GLY A 1 113 ? 4.019   3.385   -15.940 1.00 24.91 ? 113  GLY A O   1 
ATOM   915  N  N   . PHE A 1 114 ? 4.172   2.059   -14.122 1.00 22.78 ? 114  PHE A N   1 
ATOM   916  C  CA  . PHE A 1 114 ? 5.278   2.816   -13.536 1.00 21.32 ? 114  PHE A CA  1 
ATOM   917  C  C   . PHE A 1 114 ? 6.664   2.406   -14.048 1.00 20.65 ? 114  PHE A C   1 
ATOM   918  O  O   . PHE A 1 114 ? 7.673   2.682   -13.403 1.00 20.05 ? 114  PHE A O   1 
ATOM   919  C  CB  . PHE A 1 114 ? 5.211   2.769   -12.006 1.00 20.98 ? 114  PHE A CB  1 
ATOM   920  C  CG  . PHE A 1 114 ? 4.183   3.689   -11.425 1.00 20.32 ? 114  PHE A CG  1 
ATOM   921  C  CD1 . PHE A 1 114 ? 2.870   3.268   -11.253 1.00 20.73 ? 114  PHE A CD1 1 
ATOM   922  C  CD2 . PHE A 1 114 ? 4.524   4.990   -11.056 1.00 18.56 ? 114  PHE A CD2 1 
ATOM   923  C  CE1 . PHE A 1 114 ? 1.905   4.134   -10.720 1.00 19.95 ? 114  PHE A CE1 1 
ATOM   924  C  CE2 . PHE A 1 114 ? 3.572   5.855   -10.521 1.00 19.18 ? 114  PHE A CE2 1 
ATOM   925  C  CZ  . PHE A 1 114 ? 2.260   5.423   -10.352 1.00 19.91 ? 114  PHE A CZ  1 
ATOM   926  N  N   . THR A 1 115 ? 6.691   1.772   -15.220 1.00 19.97 ? 115  THR A N   1 
ATOM   927  C  CA  . THR A 1 115 ? 7.923   1.292   -15.875 1.00 19.45 ? 115  THR A CA  1 
ATOM   928  C  C   . THR A 1 115 ? 9.066   2.319   -15.912 1.00 18.92 ? 115  THR A C   1 
ATOM   929  O  O   . THR A 1 115 ? 10.202  2.008   -15.555 1.00 18.38 ? 115  THR A O   1 
ATOM   930  C  CB  . THR A 1 115 ? 7.606   0.790   -17.316 1.00 19.59 ? 115  THR A CB  1 
ATOM   931  O  OG1 . THR A 1 115 ? 6.523   -0.146  -17.265 1.00 19.80 ? 115  THR A OG1 1 
ATOM   932  C  CG2 . THR A 1 115 ? 8.821   0.131   -17.961 1.00 20.12 ? 115  THR A CG2 1 
ATOM   933  N  N   . ASN A 1 116 ? 8.765   3.541   -16.344 1.00 18.31 ? 116  ASN A N   1 
ATOM   934  C  CA  . ASN A 1 116 ? 9.794   4.569   -16.468 1.00 18.12 ? 116  ASN A CA  1 
ATOM   935  C  C   . ASN A 1 116 ? 10.298  5.076   -15.115 1.00 17.40 ? 116  ASN A C   1 
ATOM   936  O  O   . ASN A 1 116 ? 11.492  5.325   -14.951 1.00 17.04 ? 116  ASN A O   1 
ATOM   937  C  CB  . ASN A 1 116 ? 9.317   5.712   -17.367 1.00 18.36 ? 116  ASN A CB  1 
ATOM   938  C  CG  . ASN A 1 116 ? 8.910   5.222   -18.750 1.00 19.50 ? 116  ASN A CG  1 
ATOM   939  O  OD1 . ASN A 1 116 ? 9.612   4.414   -19.364 1.00 20.78 ? 116  ASN A OD1 1 
ATOM   940  N  ND2 . ASN A 1 116 ? 7.767   5.700   -19.240 1.00 20.04 ? 116  ASN A ND2 1 
ATOM   941  N  N   . SER A 1 117 ? 9.378   5.207   -14.158 1.00 16.60 ? 117  SER A N   1 
ATOM   942  C  CA  . SER A 1 117 ? 9.723   5.560   -12.784 1.00 16.43 ? 117  SER A CA  1 
ATOM   943  C  C   . SER A 1 117 ? 10.660  4.504   -12.204 1.00 15.70 ? 117  SER A C   1 
ATOM   944  O  O   . SER A 1 117 ? 11.662  4.838   -11.579 1.00 14.93 ? 117  SER A O   1 
ATOM   945  C  CB  . SER A 1 117 ? 8.465   5.662   -11.917 1.00 16.28 ? 117  SER A CB  1 
ATOM   946  O  OG  . SER A 1 117 ? 7.751   6.857   -12.168 1.00 18.72 ? 117  SER A OG  1 
ATOM   947  N  N   . LEU A 1 118 ? 10.319  3.234   -12.438 1.00 15.61 ? 118  LEU A N   1 
ATOM   948  C  CA  . LEU A 1 118 ? 11.085  2.092   -11.941 1.00 15.66 ? 118  LEU A CA  1 
ATOM   949  C  C   . LEU A 1 118 ? 12.523  2.122   -12.446 1.00 15.83 ? 118  LEU A C   1 
ATOM   950  O  O   . LEU A 1 118 ? 13.457  1.916   -11.664 1.00 15.19 ? 118  LEU A O   1 
ATOM   951  C  CB  . LEU A 1 118 ? 10.408  0.769   -12.332 1.00 15.74 ? 118  LEU A CB  1 
ATOM   952  C  CG  . LEU A 1 118 ? 9.120   0.405   -11.591 1.00 16.63 ? 118  LEU A CG  1 
ATOM   953  C  CD1 . LEU A 1 118 ? 8.359   -0.709  -12.301 1.00 17.68 ? 118  LEU A CD1 1 
ATOM   954  C  CD2 . LEU A 1 118 ? 9.471   -0.038  -10.205 1.00 18.05 ? 118  LEU A CD2 1 
ATOM   955  N  N   . ARG A 1 119 ? 12.688  2.381   -13.744 1.00 15.75 ? 119  ARG A N   1 
ATOM   956  C  CA  A ARG A 1 119 ? 14.012  2.511   -14.356 0.70 16.74 ? 119  ARG A CA  1 
ATOM   957  C  CA  B ARG A 1 119 ? 14.020  2.490   -14.333 0.30 16.18 ? 119  ARG A CA  1 
ATOM   958  C  C   . ARG A 1 119 ? 14.808  3.618   -13.669 1.00 16.16 ? 119  ARG A C   1 
ATOM   959  O  O   . ARG A 1 119 ? 15.957  3.421   -13.281 1.00 15.87 ? 119  ARG A O   1 
ATOM   960  C  CB  A ARG A 1 119 ? 13.872  2.808   -15.849 0.70 16.62 ? 119  ARG A CB  1 
ATOM   961  C  CB  B ARG A 1 119 ? 13.955  2.687   -15.852 0.30 16.14 ? 119  ARG A CB  1 
ATOM   962  C  CG  A ARG A 1 119 ? 15.190  3.005   -16.599 0.70 17.72 ? 119  ARG A CG  1 
ATOM   963  C  CG  B ARG A 1 119 ? 15.319  2.607   -16.535 0.30 16.58 ? 119  ARG A CG  1 
ATOM   964  C  CD  A ARG A 1 119 ? 14.959  3.171   -18.095 0.70 18.58 ? 119  ARG A CD  1 
ATOM   965  C  CD  B ARG A 1 119 ? 15.211  2.654   -18.046 0.30 16.57 ? 119  ARG A CD  1 
ATOM   966  N  NE  A ARG A 1 119 ? 14.205  2.049   -18.657 0.70 21.29 ? 119  ARG A NE  1 
ATOM   967  N  NE  B ARG A 1 119 ? 16.511  2.461   -18.685 0.30 17.12 ? 119  ARG A NE  1 
ATOM   968  C  CZ  A ARG A 1 119 ? 12.932  2.100   -19.053 0.70 21.82 ? 119  ARG A CZ  1 
ATOM   969  C  CZ  B ARG A 1 119 ? 17.287  3.438   -19.149 0.30 17.36 ? 119  ARG A CZ  1 
ATOM   970  N  NH1 A ARG A 1 119 ? 12.236  3.231   -18.974 0.70 20.41 ? 119  ARG A NH1 1 
ATOM   971  N  NH1 B ARG A 1 119 ? 16.909  4.708   -19.059 0.30 17.41 ? 119  ARG A NH1 1 
ATOM   972  N  NH2 A ARG A 1 119 ? 12.356  1.006   -19.537 0.70 22.07 ? 119  ARG A NH2 1 
ATOM   973  N  NH2 B ARG A 1 119 ? 18.451  3.139   -19.709 0.30 17.15 ? 119  ARG A NH2 1 
ATOM   974  N  N   . MET A 1 120 ? 14.183  4.786   -13.521 1.00 16.04 ? 120  MET A N   1 
ATOM   975  C  CA  . MET A 1 120 ? 14.852  5.933   -12.889 1.00 16.20 ? 120  MET A CA  1 
ATOM   976  C  C   . MET A 1 120 ? 15.269  5.657   -11.443 1.00 15.42 ? 120  MET A C   1 
ATOM   977  O  O   . MET A 1 120 ? 16.335  6.100   -11.007 1.00 14.98 ? 120  MET A O   1 
ATOM   978  C  CB  . MET A 1 120 ? 13.988  7.190   -12.946 1.00 16.39 ? 120  MET A CB  1 
ATOM   979  C  CG  . MET A 1 120 ? 13.767  7.723   -14.343 1.00 17.54 ? 120  MET A CG  1 
ATOM   980  S  SD  . MET A 1 120 ? 12.652  9.130   -14.280 1.00 18.39 ? 120  MET A SD  1 
ATOM   981  C  CE  . MET A 1 120 ? 12.194  9.292   -16.003 1.00 19.23 ? 120  MET A CE  1 
ATOM   982  N  N   . LEU A 1 121 ? 14.423  4.941   -10.707 1.00 14.68 ? 121  LEU A N   1 
ATOM   983  C  CA  . LEU A 1 121 ? 14.750  4.522   -9.338  1.00 14.24 ? 121  LEU A CA  1 
ATOM   984  C  C   . LEU A 1 121 ? 15.919  3.539   -9.288  1.00 14.16 ? 121  LEU A C   1 
ATOM   985  O  O   . LEU A 1 121 ? 16.784  3.662   -8.425  1.00 13.24 ? 121  LEU A O   1 
ATOM   986  C  CB  . LEU A 1 121 ? 13.520  3.951   -8.625  1.00 14.15 ? 121  LEU A CB  1 
ATOM   987  C  CG  . LEU A 1 121 ? 12.442  4.999   -8.299  1.00 13.81 ? 121  LEU A CG  1 
ATOM   988  C  CD1 . LEU A 1 121 ? 11.146  4.321   -7.975  1.00 16.60 ? 121  LEU A CD1 1 
ATOM   989  C  CD2 . LEU A 1 121 ? 12.861  5.922   -7.165  1.00 15.02 ? 121  LEU A CD2 1 
ATOM   990  N  N   . GLN A 1 122 ? 15.938  2.574   -10.209 1.00 14.41 ? 122  GLN A N   1 
ATOM   991  C  CA  . GLN A 1 122 ? 17.042  1.621   -10.294 1.00 15.19 ? 122  GLN A CA  1 
ATOM   992  C  C   . GLN A 1 122 ? 18.354  2.338   -10.658 1.00 14.96 ? 122  GLN A C   1 
ATOM   993  O  O   . GLN A 1 122 ? 19.432  1.948   -10.204 1.00 15.02 ? 122  GLN A O   1 
ATOM   994  C  CB  . GLN A 1 122 ? 16.737  0.496   -11.289 1.00 15.77 ? 122  GLN A CB  1 
ATOM   995  C  CG  . GLN A 1 122 ? 17.850  -0.545  -11.351 1.00 17.95 ? 122  GLN A CG  1 
ATOM   996  C  CD  . GLN A 1 122 ? 17.391  -1.939  -11.725 1.00 21.25 ? 122  GLN A CD  1 
ATOM   997  O  OE1 . GLN A 1 122 ? 16.198  -2.210  -11.871 1.00 22.27 ? 122  GLN A OE1 1 
ATOM   998  N  NE2 . GLN A 1 122 ? 18.356  -2.842  -11.872 1.00 22.64 ? 122  GLN A NE2 1 
ATOM   999  N  N   . GLN A 1 123 ? 18.239  3.397   -11.458 1.00 14.75 ? 123  GLN A N   1 
ATOM   1000 C  CA  . GLN A 1 123 ? 19.384  4.239   -11.831 1.00 15.05 ? 123  GLN A CA  1 
ATOM   1001 C  C   . GLN A 1 123 ? 19.800  5.195   -10.711 1.00 14.32 ? 123  GLN A C   1 
ATOM   1002 O  O   . GLN A 1 123 ? 20.842  5.858   -10.803 1.00 14.26 ? 123  GLN A O   1 
ATOM   1003 C  CB  . GLN A 1 123 ? 19.063  5.048   -13.088 1.00 14.79 ? 123  GLN A CB  1 
ATOM   1004 C  CG  . GLN A 1 123 ? 18.898  4.215   -14.358 1.00 16.60 ? 123  GLN A CG  1 
ATOM   1005 C  CD  . GLN A 1 123 ? 18.427  5.046   -15.538 1.00 16.79 ? 123  GLN A CD  1 
ATOM   1006 O  OE1 . GLN A 1 123 ? 19.007  4.980   -16.621 1.00 21.18 ? 123  GLN A OE1 1 
ATOM   1007 N  NE2 . GLN A 1 123 ? 17.385  5.844   -15.331 1.00 18.41 ? 123  GLN A NE2 1 
ATOM   1008 N  N   . LYS A 1 124 ? 18.972  5.272   -9.665  1.00 13.44 ? 124  LYS A N   1 
ATOM   1009 C  CA  . LYS A 1 124 ? 19.178  6.190   -8.532  1.00 13.09 ? 124  LYS A CA  1 
ATOM   1010 C  C   . LYS A 1 124 ? 19.177  7.659   -8.972  1.00 13.02 ? 124  LYS A C   1 
ATOM   1011 O  O   . LYS A 1 124 ? 19.919  8.490   -8.446  1.00 12.66 ? 124  LYS A O   1 
ATOM   1012 C  CB  . LYS A 1 124 ? 20.439  5.820   -7.726  1.00 12.74 ? 124  LYS A CB  1 
ATOM   1013 C  CG  . LYS A 1 124 ? 20.407  4.379   -7.232  1.00 12.38 ? 124  LYS A CG  1 
ATOM   1014 C  CD  . LYS A 1 124 ? 21.433  4.115   -6.141  1.00 12.32 ? 124  LYS A CD  1 
ATOM   1015 C  CE  . LYS A 1 124 ? 21.351  2.666   -5.672  1.00 12.42 ? 124  LYS A CE  1 
ATOM   1016 N  NZ  . LYS A 1 124 ? 20.032  2.372   -5.028  1.00 10.19 ? 124  LYS A NZ  1 
ATOM   1017 N  N   . ARG A 1 125 ? 18.312  7.969   -9.936  1.00 13.41 ? 125  ARG A N   1 
ATOM   1018 C  CA  . ARG A 1 125 ? 18.123  9.343   -10.381 1.00 13.70 ? 125  ARG A CA  1 
ATOM   1019 C  C   . ARG A 1 125 ? 16.928  9.895   -9.612  1.00 13.42 ? 125  ARG A C   1 
ATOM   1020 O  O   . ARG A 1 125 ? 15.821  9.999   -10.145 1.00 12.92 ? 125  ARG A O   1 
ATOM   1021 C  CB  . ARG A 1 125 ? 17.906  9.385   -11.896 1.00 14.28 ? 125  ARG A CB  1 
ATOM   1022 C  CG  . ARG A 1 125 ? 19.082  8.809   -12.679 1.00 16.36 ? 125  ARG A CG  1 
ATOM   1023 C  CD  . ARG A 1 125 ? 18.870  8.885   -14.174 1.00 18.42 ? 125  ARG A CD  1 
ATOM   1024 N  NE  . ARG A 1 125 ? 20.076  8.452   -14.877 1.00 23.05 ? 125  ARG A NE  1 
ATOM   1025 C  CZ  . ARG A 1 125 ? 20.299  8.634   -16.175 1.00 24.93 ? 125  ARG A CZ  1 
ATOM   1026 N  NH1 . ARG A 1 125 ? 19.395  9.250   -16.928 1.00 26.31 ? 125  ARG A NH1 1 
ATOM   1027 N  NH2 . ARG A 1 125 ? 21.433  8.203   -16.719 1.00 26.33 ? 125  ARG A NH2 1 
ATOM   1028 N  N   . TRP A 1 126 ? 17.172  10.228  -8.345  1.00 12.81 ? 126  TRP A N   1 
ATOM   1029 C  CA  . TRP A 1 126 ? 16.097  10.411  -7.370  1.00 12.41 ? 126  TRP A CA  1 
ATOM   1030 C  C   . TRP A 1 126 ? 15.164  11.569  -7.716  1.00 12.54 ? 126  TRP A C   1 
ATOM   1031 O  O   . TRP A 1 126 ? 13.941  11.422  -7.622  1.00 12.50 ? 126  TRP A O   1 
ATOM   1032 C  CB  . TRP A 1 126 ? 16.662  10.587  -5.955  1.00 11.81 ? 126  TRP A CB  1 
ATOM   1033 C  CG  . TRP A 1 126 ? 17.575  9.472   -5.490  1.00 11.56 ? 126  TRP A CG  1 
ATOM   1034 C  CD1 . TRP A 1 126 ? 18.853  9.606   -5.021  1.00 10.07 ? 126  TRP A CD1 1 
ATOM   1035 C  CD2 . TRP A 1 126 ? 17.285  8.065   -5.464  1.00 10.80 ? 126  TRP A CD2 1 
ATOM   1036 N  NE1 . TRP A 1 126 ? 19.376  8.376   -4.691  1.00 10.17 ? 126  TRP A NE1 1 
ATOM   1037 C  CE2 . TRP A 1 126 ? 18.436  7.412   -4.952  1.00 10.48 ? 126  TRP A CE2 1 
ATOM   1038 C  CE3 . TRP A 1 126 ? 16.165  7.295   -5.811  1.00 10.95 ? 126  TRP A CE3 1 
ATOM   1039 C  CZ2 . TRP A 1 126 ? 18.499  6.021   -4.777  1.00 11.30 ? 126  TRP A CZ2 1 
ATOM   1040 C  CZ3 . TRP A 1 126 ? 16.229  5.909   -5.648  1.00 10.97 ? 126  TRP A CZ3 1 
ATOM   1041 C  CH2 . TRP A 1 126 ? 17.392  5.286   -5.131  1.00 11.40 ? 126  TRP A CH2 1 
ATOM   1042 N  N   . ASP A 1 127 ? 15.733  12.711  -8.098  1.00 12.72 ? 127  ASP A N   1 
ATOM   1043 C  CA  . ASP A 1 127 ? 14.916  13.877  -8.459  1.00 13.28 ? 127  ASP A CA  1 
ATOM   1044 C  C   . ASP A 1 127 ? 14.067  13.629  -9.709  1.00 13.07 ? 127  ASP A C   1 
ATOM   1045 O  O   . ASP A 1 127 ? 12.868  13.931  -9.712  1.00 12.80 ? 127  ASP A O   1 
ATOM   1046 C  CB  . ASP A 1 127 ? 15.762  15.150  -8.597  1.00 13.44 ? 127  ASP A CB  1 
ATOM   1047 C  CG  . ASP A 1 127 ? 16.185  15.721  -7.242  1.00 14.43 ? 127  ASP A CG  1 
ATOM   1048 O  OD1 . ASP A 1 127 ? 16.176  14.982  -6.234  1.00 16.11 ? 127  ASP A OD1 1 
ATOM   1049 O  OD2 . ASP A 1 127 ? 16.533  16.915  -7.187  1.00 15.62 ? 127  ASP A OD2 1 
ATOM   1050 N  N   . GLU A 1 128 ? 14.687  13.057  -10.741 1.00 13.11 ? 128  GLU A N   1 
ATOM   1051 C  CA  . GLU A 1 128 ? 13.988  12.671  -11.967 1.00 13.96 ? 128  GLU A CA  1 
ATOM   1052 C  C   . GLU A 1 128 ? 12.889  11.647  -11.684 1.00 13.57 ? 128  GLU A C   1 
ATOM   1053 O  O   . GLU A 1 128 ? 11.758  11.789  -12.169 1.00 13.42 ? 128  GLU A O   1 
ATOM   1054 C  CB  . GLU A 1 128 ? 14.970  12.130  -13.012 1.00 14.42 ? 128  GLU A CB  1 
ATOM   1055 C  CG  . GLU A 1 128 ? 15.826  13.202  -13.660 1.00 17.14 ? 128  GLU A CG  1 
ATOM   1056 C  CD  . GLU A 1 128 ? 17.036  12.636  -14.373 1.00 20.74 ? 128  GLU A CD  1 
ATOM   1057 O  OE1 . GLU A 1 128 ? 17.041  12.638  -15.617 1.00 22.56 ? 128  GLU A OE1 1 
ATOM   1058 O  OE2 . GLU A 1 128 ? 17.987  12.187  -13.695 1.00 23.16 ? 128  GLU A OE2 1 
ATOM   1059 N  N   . ALA A 1 129 ? 13.220  10.635  -10.879 1.00 13.24 ? 129  ALA A N   1 
ATOM   1060 C  CA  . ALA A 1 129 ? 12.249  9.614   -10.471 1.00 13.11 ? 129  ALA A CA  1 
ATOM   1061 C  C   . ALA A 1 129 ? 11.053  10.264  -9.768  1.00 13.05 ? 129  ALA A C   1 
ATOM   1062 O  O   . ALA A 1 129 ? 9.904   9.934   -10.053 1.00 12.60 ? 129  ALA A O   1 
ATOM   1063 C  CB  . ALA A 1 129 ? 12.907  8.580   -9.564  1.00 13.09 ? 129  ALA A CB  1 
ATOM   1064 N  N   . ALA A 1 130 ? 11.336  11.199  -8.865  1.00 12.92 ? 130  ALA A N   1 
ATOM   1065 C  CA  . ALA A 1 130 ? 10.293  11.892  -8.097  1.00 13.59 ? 130  ALA A CA  1 
ATOM   1066 C  C   . ALA A 1 130 ? 9.339   12.688  -9.000  1.00 13.74 ? 130  ALA A C   1 
ATOM   1067 O  O   . ALA A 1 130 ? 8.117   12.636  -8.822  1.00 13.76 ? 130  ALA A O   1 
ATOM   1068 C  CB  . ALA A 1 130 ? 10.926  12.792  -7.042  1.00 13.63 ? 130  ALA A CB  1 
ATOM   1069 N  N   . VAL A 1 131 ? 9.905   13.409  -9.966  1.00 13.79 ? 131  VAL A N   1 
ATOM   1070 C  CA  . VAL A 1 131 ? 9.128   14.139  -10.976 1.00 14.06 ? 131  VAL A CA  1 
ATOM   1071 C  C   . VAL A 1 131 ? 8.248   13.174  -11.780 1.00 13.72 ? 131  VAL A C   1 
ATOM   1072 O  O   . VAL A 1 131 ? 7.047   13.416  -11.954 1.00 13.96 ? 131  VAL A O   1 
ATOM   1073 C  CB  . VAL A 1 131 ? 10.047  14.996  -11.909 1.00 14.21 ? 131  VAL A CB  1 
ATOM   1074 C  CG1 . VAL A 1 131 ? 9.282   15.483  -13.153 1.00 14.24 ? 131  VAL A CG1 1 
ATOM   1075 C  CG2 . VAL A 1 131 ? 10.611  16.187  -11.142 1.00 14.61 ? 131  VAL A CG2 1 
ATOM   1076 N  N   . ASN A 1 132 ? 8.842   12.074  -12.244 1.00 13.67 ? 132  ASN A N   1 
ATOM   1077 C  CA  . ASN A 1 132 ? 8.101   11.087  -13.036 1.00 13.52 ? 132  ASN A CA  1 
ATOM   1078 C  C   . ASN A 1 132 ? 6.959   10.418  -12.259 1.00 13.23 ? 132  ASN A C   1 
ATOM   1079 O  O   . ASN A 1 132 ? 5.868   10.220  -12.798 1.00 12.64 ? 132  ASN A O   1 
ATOM   1080 C  CB  . ASN A 1 132 ? 9.033   10.033  -13.640 1.00 13.56 ? 132  ASN A CB  1 
ATOM   1081 C  CG  . ASN A 1 132 ? 8.333   9.176   -14.673 1.00 14.77 ? 132  ASN A CG  1 
ATOM   1082 O  OD1 . ASN A 1 132 ? 7.827   8.103   -14.361 1.00 16.88 ? 132  ASN A OD1 1 
ATOM   1083 N  ND2 . ASN A 1 132 ? 8.264   9.668   -15.905 1.00 16.72 ? 132  ASN A ND2 1 
ATOM   1084 N  N   . LEU A 1 133 ? 7.217   10.087  -10.996 1.00 12.95 ? 133  LEU A N   1 
ATOM   1085 C  CA  . LEU A 1 133 ? 6.214   9.450   -10.134 1.00 12.91 ? 133  LEU A CA  1 
ATOM   1086 C  C   . LEU A 1 133 ? 4.947   10.295  -9.953  1.00 12.91 ? 133  LEU A C   1 
ATOM   1087 O  O   . LEU A 1 133 ? 3.841   9.749   -9.840  1.00 13.06 ? 133  LEU A O   1 
ATOM   1088 C  CB  . LEU A 1 133 ? 6.818   9.114   -8.764  1.00 12.50 ? 133  LEU A CB  1 
ATOM   1089 C  CG  . LEU A 1 133 ? 7.728   7.875   -8.666  1.00 12.01 ? 133  LEU A CG  1 
ATOM   1090 C  CD1 . LEU A 1 133 ? 8.587   7.934   -7.407  1.00 11.81 ? 133  LEU A CD1 1 
ATOM   1091 C  CD2 . LEU A 1 133 ? 6.926   6.578   -8.707  1.00 11.74 ? 133  LEU A CD2 1 
ATOM   1092 N  N   . ALA A 1 134 ? 5.112   11.618  -9.919  1.00 12.61 ? 134  ALA A N   1 
ATOM   1093 C  CA  . ALA A 1 134 ? 3.988   12.543  -9.712  1.00 13.14 ? 134  ALA A CA  1 
ATOM   1094 C  C   . ALA A 1 134 ? 3.093   12.706  -10.953 1.00 13.09 ? 134  ALA A C   1 
ATOM   1095 O  O   . ALA A 1 134 ? 1.981   13.229  -10.861 1.00 13.08 ? 134  ALA A O   1 
ATOM   1096 C  CB  . ALA A 1 134 ? 4.498   13.910  -9.230  1.00 12.49 ? 134  ALA A CB  1 
ATOM   1097 N  N   . LYS A 1 135 ? 3.604   12.281  -12.107 1.00 13.27 ? 135  LYS A N   1 
ATOM   1098 C  CA  . LYS A 1 135 ? 2.863   12.296  -13.371 1.00 14.11 ? 135  LYS A CA  1 
ATOM   1099 C  C   . LYS A 1 135 ? 1.995   11.044  -13.468 1.00 12.84 ? 135  LYS A C   1 
ATOM   1100 O  O   . LYS A 1 135 ? 2.218   10.183  -14.313 1.00 13.53 ? 135  LYS A O   1 
ATOM   1101 C  CB  . LYS A 1 135 ? 3.849   12.376  -14.548 1.00 13.76 ? 135  LYS A CB  1 
ATOM   1102 C  CG  . LYS A 1 135 ? 4.595   13.708  -14.636 1.00 15.99 ? 135  LYS A CG  1 
ATOM   1103 C  CD  . LYS A 1 135 ? 5.715   13.646  -15.683 1.00 16.56 ? 135  LYS A CD  1 
ATOM   1104 C  CE  . LYS A 1 135 ? 6.428   14.983  -15.781 1.00 20.65 ? 135  LYS A CE  1 
ATOM   1105 N  NZ  . LYS A 1 135 ? 7.438   14.972  -16.881 1.00 23.53 ? 135  LYS A NZ  1 
ATOM   1106 N  N   . SER A 1 136 ? 1.009   10.939  -12.580 1.00 12.51 ? 136  SER A N   1 
ATOM   1107 C  CA  . SER A 1 136 ? 0.240   9.711   -12.430 1.00 11.72 ? 136  SER A CA  1 
ATOM   1108 C  C   . SER A 1 136 ? -1.159  9.992   -11.906 1.00 11.67 ? 136  SER A C   1 
ATOM   1109 O  O   . SER A 1 136 ? -1.372  10.975  -11.186 1.00 11.19 ? 136  SER A O   1 
ATOM   1110 C  CB  . SER A 1 136 ? 0.951   8.781   -11.440 1.00 11.38 ? 136  SER A CB  1 
ATOM   1111 O  OG  . SER A 1 136 ? 1.081   9.403   -10.167 1.00 10.82 ? 136  SER A OG  1 
ATOM   1112 N  N   . ARG A 1 137 ? -2.097  9.109   -12.239 1.00 11.50 ? 137  ARG A N   1 
ATOM   1113 C  CA  . ARG A 1 137 ? -3.407  9.124   -11.598 1.00 11.98 ? 137  ARG A CA  1 
ATOM   1114 C  C   . ARG A 1 137 ? -3.237  9.046   -10.073 1.00 11.64 ? 137  ARG A C   1 
ATOM   1115 O  O   . ARG A 1 137 ? -3.902  9.764   -9.326  1.00 11.16 ? 137  ARG A O   1 
ATOM   1116 C  CB  . ARG A 1 137 ? -4.293  7.977   -12.104 1.00 11.70 ? 137  ARG A CB  1 
ATOM   1117 C  CG  . ARG A 1 137 ? -5.679  8.010   -11.466 1.00 12.54 ? 137  ARG A CG  1 
ATOM   1118 C  CD  . ARG A 1 137 ? -6.608  6.890   -11.924 1.00 12.79 ? 137  ARG A CD  1 
ATOM   1119 N  NE  . ARG A 1 137 ? -7.947  7.086   -11.356 1.00 15.73 ? 137  ARG A NE  1 
ATOM   1120 C  CZ  . ARG A 1 137 ? -8.320  6.704   -10.133 1.00 16.84 ? 137  ARG A CZ  1 
ATOM   1121 N  NH1 . ARG A 1 137 ? -7.470  6.074   -9.332  1.00 16.74 ? 137  ARG A NH1 1 
ATOM   1122 N  NH2 . ARG A 1 137 ? -9.560  6.943   -9.711  1.00 17.20 ? 137  ARG A NH2 1 
ATOM   1123 N  N   . TRP A 1 138 ? -2.323  8.185   -9.630  1.00 11.76 ? 138  TRP A N   1 
ATOM   1124 C  CA  . TRP A 1 138 ? -2.011  8.007   -8.213  1.00 12.37 ? 138  TRP A CA  1 
ATOM   1125 C  C   . TRP A 1 138 ? -1.784  9.333   -7.486  1.00 12.52 ? 138  TRP A C   1 
ATOM   1126 O  O   . TRP A 1 138 ? -2.453  9.629   -6.492  1.00 12.87 ? 138  TRP A O   1 
ATOM   1127 C  CB  . TRP A 1 138 ? -0.776  7.118   -8.089  1.00 12.60 ? 138  TRP A CB  1 
ATOM   1128 C  CG  . TRP A 1 138 ? -0.180  6.997   -6.717  1.00 13.13 ? 138  TRP A CG  1 
ATOM   1129 C  CD1 . TRP A 1 138 ? -0.812  6.591   -5.567  1.00 13.04 ? 138  TRP A CD1 1 
ATOM   1130 C  CD2 . TRP A 1 138 ? 1.192   7.226   -6.364  1.00 14.12 ? 138  TRP A CD2 1 
ATOM   1131 N  NE1 . TRP A 1 138 ? 0.084   6.576   -4.518  1.00 14.28 ? 138  TRP A NE1 1 
ATOM   1132 C  CE2 . TRP A 1 138 ? 1.318   6.963   -4.976  1.00 13.86 ? 138  TRP A CE2 1 
ATOM   1133 C  CE3 . TRP A 1 138 ? 2.327   7.641   -7.085  1.00 13.09 ? 138  TRP A CE3 1 
ATOM   1134 C  CZ2 . TRP A 1 138 ? 2.536   7.093   -4.294  1.00 14.34 ? 138  TRP A CZ2 1 
ATOM   1135 C  CZ3 . TRP A 1 138 ? 3.534   7.781   -6.407  1.00 13.65 ? 138  TRP A CZ3 1 
ATOM   1136 C  CH2 . TRP A 1 138 ? 3.631   7.498   -5.021  1.00 13.43 ? 138  TRP A CH2 1 
ATOM   1137 N  N   . TYR A 1 139 ? -0.845  10.124  -7.994  1.00 12.37 ? 139  TYR A N   1 
ATOM   1138 C  CA  . TYR A 1 139 ? -0.529  11.430  -7.421  1.00 12.87 ? 139  TYR A CA  1 
ATOM   1139 C  C   . TYR A 1 139 ? -1.744  12.364  -7.445  1.00 12.46 ? 139  TYR A C   1 
ATOM   1140 O  O   . TYR A 1 139 ? -2.046  13.000  -6.447  1.00 12.32 ? 139  TYR A O   1 
ATOM   1141 C  CB  . TYR A 1 139 ? 0.648   12.054  -8.159  1.00 13.63 ? 139  TYR A CB  1 
ATOM   1142 C  CG  . TYR A 1 139 ? 1.066   13.417  -7.669  1.00 14.78 ? 139  TYR A CG  1 
ATOM   1143 C  CD1 . TYR A 1 139 ? 2.004   13.558  -6.647  1.00 14.39 ? 139  TYR A CD1 1 
ATOM   1144 C  CD2 . TYR A 1 139 ? 0.531   14.572  -8.241  1.00 16.57 ? 139  TYR A CD2 1 
ATOM   1145 C  CE1 . TYR A 1 139 ? 2.398   14.822  -6.204  1.00 16.68 ? 139  TYR A CE1 1 
ATOM   1146 C  CE2 . TYR A 1 139 ? 0.913   15.830  -7.812  1.00 16.54 ? 139  TYR A CE2 1 
ATOM   1147 C  CZ  . TYR A 1 139 ? 1.849   15.954  -6.800  1.00 17.29 ? 139  TYR A CZ  1 
ATOM   1148 O  OH  . TYR A 1 139 ? 2.213   17.220  -6.394  1.00 18.24 ? 139  TYR A OH  1 
ATOM   1149 N  N   . ASN A 1 140 ? -2.436  12.440  -8.580  1.00 12.47 ? 140  ASN A N   1 
ATOM   1150 C  CA  . ASN A 1 140 ? -3.586  13.339  -8.701  1.00 12.28 ? 140  ASN A CA  1 
ATOM   1151 C  C   . ASN A 1 140 ? -4.735  12.985  -7.761  1.00 12.10 ? 140  ASN A C   1 
ATOM   1152 O  O   . ASN A 1 140 ? -5.376  13.875  -7.218  1.00 12.35 ? 140  ASN A O   1 
ATOM   1153 C  CB  . ASN A 1 140 ? -4.076  13.408  -10.148 1.00 12.19 ? 140  ASN A CB  1 
ATOM   1154 C  CG  . ASN A 1 140 ? -3.183  14.278  -11.020 1.00 13.20 ? 140  ASN A CG  1 
ATOM   1155 O  OD1 . ASN A 1 140 ? -2.281  13.782  -11.701 1.00 14.06 ? 140  ASN A OD1 1 
ATOM   1156 N  ND2 . ASN A 1 140 ? -3.417  15.588  -10.984 1.00 13.17 ? 140  ASN A ND2 1 
ATOM   1157 N  N   . GLN A 1 141 ? -4.977  11.693  -7.553  1.00 11.65 ? 141  GLN A N   1 
ATOM   1158 C  CA  . GLN A 1 141 ? -6.110  11.264  -6.723  1.00 11.97 ? 141  GLN A CA  1 
ATOM   1159 C  C   . GLN A 1 141 ? -5.779  11.278  -5.230  1.00 11.95 ? 141  GLN A C   1 
ATOM   1160 O  O   . GLN A 1 141 ? -6.634  11.608  -4.404  1.00 12.05 ? 141  GLN A O   1 
ATOM   1161 C  CB  . GLN A 1 141 ? -6.646  9.891   -7.160  1.00 11.68 ? 141  GLN A CB  1 
ATOM   1162 C  CG  . GLN A 1 141 ? -7.142  9.813   -8.626  1.00 13.11 ? 141  GLN A CG  1 
ATOM   1163 C  CD  . GLN A 1 141 ? -8.245  10.813  -8.972  1.00 13.72 ? 141  GLN A CD  1 
ATOM   1164 O  OE1 . GLN A 1 141 ? -8.199  11.458  -10.023 1.00 14.61 ? 141  GLN A OE1 1 
ATOM   1165 N  NE2 . GLN A 1 141 ? -9.232  10.944  -8.100  1.00 13.29 ? 141  GLN A NE2 1 
ATOM   1166 N  N   . THR A 1 142 ? -4.545  10.916  -4.883  1.00 11.55 ? 142  THR A N   1 
ATOM   1167 C  CA  . THR A 1 142 ? -4.096  10.977  -3.481  1.00 11.47 ? 142  THR A CA  1 
ATOM   1168 C  C   . THR A 1 142 ? -2.788  11.762  -3.371  1.00 11.46 ? 142  THR A C   1 
ATOM   1169 O  O   . THR A 1 142 ? -1.738  11.165  -3.129  1.00 11.13 ? 142  THR A O   1 
ATOM   1170 C  CB  . THR A 1 142 ? -3.934  9.559   -2.839  1.00 11.69 ? 142  THR A CB  1 
ATOM   1171 O  OG1 . THR A 1 142 ? -3.098  8.734   -3.665  1.00 10.77 ? 142  THR A OG1 1 
ATOM   1172 C  CG2 . THR A 1 142 ? -5.296  8.883   -2.649  1.00 12.13 ? 142  THR A CG2 1 
ATOM   1173 N  N   . PRO A 1 143 ? -2.844  13.100  -3.568  1.00 11.61 ? 143  PRO A N   1 
ATOM   1174 C  CA  . PRO A 1 143 ? -1.616  13.895  -3.626  1.00 11.38 ? 143  PRO A CA  1 
ATOM   1175 C  C   . PRO A 1 143 ? -0.813  13.940  -2.325  1.00 11.75 ? 143  PRO A C   1 
ATOM   1176 O  O   . PRO A 1 143 ? 0.395   13.751  -2.374  1.00 11.54 ? 143  PRO A O   1 
ATOM   1177 C  CB  . PRO A 1 143 ? -2.098  15.291  -4.069  1.00 11.63 ? 143  PRO A CB  1 
ATOM   1178 C  CG  . PRO A 1 143 ? -3.524  15.341  -3.736  1.00 11.43 ? 143  PRO A CG  1 
ATOM   1179 C  CD  . PRO A 1 143 ? -4.043  13.926  -3.815  1.00 11.37 ? 143  PRO A CD  1 
ATOM   1180 N  N   . ASN A 1 144 ? -1.467  14.140  -1.178  1.00 11.71 ? 144  ASN A N   1 
ATOM   1181 C  CA  . ASN A 1 144 ? -0.741  14.239  0.094   1.00 12.37 ? 144  ASN A CA  1 
ATOM   1182 C  C   . ASN A 1 144 ? 0.014   12.956  0.459   1.00 12.06 ? 144  ASN A C   1 
ATOM   1183 O  O   . ASN A 1 144 ? 1.160   13.012  0.888   1.00 11.80 ? 144  ASN A O   1 
ATOM   1184 C  CB  . ASN A 1 144 ? -1.657  14.698  1.237   1.00 12.74 ? 144  ASN A CB  1 
ATOM   1185 C  CG  . ASN A 1 144 ? -2.047  16.183  1.122   1.00 14.36 ? 144  ASN A CG  1 
ATOM   1186 O  OD1 . ASN A 1 144 ? -1.597  16.893  0.224   1.00 17.82 ? 144  ASN A OD1 1 
ATOM   1187 N  ND2 . ASN A 1 144 ? -2.883  16.646  2.036   1.00 16.08 ? 144  ASN A ND2 1 
ATOM   1188 N  N   . ARG A 1 145 ? -0.629  11.810  0.255   1.00 11.50 ? 145  ARG A N   1 
ATOM   1189 C  CA  . ARG A 1 145 ? 0.025   10.523  0.473   1.00 11.84 ? 145  ARG A CA  1 
ATOM   1190 C  C   . ARG A 1 145 ? 1.145   10.288  -0.548  1.00 11.37 ? 145  ARG A C   1 
ATOM   1191 O  O   . ARG A 1 145 ? 2.253   9.867   -0.176  1.00 11.23 ? 145  ARG A O   1 
ATOM   1192 C  CB  . ARG A 1 145 ? -0.990  9.385   0.415   1.00 11.82 ? 145  ARG A CB  1 
ATOM   1193 C  CG  . ARG A 1 145 ? -0.435  8.066   0.970   1.00 13.22 ? 145  ARG A CG  1 
ATOM   1194 C  CD  . ARG A 1 145 ? -0.844  6.932   0.100   1.00 15.11 ? 145  ARG A CD  1 
ATOM   1195 N  NE  . ARG A 1 145 ? -0.390  5.630   0.591   1.00 13.36 ? 145  ARG A NE  1 
ATOM   1196 C  CZ  . ARG A 1 145 ? -1.202  4.664   1.020   1.00 14.65 ? 145  ARG A CZ  1 
ATOM   1197 N  NH1 . ARG A 1 145 ? -2.517  4.846   1.038   1.00 13.77 ? 145  ARG A NH1 1 
ATOM   1198 N  NH2 . ARG A 1 145 ? -0.699  3.507   1.436   1.00 12.69 ? 145  ARG A NH2 1 
ATOM   1199 N  N   . ALA A 1 146 ? 0.854   10.555  -1.825  1.00 11.34 ? 146  ALA A N   1 
ATOM   1200 C  CA  . ALA A 1 146 ? 1.831   10.370  -2.901  1.00 11.72 ? 146  ALA A CA  1 
ATOM   1201 C  C   . ALA A 1 146 ? 3.060   11.220  -2.639  1.00 11.91 ? 146  ALA A C   1 
ATOM   1202 O  O   . ALA A 1 146 ? 4.191   10.758  -2.813  1.00 11.77 ? 146  ALA A O   1 
ATOM   1203 C  CB  . ALA A 1 146 ? 1.231   10.703  -4.268  1.00 11.82 ? 146  ALA A CB  1 
ATOM   1204 N  N   . LYS A 1 147 ? 2.825   12.452  -2.188  1.00 11.92 ? 147  LYS A N   1 
ATOM   1205 C  CA  . LYS A 1 147 ? 3.898   13.384  -1.869  1.00 12.00 ? 147  LYS A CA  1 
ATOM   1206 C  C   . LYS A 1 147 ? 4.810   12.833  -0.769  1.00 11.93 ? 147  LYS A C   1 
ATOM   1207 O  O   . LYS A 1 147 ? 6.028   12.951  -0.867  1.00 11.71 ? 147  LYS A O   1 
ATOM   1208 C  CB  . LYS A 1 147 ? 3.333   14.745  -1.467  1.00 12.40 ? 147  LYS A CB  1 
ATOM   1209 C  CG  . LYS A 1 147 ? 3.028   15.644  -2.654  1.00 14.40 ? 147  LYS A CG  1 
ATOM   1210 C  CD  . LYS A 1 147 ? 2.460   16.982  -2.208  1.00 18.06 ? 147  LYS A CD  1 
ATOM   1211 C  CE  . LYS A 1 147 ? 1.782   17.671  -3.382  1.00 20.04 ? 147  LYS A CE  1 
ATOM   1212 N  NZ  . LYS A 1 147 ? 1.087   18.917  -2.984  1.00 22.29 ? 147  LYS A NZ  1 
ATOM   1213 N  N   . ARG A 1 148 ? 4.215   12.222  0.260   1.00 11.80 ? 148  ARG A N   1 
ATOM   1214 C  CA  . ARG A 1 148 ? 4.998   11.569  1.322   1.00 12.13 ? 148  ARG A CA  1 
ATOM   1215 C  C   . ARG A 1 148 ? 5.836   10.400  0.795   1.00 11.78 ? 148  ARG A C   1 
ATOM   1216 O  O   . ARG A 1 148 ? 7.027   10.285  1.105   1.00 12.10 ? 148  ARG A O   1 
ATOM   1217 C  CB  . ARG A 1 148 ? 4.090   11.100  2.457   1.00 11.66 ? 148  ARG A CB  1 
ATOM   1218 C  CG  . ARG A 1 148 ? 3.516   12.233  3.303   1.00 11.99 ? 148  ARG A CG  1 
ATOM   1219 C  CD  . ARG A 1 148 ? 2.927   11.677  4.597   1.00 10.90 ? 148  ARG A CD  1 
ATOM   1220 N  NE  . ARG A 1 148 ? 1.692   10.926  4.380   1.00 11.90 ? 148  ARG A NE  1 
ATOM   1221 C  CZ  . ARG A 1 148 ? 0.481   11.476  4.292   1.00 12.81 ? 148  ARG A CZ  1 
ATOM   1222 N  NH1 . ARG A 1 148 ? 0.329   12.793  4.397   1.00 13.95 ? 148  ARG A NH1 1 
ATOM   1223 N  NH2 . ARG A 1 148 ? -0.583  10.709  4.101   1.00 12.89 ? 148  ARG A NH2 1 
ATOM   1224 N  N   . VAL A 1 149 ? 5.208   9.538   0.002   1.00 11.74 ? 149  VAL A N   1 
ATOM   1225 C  CA  . VAL A 1 149 ? 5.886   8.371   -0.581  1.00 11.36 ? 149  VAL A CA  1 
ATOM   1226 C  C   . VAL A 1 149 ? 7.002   8.810   -1.540  1.00 11.43 ? 149  VAL A C   1 
ATOM   1227 O  O   . VAL A 1 149 ? 8.112   8.292   -1.492  1.00 10.97 ? 149  VAL A O   1 
ATOM   1228 C  CB  . VAL A 1 149 ? 4.868   7.404   -1.256  1.00 11.24 ? 149  VAL A CB  1 
ATOM   1229 C  CG1 . VAL A 1 149 ? 5.587   6.267   -1.996  1.00 12.10 ? 149  VAL A CG1 1 
ATOM   1230 C  CG2 . VAL A 1 149 ? 3.907   6.828   -0.192  1.00 10.21 ? 149  VAL A CG2 1 
ATOM   1231 N  N   . ILE A 1 150 ? 6.705   9.796   -2.383  1.00 11.54 ? 150  ILE A N   1 
ATOM   1232 C  CA  . ILE A 1 150 ? 7.682   10.343  -3.326  1.00 11.94 ? 150  ILE A CA  1 
ATOM   1233 C  C   . ILE A 1 150 ? 8.875   10.992  -2.599  1.00 11.90 ? 150  ILE A C   1 
ATOM   1234 O  O   . ILE A 1 150 ? 10.030  10.789  -2.995  1.00 12.03 ? 150  ILE A O   1 
ATOM   1235 C  CB  . ILE A 1 150 ? 7.012   11.317  -4.333  1.00 11.54 ? 150  ILE A CB  1 
ATOM   1236 C  CG1 . ILE A 1 150 ? 6.077   10.538  -5.277  1.00 12.07 ? 150  ILE A CG1 1 
ATOM   1237 C  CG2 . ILE A 1 150 ? 8.068   12.113  -5.117  1.00 12.82 ? 150  ILE A CG2 1 
ATOM   1238 C  CD1 . ILE A 1 150 ? 5.156   11.417  -6.121  1.00 12.33 ? 150  ILE A CD1 1 
ATOM   1239 N  N   . THR A 1 151 ? 8.599   11.753  -1.538  1.00 12.27 ? 151  THR A N   1 
ATOM   1240 C  CA  . THR A 1 151 ? 9.667   12.348  -0.717  1.00 12.39 ? 151  THR A CA  1 
ATOM   1241 C  C   . THR A 1 151 ? 10.577  11.265  -0.139  1.00 12.14 ? 151  THR A C   1 
ATOM   1242 O  O   . THR A 1 151 ? 11.796  11.445  -0.078  1.00 12.32 ? 151  THR A O   1 
ATOM   1243 C  CB  . THR A 1 151 ? 9.106   13.233  0.415   1.00 12.33 ? 151  THR A CB  1 
ATOM   1244 O  OG1 . THR A 1 151 ? 8.586   14.438  -0.156  1.00 13.84 ? 151  THR A OG1 1 
ATOM   1245 C  CG2 . THR A 1 151 ? 10.195  13.605  1.454   1.00 12.67 ? 151  THR A CG2 1 
ATOM   1246 N  N   . THR A 1 152 ? 9.978   10.148  0.266   1.00 12.12 ? 152  THR A N   1 
ATOM   1247 C  CA  . THR A 1 152 ? 10.732  9.002   0.776   1.00 12.23 ? 152  THR A CA  1 
ATOM   1248 C  C   . THR A 1 152 ? 11.656  8.431   -0.325  1.00 12.41 ? 152  THR A C   1 
ATOM   1249 O  O   . THR A 1 152 ? 12.831  8.154   -0.066  1.00 12.11 ? 152  THR A O   1 
ATOM   1250 C  CB  . THR A 1 152 ? 9.790   7.929   1.389   1.00 12.44 ? 152  THR A CB  1 
ATOM   1251 O  OG1 . THR A 1 152 ? 8.853   8.565   2.274   1.00 12.79 ? 152  THR A OG1 1 
ATOM   1252 C  CG2 . THR A 1 152 ? 10.582  6.866   2.169   1.00 12.60 ? 152  THR A CG2 1 
ATOM   1253 N  N   . PHE A 1 153 ? 11.148  8.313   -1.554  1.00 12.09 ? 153  PHE A N   1 
ATOM   1254 C  CA  . PHE A 1 153 ? 11.974  7.865   -2.683  1.00 12.44 ? 153  PHE A CA  1 
ATOM   1255 C  C   . PHE A 1 153 ? 13.057  8.873   -3.044  1.00 12.81 ? 153  PHE A C   1 
ATOM   1256 O  O   . PHE A 1 153 ? 14.173  8.493   -3.406  1.00 12.24 ? 153  PHE A O   1 
ATOM   1257 C  CB  . PHE A 1 153 ? 11.131  7.616   -3.941  1.00 12.48 ? 153  PHE A CB  1 
ATOM   1258 C  CG  . PHE A 1 153 ? 10.460  6.269   -3.995  1.00 12.65 ? 153  PHE A CG  1 
ATOM   1259 C  CD1 . PHE A 1 153 ? 11.203  5.089   -3.922  1.00 12.53 ? 153  PHE A CD1 1 
ATOM   1260 C  CD2 . PHE A 1 153 ? 9.083   6.185   -4.193  1.00 12.52 ? 153  PHE A CD2 1 
ATOM   1261 C  CE1 . PHE A 1 153 ? 10.576  3.840   -4.010  1.00 13.20 ? 153  PHE A CE1 1 
ATOM   1262 C  CE2 . PHE A 1 153 ? 8.435   4.943   -4.276  1.00 13.38 ? 153  PHE A CE2 1 
ATOM   1263 C  CZ  . PHE A 1 153 ? 9.188   3.763   -4.184  1.00 12.92 ? 153  PHE A CZ  1 
ATOM   1264 N  N   . ARG A 1 154 ? 12.713  10.159  -2.981  1.00 13.04 ? 154  ARG A N   1 
ATOM   1265 C  CA  . ARG A 1 154 ? 13.638  11.222  -3.363  1.00 13.75 ? 154  ARG A CA  1 
ATOM   1266 C  C   . ARG A 1 154 ? 14.835  11.319  -2.403  1.00 13.59 ? 154  ARG A C   1 
ATOM   1267 O  O   . ARG A 1 154 ? 15.976  11.442  -2.855  1.00 13.29 ? 154  ARG A O   1 
ATOM   1268 C  CB  . ARG A 1 154 ? 12.920  12.573  -3.475  1.00 13.60 ? 154  ARG A CB  1 
ATOM   1269 C  CG  . ARG A 1 154 ? 13.790  13.683  -4.070  1.00 14.17 ? 154  ARG A CG  1 
ATOM   1270 C  CD  . ARG A 1 154 ? 13.061  15.028  -4.128  1.00 15.38 ? 154  ARG A CD  1 
ATOM   1271 N  NE  . ARG A 1 154 ? 12.515  15.445  -2.832  1.00 18.73 ? 154  ARG A NE  1 
ATOM   1272 C  CZ  . ARG A 1 154 ? 13.196  16.099  -1.883  1.00 21.06 ? 154  ARG A CZ  1 
ATOM   1273 N  NH1 . ARG A 1 154 ? 14.474  16.420  -2.055  1.00 21.97 ? 154  ARG A NH1 1 
ATOM   1274 N  NH2 . ARG A 1 154 ? 12.597  16.426  -0.745  1.00 22.67 ? 154  ARG A NH2 1 
ATOM   1275 N  N   . THR A 1 155 ? 14.562  11.220  -1.099  1.00 13.73 ? 155  THR A N   1 
ATOM   1276 C  CA  . THR A 1 155 ? 15.551  11.507  -0.041  1.00 13.85 ? 155  THR A CA  1 
ATOM   1277 C  C   . THR A 1 155 ? 16.168  10.279  0.631   1.00 13.83 ? 155  THR A C   1 
ATOM   1278 O  O   . THR A 1 155 ? 17.268  10.358  1.182   1.00 14.38 ? 155  THR A O   1 
ATOM   1279 C  CB  . THR A 1 155 ? 14.945  12.370  1.093   1.00 13.89 ? 155  THR A CB  1 
ATOM   1280 O  OG1 . THR A 1 155 ? 13.917  11.628  1.771   1.00 13.76 ? 155  THR A OG1 1 
ATOM   1281 C  CG2 . THR A 1 155 ? 14.395  13.699  0.557   1.00 13.94 ? 155  THR A CG2 1 
ATOM   1282 N  N   . GLY A 1 156 ? 15.453  9.156   0.616   1.00 13.69 ? 156  GLY A N   1 
ATOM   1283 C  CA  . GLY A 1 156 ? 15.882  7.971   1.351   1.00 13.74 ? 156  GLY A CA  1 
ATOM   1284 C  C   . GLY A 1 156 ? 15.819  8.196   2.860   1.00 13.69 ? 156  GLY A C   1 
ATOM   1285 O  O   . GLY A 1 156 ? 16.522  7.529   3.629   1.00 13.17 ? 156  GLY A O   1 
ATOM   1286 N  N   . THR A 1 157 ? 14.985  9.153   3.274   1.00 13.66 ? 157  THR A N   1 
ATOM   1287 C  CA  . THR A 1 157 ? 14.775  9.467   4.688   1.00 13.78 ? 157  THR A CA  1 
ATOM   1288 C  C   . THR A 1 157 ? 13.300  9.329   5.052   1.00 14.00 ? 157  THR A C   1 
ATOM   1289 O  O   . THR A 1 157 ? 12.435  9.236   4.178   1.00 14.23 ? 157  THR A O   1 
ATOM   1290 C  CB  . THR A 1 157 ? 15.194  10.920  5.058   1.00 13.87 ? 157  THR A CB  1 
ATOM   1291 O  OG1 . THR A 1 157 ? 14.205  11.850  4.585   1.00 12.90 ? 157  THR A OG1 1 
ATOM   1292 C  CG2 . THR A 1 157 ? 16.581  11.275  4.508   1.00 14.46 ? 157  THR A CG2 1 
ATOM   1293 N  N   . TRP A 1 158 ? 13.032  9.354   6.352   1.00 14.15 ? 158  TRP A N   1 
ATOM   1294 C  CA  . TRP A 1 158 ? 11.666  9.322   6.880   1.00 14.66 ? 158  TRP A CA  1 
ATOM   1295 C  C   . TRP A 1 158 ? 11.099  10.726  7.151   1.00 14.88 ? 158  TRP A C   1 
ATOM   1296 O  O   . TRP A 1 158 ? 10.121  10.876  7.889   1.00 14.76 ? 158  TRP A O   1 
ATOM   1297 C  CB  . TRP A 1 158 ? 11.646  8.510   8.174   1.00 14.43 ? 158  TRP A CB  1 
ATOM   1298 C  CG  . TRP A 1 158 ? 11.875  7.049   7.974   1.00 14.56 ? 158  TRP A CG  1 
ATOM   1299 C  CD1 . TRP A 1 158 ? 12.942  6.313   8.412   1.00 14.65 ? 158  TRP A CD1 1 
ATOM   1300 C  CD2 . TRP A 1 158 ? 11.004  6.136   7.298   1.00 14.20 ? 158  TRP A CD2 1 
ATOM   1301 N  NE1 . TRP A 1 158 ? 12.787  4.993   8.043   1.00 15.09 ? 158  TRP A NE1 1 
ATOM   1302 C  CE2 . TRP A 1 158 ? 11.604  4.859   7.363   1.00 14.18 ? 158  TRP A CE2 1 
ATOM   1303 C  CE3 . TRP A 1 158 ? 9.768   6.274   6.644   1.00 13.72 ? 158  TRP A CE3 1 
ATOM   1304 C  CZ2 . TRP A 1 158 ? 11.013  3.723   6.796   1.00 15.06 ? 158  TRP A CZ2 1 
ATOM   1305 C  CZ3 . TRP A 1 158 ? 9.176   5.142   6.090   1.00 14.92 ? 158  TRP A CZ3 1 
ATOM   1306 C  CH2 . TRP A 1 158 ? 9.804   3.884   6.168   1.00 14.45 ? 158  TRP A CH2 1 
ATOM   1307 N  N   . ASP A 1 159 ? 11.714  11.749  6.559   1.00 15.47 ? 159  ASP A N   1 
ATOM   1308 C  CA  . ASP A 1 159 ? 11.344  13.148  6.844   1.00 15.64 ? 159  ASP A CA  1 
ATOM   1309 C  C   . ASP A 1 159 ? 9.857   13.472  6.634   1.00 15.43 ? 159  ASP A C   1 
ATOM   1310 O  O   . ASP A 1 159 ? 9.289   14.262  7.385   1.00 14.92 ? 159  ASP A O   1 
ATOM   1311 C  CB  . ASP A 1 159 ? 12.219  14.127  6.055   1.00 16.01 ? 159  ASP A CB  1 
ATOM   1312 C  CG  . ASP A 1 159 ? 13.673  14.164  6.546   1.00 17.47 ? 159  ASP A CG  1 
ATOM   1313 O  OD1 . ASP A 1 159 ? 14.023  13.501  7.554   1.00 18.75 ? 159  ASP A OD1 1 
ATOM   1314 O  OD2 . ASP A 1 159 ? 14.470  14.881  5.911   1.00 20.43 ? 159  ASP A OD2 1 
ATOM   1315 N  N   . ALA A 1 160 ? 9.232   12.851  5.636   1.00 15.55 ? 160  ALA A N   1 
ATOM   1316 C  CA  . ALA A 1 160 ? 7.817   13.108  5.331   1.00 16.27 ? 160  ALA A CA  1 
ATOM   1317 C  C   . ALA A 1 160 ? 6.847   12.513  6.367   1.00 17.02 ? 160  ALA A C   1 
ATOM   1318 O  O   . ALA A 1 160 ? 5.653   12.834  6.359   1.00 16.61 ? 160  ALA A O   1 
ATOM   1319 C  CB  . ALA A 1 160 ? 7.469   12.611  3.916   1.00 15.77 ? 160  ALA A CB  1 
ATOM   1320 N  N   . TYR A 1 161 ? 7.372   11.659  7.251   1.00 17.97 ? 161  TYR A N   1 
ATOM   1321 C  CA  . TYR A 1 161 ? 6.572   10.955  8.262   1.00 19.90 ? 161  TYR A CA  1 
ATOM   1322 C  C   . TYR A 1 161 ? 6.926   11.322  9.708   1.00 22.21 ? 161  TYR A C   1 
ATOM   1323 O  O   . TYR A 1 161 ? 6.232   10.920  10.643  1.00 22.27 ? 161  TYR A O   1 
ATOM   1324 C  CB  . TYR A 1 161 ? 6.667   9.439   8.071   1.00 18.28 ? 161  TYR A CB  1 
ATOM   1325 C  CG  . TYR A 1 161 ? 5.978   8.948   6.815   1.00 16.74 ? 161  TYR A CG  1 
ATOM   1326 C  CD1 . TYR A 1 161 ? 6.662   8.894   5.604   1.00 14.80 ? 161  TYR A CD1 1 
ATOM   1327 C  CD2 . TYR A 1 161 ? 4.638   8.550   6.840   1.00 14.30 ? 161  TYR A CD2 1 
ATOM   1328 C  CE1 . TYR A 1 161 ? 6.038   8.454   4.443   1.00 13.82 ? 161  TYR A CE1 1 
ATOM   1329 C  CE2 . TYR A 1 161 ? 3.997   8.108   5.679   1.00 13.46 ? 161  TYR A CE2 1 
ATOM   1330 C  CZ  . TYR A 1 161 ? 4.708   8.066   4.486   1.00 14.50 ? 161  TYR A CZ  1 
ATOM   1331 O  OH  . TYR A 1 161 ? 4.108   7.631   3.329   1.00 15.03 ? 161  TYR A OH  1 
ATOM   1332 N  N   . LYS A 1 162 ? 8.018   12.061  9.885   1.00 25.55 ? 162  LYS A N   1 
ATOM   1333 C  CA  . LYS A 1 162 ? 8.346   12.656  11.182  1.00 28.71 ? 162  LYS A CA  1 
ATOM   1334 C  C   . LYS A 1 162 ? 7.471   13.894  11.369  1.00 30.24 ? 162  LYS A C   1 
ATOM   1335 O  O   . LYS A 1 162 ? 7.251   14.651  10.414  1.00 30.90 ? 162  LYS A O   1 
ATOM   1336 C  CB  . LYS A 1 162 ? 9.841   12.999  11.257  1.00 29.02 ? 162  LYS A CB  1 
ATOM   1337 C  CG  . LYS A 1 162 ? 10.737  11.766  11.330  1.00 30.75 ? 162  LYS A CG  1 
ATOM   1338 C  CD  . LYS A 1 162 ? 12.189  12.079  10.969  1.00 34.03 ? 162  LYS A CD  1 
ATOM   1339 C  CE  . LYS A 1 162 ? 13.001  10.787  10.869  1.00 34.74 ? 162  LYS A CE  1 
ATOM   1340 N  NZ  . LYS A 1 162 ? 14.356  10.962  10.282  1.00 36.03 ? 162  LYS A NZ  1 
ATOM   1341 N  N   . ASN A 1 163 ? 6.963   14.081  12.589  1.00 32.12 ? 163  ASN A N   1 
ATOM   1342 C  CA  . ASN A 1 163 ? 5.918   15.077  12.892  1.00 33.78 ? 163  ASN A CA  1 
ATOM   1343 C  C   . ASN A 1 163 ? 4.512   14.465  12.748  1.00 34.39 ? 163  ASN A C   1 
ATOM   1344 O  O   . ASN A 1 163 ? 3.517   15.044  13.198  1.00 34.88 ? 163  ASN A O   1 
ATOM   1345 C  CB  . ASN A 1 163 ? 6.100   16.354  12.041  1.00 34.16 ? 163  ASN A CB  1 
ATOM   1346 C  CG  . ASN A 1 163 ? 4.911   17.313  12.115  1.00 35.65 ? 163  ASN A CG  1 
ATOM   1347 O  OD1 . ASN A 1 163 ? 4.408   17.768  11.084  1.00 36.88 ? 163  ASN A OD1 1 
ATOM   1348 N  ND2 . ASN A 1 163 ? 4.468   17.632  13.331  1.00 37.53 ? 163  ASN A ND2 1 
ATOM   1349 N  N   . LEU A 1 164 ? 4.449   13.279  12.145  1.00 35.02 ? 164  LEU A N   1 
ATOM   1350 C  CA  . LEU A 1 164 ? 3.190   12.563  11.936  1.00 35.49 ? 164  LEU A CA  1 
ATOM   1351 C  C   . LEU A 1 164 ? 3.063   11.371  12.884  1.00 35.77 ? 164  LEU A C   1 
ATOM   1352 O  O   . LEU A 1 164 ? 1.979   10.806  13.066  1.00 35.89 ? 164  LEU A O   1 
ATOM   1353 C  CB  . LEU A 1 164 ? 3.086   12.088  10.481  1.00 35.58 ? 164  LEU A CB  1 
ATOM   1354 C  CG  . LEU A 1 164 ? 2.662   13.055  9.371   1.00 35.76 ? 164  LEU A CG  1 
ATOM   1355 C  CD1 . LEU A 1 164 ? 3.578   14.265  9.220   1.00 35.99 ? 164  LEU A CD1 1 
ATOM   1356 C  CD2 . LEU A 1 164 ? 2.592   12.295  8.069   1.00 35.42 ? 164  LEU A CD2 1 
ATOM   1357 O  OXT . LEU A 1 164 ? 4.047   10.936  13.486  1.00 35.98 ? 164  LEU A OXT 1 
HETATM 1358 P  P   . PO4 B 2 .   ? 18.901  13.274  -10.308 1.00 23.63 ? 901  PO4 A P   1 
HETATM 1359 O  O1  . PO4 B 2 .   ? 20.017  12.278  -10.576 1.00 21.11 ? 901  PO4 A O1  1 
HETATM 1360 O  O2  . PO4 B 2 .   ? 18.545  13.336  -8.839  1.00 20.59 ? 901  PO4 A O2  1 
HETATM 1361 O  O3  . PO4 B 2 .   ? 17.661  12.810  -11.066 1.00 20.80 ? 901  PO4 A O3  1 
HETATM 1362 O  O4  . PO4 B 2 .   ? 19.360  14.636  -10.804 1.00 21.95 ? 901  PO4 A O4  1 
HETATM 1363 P  P   . PO4 C 2 .   ? -3.049  14.593  5.026   1.00 36.88 ? 902  PO4 A P   1 
HETATM 1364 O  O1  . PO4 C 2 .   ? -2.756  13.137  4.763   1.00 37.29 ? 902  PO4 A O1  1 
HETATM 1365 O  O2  . PO4 C 2 .   ? -1.765  15.377  4.936   1.00 37.32 ? 902  PO4 A O2  1 
HETATM 1366 O  O3  . PO4 C 2 .   ? -3.636  14.768  6.409   1.00 37.59 ? 902  PO4 A O3  1 
HETATM 1367 O  O4  . PO4 C 2 .   ? -4.048  15.108  4.014   1.00 36.54 ? 902  PO4 A O4  1 
HETATM 1368 CL CL  . CL  D 3 .   ? -21.176 -2.629  8.438   1.00 60.52 ? 903  CL  A CL  1 
HETATM 1369 F  F6  A BCF E 4 .   ? 8.482   2.643   -7.681  0.15 14.82 ? 900  BCF A F6  1 
HETATM 1370 F  F6  B BCF E 4 .   ? 6.114   1.454   -7.478  0.13 57.48 ? 900  BCF A F6  1 
HETATM 1371 F  F6  C BCF E 4 .   ? 5.613   -1.002  -7.103  0.13 42.83 ? 900  BCF A F6  1 
HETATM 1372 F  F6  D BCF E 4 .   ? 7.554   -2.521  -6.408  0.13 7.95  ? 900  BCF A F6  1 
HETATM 1373 F  F6  E BCF E 4 .   ? 10.024  -1.703  -6.206  0.13 50.61 ? 900  BCF A F6  1 
HETATM 1374 F  F6  F BCF E 4 .   ? 10.465  1.322   -6.617  0.11 40.59 ? 900  BCF A F6  1 
HETATM 1375 C  C6  A BCF E 4 .   ? 8.410   1.343   -7.352  0.15 14.81 ? 900  BCF A C6  1 
HETATM 1376 C  C6  B BCF E 4 .   ? 7.246   0.792   -7.180  0.13 57.46 ? 900  BCF A C6  1 
HETATM 1377 C  C6  C BCF E 4 .   ? 6.808   -0.391  -7.010  0.13 42.86 ? 900  BCF A C6  1 
HETATM 1378 C  C6  D BCF E 4 .   ? 7.694   -1.215  -6.692  0.13 7.98  ? 900  BCF A C6  1 
HETATM 1379 C  C6  E BCF E 4 .   ? 8.980   -0.917  -6.524  0.13 50.63 ? 900  BCF A C6  1 
HETATM 1380 C  C6  F BCF E 4 .   ? 9.358   0.572   -6.758  0.11 40.60 ? 900  BCF A C6  1 
HETATM 1381 C  C1  A BCF E 4 .   ? 7.231   0.654   -7.581  0.15 14.74 ? 900  BCF A C1  1 
HETATM 1382 C  C1  B BCF E 4 .   ? 7.231   -0.588  -7.068  0.13 57.46 ? 900  BCF A C1  1 
HETATM 1383 C  C1  C BCF E 4 .   ? 7.931   -1.106  -6.617  0.13 42.85 ? 900  BCF A C1  1 
HETATM 1384 C  C1  D BCF E 4 .   ? 8.950   -0.624  -6.673  0.13 7.95  ? 900  BCF A C1  1 
HETATM 1385 C  C1  E BCF E 4 .   ? 9.155   0.454   -6.650  0.13 50.62 ? 900  BCF A C1  1 
HETATM 1386 C  C1  F BCF E 4 .   ? 8.164   1.160   -7.152  0.11 40.61 ? 900  BCF A C1  1 
HETATM 1387 CL CL1 A BCF E 4 .   ? 5.841   1.523   -8.307  0.15 14.67 ? 900  BCF A CL1 1 
HETATM 1388 CL CL1 B BCF E 4 .   ? 5.693   -1.470  -7.321  0.13 57.46 ? 900  BCF A CL1 1 
HETATM 1389 CL CL1 C BCF E 4 .   ? 7.802   -2.850  -6.228  0.13 42.84 ? 900  BCF A CL1 1 
HETATM 1390 CL CL1 D BCF E 4 .   ? 10.406  -1.595  -6.270  0.13 7.78  ? 900  BCF A CL1 1 
HETATM 1391 CL CL1 E BCF E 4 .   ? 10.774  1.179   -6.392  0.13 50.63 ? 900  BCF A CL1 1 
HETATM 1392 CL CL1 F BCF E 4 .   ? 8.077   2.921   -7.478  0.11 40.63 ? 900  BCF A CL1 1 
HETATM 1393 C  C5  A BCF E 4 .   ? 9.500   0.688   -6.796  0.15 14.72 ? 900  BCF A C5  1 
HETATM 1394 C  C5  B BCF E 4 .   ? 8.428   1.488   -6.986  0.13 57.45 ? 900  BCF A C5  1 
HETATM 1395 C  C5  C BCF E 4 .   ? 6.920   0.958   -7.308  0.13 42.86 ? 900  BCF A C5  1 
HETATM 1396 C  C5  D BCF E 4 .   ? 6.577   -0.454  -7.007  0.13 8.00  ? 900  BCF A C5  1 
HETATM 1397 C  C5  E BCF E 4 .   ? 7.726   -1.477  -6.721  0.13 50.63 ? 900  BCF A C5  1 
HETATM 1398 C  C5  F BCF E 4 .   ? 9.409   -0.793  -6.516  0.11 40.60 ? 900  BCF A C5  1 
HETATM 1399 F  F5  A BCF E 4 .   ? 10.648  1.351   -6.573  0.15 14.70 ? 900  BCF A F5  1 
HETATM 1400 F  F5  B BCF E 4 .   ? 8.432   2.827   -7.099  0.13 57.47 ? 900  BCF A F5  1 
HETATM 1401 F  F5  C BCF E 4 .   ? 5.836   1.653   -7.689  0.13 42.90 ? 900  BCF A F5  1 
HETATM 1402 F  F5  D BCF E 4 .   ? 5.358   -1.013  -7.031  0.13 7.83  ? 900  BCF A F5  1 
HETATM 1403 F  F5  E BCF E 4 .   ? 7.559   -2.805  -6.596  0.13 50.64 ? 900  BCF A F5  1 
HETATM 1404 F  F5  F BCF E 4 .   ? 10.565  -1.364  -6.133  0.11 40.59 ? 900  BCF A F5  1 
HETATM 1405 C  C4  A BCF E 4 .   ? 9.406   -0.657  -6.472  0.15 14.73 ? 900  BCF A C4  1 
HETATM 1406 C  C4  B BCF E 4 .   ? 9.596   0.800   -6.678  0.13 57.44 ? 900  BCF A C4  1 
HETATM 1407 C  C4  C BCF E 4 .   ? 8.149   1.593   -7.214  0.13 42.86 ? 900  BCF A C4  1 
HETATM 1408 C  C4  D BCF E 4 .   ? 6.713   0.892   -7.299  0.13 8.01  ? 900  BCF A C4  1 
HETATM 1409 C  C4  E BCF E 4 .   ? 6.649   -0.665  -7.048  0.13 50.63 ? 900  BCF A C4  1 
HETATM 1410 C  C4  F BCF E 4 .   ? 8.268   -1.569  -6.660  0.11 40.61 ? 900  BCF A C4  1 
HETATM 1411 F  F4  A BCF E 4 .   ? 10.462  -1.293  -5.932  0.15 14.75 ? 900  BCF A F4  1 
HETATM 1412 F  F4  B BCF E 4 .   ? 10.747  1.468   -6.488  0.13 57.45 ? 900  BCF A F4  1 
HETATM 1413 F  F4  C BCF E 4 .   ? 8.243   2.901   -7.506  0.13 42.87 ? 900  BCF A F4  1 
HETATM 1414 F  F4  D BCF E 4 .   ? 5.624   1.615   -7.603  0.13 8.13  ? 900  BCF A F4  1 
HETATM 1415 F  F4  E BCF E 4 .   ? 5.434   -1.204  -7.242  0.13 50.62 ? 900  BCF A F4  1 
HETATM 1416 F  F4  F BCF E 4 .   ? 8.321   -2.891  -6.420  0.11 40.59 ? 900  BCF A F4  1 
HETATM 1417 C  C3  A BCF E 4 .   ? 8.223   -1.347  -6.698  0.15 14.79 ? 900  BCF A C3  1 
HETATM 1418 C  C3  B BCF E 4 .   ? 9.578   -0.584  -6.567  0.13 57.45 ? 900  BCF A C3  1 
HETATM 1419 C  C3  C BCF E 4 .   ? 9.271   0.876   -6.820  0.13 42.84 ? 900  BCF A C3  1 
HETATM 1420 C  C3  D BCF E 4 .   ? 7.966   1.487   -7.278  0.13 7.99  ? 900  BCF A C3  1 
HETATM 1421 C  C3  E BCF E 4 .   ? 6.826   0.705   -7.174  0.13 50.64 ? 900  BCF A C3  1 
HETATM 1422 C  C3  F BCF E 4 .   ? 7.075   -0.979  -7.054  0.11 40.62 ? 900  BCF A C3  1 
HETATM 1423 F  F3  A BCF E 4 .   ? 8.143   -2.649  -6.373  0.15 14.72 ? 900  BCF A F3  1 
HETATM 1424 F  F3  B BCF E 4 .   ? 10.708  -1.249  -6.268  0.13 57.44 ? 900  BCF A F3  1 
HETATM 1425 F  F3  C BCF E 4 .   ? 10.468  1.480   -6.726  0.13 42.84 ? 900  BCF A F3  1 
HETATM 1426 F  F3  D BCF E 4 .   ? 8.093   2.795   -7.565  0.13 8.04  ? 900  BCF A F3  1 
HETATM 1427 F  F3  E BCF E 4 .   ? 5.784   1.493   -7.490  0.13 50.66 ? 900  BCF A F3  1 
HETATM 1428 F  F3  F BCF E 4 .   ? 5.966   -1.724  -7.199  0.11 40.63 ? 900  BCF A F3  1 
HETATM 1429 C  C2  A BCF E 4 .   ? 7.132   -0.690  -7.255  0.15 14.80 ? 900  BCF A C2  1 
HETATM 1430 C  C2  B BCF E 4 .   ? 8.394   -1.279  -6.759  0.13 57.45 ? 900  BCF A C2  1 
HETATM 1431 C  C2  C BCF E 4 .   ? 9.162   -0.474  -6.525  0.13 42.85 ? 900  BCF A C2  1 
HETATM 1432 C  C2  D BCF E 4 .   ? 9.083   0.727   -6.961  0.13 7.93  ? 900  BCF A C2  1 
HETATM 1433 C  C2  E BCF E 4 .   ? 8.079   1.265   -6.976  0.13 50.63 ? 900  BCF A C2  1 
HETATM 1434 C  C2  F BCF E 4 .   ? 7.026   0.384   -7.299  0.11 40.61 ? 900  BCF A C2  1 
HETATM 1435 F  F2  A BCF E 4 .   ? 5.980   -1.347  -7.480  0.15 14.83 ? 900  BCF A F2  1 
HETATM 1436 F  F2  B BCF E 4 .   ? 8.376   -2.620  -6.650  0.13 57.45 ? 900  BCF A F2  1 
HETATM 1437 F  F2  C BCF E 4 .   ? 10.247  -1.170  -6.143  0.13 42.84 ? 900  BCF A F2  1 
HETATM 1438 F  F2  D BCF E 4 .   ? 10.300  1.296   -6.941  0.13 7.92  ? 900  BCF A F2  1 
HETATM 1439 F  F2  E BCF E 4 .   ? 8.247   2.594   -7.100  0.13 50.64 ? 900  BCF A F2  1 
HETATM 1440 F  F2  F BCF E 4 .   ? 5.876   0.962   -7.680  0.11 40.59 ? 900  BCF A F2  1 
HETATM 1441 C  C1  . HED F 5 .   ? 11.840  -2.088  4.372   1.00 67.58 ? 904  HED A C1  1 
HETATM 1442 O  O1  . HED F 5 .   ? 12.478  -2.998  3.509   1.00 67.58 ? 904  HED A O1  1 
HETATM 1443 C  C2  . HED F 5 .   ? 10.488  -2.659  4.766   1.00 68.09 ? 904  HED A C2  1 
HETATM 1444 S  S3  . HED F 5 .   ? 10.634  -4.069  5.890   1.00 68.32 ? 904  HED A S3  1 
HETATM 1445 S  S4  . HED F 5 .   ? 9.928   -5.620  4.776   1.00 68.79 ? 904  HED A S4  1 
HETATM 1446 C  C5  . HED F 5 .   ? 10.966  -7.036  5.216   1.00 68.34 ? 904  HED A C5  1 
HETATM 1447 C  C6  . HED F 5 .   ? 11.231  -7.134  6.713   1.00 68.35 ? 904  HED A C6  1 
HETATM 1448 O  O6  . HED F 5 .   ? 10.042  -6.936  7.448   1.00 67.99 ? 904  HED A O6  1 
HETATM 1449 C  C1  . HED G 5 .   ? -6.194  -7.082  0.403   1.00 43.56 ? 905  HED A C1  1 
HETATM 1450 O  O1  . HED G 5 .   ? -7.562  -7.081  0.085   1.00 42.97 ? 905  HED A O1  1 
HETATM 1451 C  C2  . HED G 5 .   ? -5.925  -6.019  1.453   1.00 44.23 ? 905  HED A C2  1 
HETATM 1452 S  S3  . HED G 5 .   ? -5.386  -4.468  0.710   1.00 44.43 ? 905  HED A S3  1 
HETATM 1453 S  S4  . HED G 5 .   ? -3.347  -4.641  0.716   1.00 46.17 ? 905  HED A S4  1 
HETATM 1454 C  C5  . HED G 5 .   ? -2.939  -6.111  -0.263  1.00 45.91 ? 905  HED A C5  1 
HETATM 1455 C  C6  . HED G 5 .   ? -1.438  -6.317  -0.432  1.00 46.00 ? 905  HED A C6  1 
HETATM 1456 O  O6  . HED G 5 .   ? -1.121  -6.320  -1.809  1.00 46.11 ? 905  HED A O6  1 
HETATM 1457 O  O   . HOH H 6 .   ? 14.223  16.318  -12.201 1.00 21.57 ? 906  HOH A O   1 
HETATM 1458 O  O   . HOH H 6 .   ? -3.835  5.132   -6.981  1.00 29.77 ? 907  HOH A O   1 
HETATM 1459 O  O   . HOH H 6 .   ? -0.025  6.539   13.485  1.00 26.08 ? 908  HOH A O   1 
HETATM 1460 O  O   . HOH H 6 .   ? -8.144  -14.492 12.358  1.00 25.89 ? 909  HOH A O   1 
HETATM 1461 O  O   . HOH H 6 .   ? 8.771   16.316  3.888   1.00 31.98 ? 910  HOH A O   1 
HETATM 1462 O  O   . HOH H 6 .   ? 0.413   -10.455 13.270  1.00 27.95 ? 911  HOH A O   1 
HETATM 1463 O  O   . HOH H 6 .   ? -2.180  -6.458  -8.563  1.00 32.14 ? 912  HOH A O   1 
HETATM 1464 O  O   . HOH H 6 .   ? -4.504  5.130   -9.589  1.00 34.39 ? 913  HOH A O   1 
HETATM 1465 O  O   . HOH H 6 .   ? 20.462  -4.908  0.612   1.00 27.40 ? 914  HOH A O   1 
HETATM 1466 O  O   . HOH H 6 .   ? -17.565 -10.763 19.038  1.00 30.74 ? 915  HOH A O   1 
HETATM 1467 O  O   . HOH H 6 .   ? -6.463  14.488  6.986   1.00 33.47 ? 916  HOH A O   1 
HETATM 1468 O  O   . HOH H 6 .   ? 3.298   16.646  -12.438 1.00 28.21 ? 917  HOH A O   1 
HETATM 1469 O  O   . HOH H 6 .   ? -21.854 0.988   4.942   1.00 37.88 ? 918  HOH A O   1 
HETATM 1470 O  O   . HOH H 6 .   ? -6.792  -9.849  0.342   1.00 32.48 ? 919  HOH A O   1 
HETATM 1471 O  O   . HOH H 6 .   ? 13.484  -9.876  -12.858 1.00 35.67 ? 920  HOH A O   1 
HETATM 1472 O  O   . HOH H 6 .   ? -0.489  3.423   16.476  1.00 33.72 ? 921  HOH A O   1 
HETATM 1473 O  O   . HOH H 6 .   ? -3.314  -9.888  1.437   1.00 37.40 ? 922  HOH A O   1 
HETATM 1474 O  O   . HOH H 6 .   ? 6.429   17.326  -1.377  1.00 33.93 ? 923  HOH A O   1 
HETATM 1475 O  O   . HOH H 6 .   ? -13.870 -13.867 18.768  1.00 36.45 ? 924  HOH A O   1 
HETATM 1476 O  O   . HOH H 6 .   ? 10.158  10.575  4.074   1.00 12.76 ? 925  HOH A O   1 
HETATM 1477 O  O   . HOH H 6 .   ? 18.541  13.673  -5.201  1.00 14.76 ? 926  HOH A O   1 
HETATM 1478 O  O   . HOH H 6 .   ? 2.261   5.075   12.840  1.00 11.36 ? 927  HOH A O   1 
HETATM 1479 O  O   . HOH H 6 .   ? -2.884  -9.263  15.688  1.00 20.96 ? 928  HOH A O   1 
HETATM 1480 O  O   . HOH H 6 .   ? 19.918  -2.222  0.220   1.00 12.79 ? 929  HOH A O   1 
HETATM 1481 O  O   . HOH H 6 .   ? -6.888  -12.064 3.922   1.00 21.01 ? 930  HOH A O   1 
HETATM 1482 O  O   . HOH H 6 .   ? -5.259  -15.661 9.130   1.00 14.66 ? 931  HOH A O   1 
HETATM 1483 O  O   . HOH H 6 .   ? 11.765  12.929  -14.613 1.00 15.75 ? 932  HOH A O   1 
HETATM 1484 O  O   . HOH H 6 .   ? -7.259  -13.989 9.908   1.00 17.49 ? 933  HOH A O   1 
HETATM 1485 O  O   . HOH H 6 .   ? -4.940  1.504   0.072   1.00 20.14 ? 934  HOH A O   1 
HETATM 1486 O  O   . HOH H 6 .   ? -16.530 -2.212  -2.794  1.00 14.26 ? 935  HOH A O   1 
HETATM 1487 O  O   . HOH H 6 .   ? 9.745   16.078  -6.395  1.00 19.84 ? 936  HOH A O   1 
HETATM 1488 O  O   . HOH H 6 .   ? -15.084 -9.565  18.704  1.00 18.35 ? 937  HOH A O   1 
HETATM 1489 O  O   . HOH H 6 .   ? -4.710  19.047  -10.907 1.00 17.97 ? 938  HOH A O   1 
HETATM 1490 O  O   . HOH H 6 .   ? -1.363  -14.106 10.556  1.00 18.39 ? 939  HOH A O   1 
HETATM 1491 O  O   . HOH H 6 .   ? 5.847   14.988  -5.150  1.00 16.59 ? 940  HOH A O   1 
HETATM 1492 O  O   . HOH H 6 .   ? 4.084   -11.106 -8.060  1.00 21.70 ? 941  HOH A O   1 
HETATM 1493 O  O   . HOH H 6 .   ? 8.887   -0.932  17.017  1.00 17.27 ? 942  HOH A O   1 
HETATM 1494 O  O   . HOH H 6 .   ? -16.081 -5.196  18.449  1.00 25.43 ? 943  HOH A O   1 
HETATM 1495 O  O   . HOH H 6 .   ? -12.980 -11.204 18.050  1.00 17.15 ? 944  HOH A O   1 
HETATM 1496 O  O   . HOH H 6 .   ? 18.112  5.341   2.976   1.00 20.09 ? 945  HOH A O   1 
HETATM 1497 O  O   . HOH H 6 .   ? -8.842  -0.198  0.411   1.00 17.64 ? 946  HOH A O   1 
HETATM 1498 O  O   . HOH H 6 .   ? -9.745  -9.968  19.169  1.00 22.38 ? 947  HOH A O   1 
HETATM 1499 O  O   . HOH H 6 .   ? 13.234  0.746   12.242  1.00 21.89 ? 948  HOH A O   1 
HETATM 1500 O  O   . HOH H 6 .   ? -4.696  7.271   -5.750  1.00 19.44 ? 949  HOH A O   1 
HETATM 1501 O  O   . HOH H 6 .   ? 18.705  12.567  1.528   1.00 22.50 ? 950  HOH A O   1 
HETATM 1502 O  O   . HOH H 6 .   ? -7.770  6.500   11.343  1.00 20.97 ? 951  HOH A O   1 
HETATM 1503 O  O   . HOH H 6 .   ? 16.746  7.257   8.878   1.00 25.41 ? 952  HOH A O   1 
HETATM 1504 O  O   . HOH H 6 .   ? -0.164  15.006  -13.105 1.00 25.81 ? 953  HOH A O   1 
HETATM 1505 O  O   . HOH H 6 .   ? -21.061 0.925   -2.905  1.00 22.35 ? 954  HOH A O   1 
HETATM 1506 O  O   . HOH H 6 .   ? -3.365  9.808   6.374   1.00 27.35 ? 955  HOH A O   1 
HETATM 1507 O  O   . HOH H 6 .   ? -7.475  7.047   -4.749  1.00 19.69 ? 956  HOH A O   1 
HETATM 1508 O  O   . HOH H 6 .   ? -23.194 2.303   -0.584  1.00 20.87 ? 957  HOH A O   1 
HETATM 1509 O  O   . HOH H 6 .   ? -7.613  -13.391 14.705  1.00 19.08 ? 958  HOH A O   1 
HETATM 1510 O  O   . HOH H 6 .   ? -8.760  9.391   -3.949  1.00 18.17 ? 959  HOH A O   1 
HETATM 1511 O  O   . HOH H 6 .   ? -18.474 0.096   -2.761  1.00 19.80 ? 960  HOH A O   1 
HETATM 1512 O  O   . HOH H 6 .   ? -10.409 -3.508  19.645  1.00 17.94 ? 961  HOH A O   1 
HETATM 1513 O  O   . HOH H 6 .   ? -0.619  -12.906 3.574   1.00 23.40 ? 962  HOH A O   1 
HETATM 1514 O  O   . HOH H 6 .   ? -13.303 9.195   -9.349  1.00 20.67 ? 963  HOH A O   1 
HETATM 1515 O  O   . HOH H 6 .   ? -11.494 -15.809 14.234  1.00 32.57 ? 964  HOH A O   1 
HETATM 1516 O  O   . HOH H 6 .   ? 6.860   16.935  -9.129  1.00 28.09 ? 965  HOH A O   1 
HETATM 1517 O  O   . HOH H 6 .   ? -18.838 3.547   -3.503  1.00 22.30 ? 966  HOH A O   1 
HETATM 1518 O  O   . HOH H 6 .   ? 18.647  -5.309  -8.903  1.00 14.82 ? 967  HOH A O   1 
HETATM 1519 O  O   . HOH H 6 .   ? -13.345 -7.159  -5.975  1.00 27.67 ? 968  HOH A O   1 
HETATM 1520 O  O   . HOH H 6 .   ? -17.913 3.001   8.610   1.00 26.89 ? 969  HOH A O   1 
HETATM 1521 O  O   . HOH H 6 .   ? 11.487  -0.449  -15.689 1.00 32.98 ? 970  HOH A O   1 
HETATM 1522 O  O   . HOH H 6 .   ? 7.131   15.832  1.369   1.00 27.24 ? 971  HOH A O   1 
HETATM 1523 O  O   . HOH H 6 .   ? 7.003   14.915  -2.864  1.00 22.21 ? 972  HOH A O   1 
HETATM 1524 O  O   . HOH H 6 .   ? 16.950  11.600  8.276   1.00 35.13 ? 973  HOH A O   1 
HETATM 1525 O  O   . HOH H 6 .   ? -2.436  1.808   15.730  1.00 31.45 ? 974  HOH A O   1 
HETATM 1526 O  O   . HOH H 6 .   ? -12.935 4.673   -7.864  1.00 31.88 ? 975  HOH A O   1 
HETATM 1527 O  O   . HOH H 6 .   ? 6.767   5.550   -15.248 1.00 23.74 ? 976  HOH A O   1 
HETATM 1528 O  O   . HOH H 6 .   ? 0.046   2.157   -13.435 1.00 27.95 ? 977  HOH A O   1 
HETATM 1529 O  O   . HOH H 6 .   ? 0.154   -0.663  13.264  1.00 32.47 ? 978  HOH A O   1 
HETATM 1530 O  O   . HOH H 6 .   ? 9.251   12.493  -16.128 1.00 21.23 ? 979  HOH A O   1 
HETATM 1531 O  O   . HOH H 6 .   ? -17.992 -0.551  -5.456  1.00 29.28 ? 980  HOH A O   1 
HETATM 1532 O  O   . HOH H 6 .   ? -25.011 -2.900  -0.571  1.00 21.53 ? 981  HOH A O   1 
HETATM 1533 O  O   . HOH H 6 .   ? -18.588 -17.127 14.046  1.00 29.86 ? 982  HOH A O   1 
HETATM 1534 O  O   . HOH H 6 .   ? -3.575  8.224   10.034  1.00 24.33 ? 983  HOH A O   1 
HETATM 1535 O  O   . HOH H 6 .   ? -21.666 -7.091  14.286  1.00 33.07 ? 984  HOH A O   1 
HETATM 1536 O  O   . HOH H 6 .   ? 22.437  2.291   -10.659 1.00 29.84 ? 985  HOH A O   1 
HETATM 1537 O  O   . HOH H 6 .   ? 9.820   15.037  -3.504  1.00 22.25 ? 986  HOH A O   1 
HETATM 1538 O  O   . HOH H 6 .   ? -6.479  -11.073 20.695  1.00 28.80 ? 987  HOH A O   1 
HETATM 1539 O  O   . HOH H 6 .   ? -11.771 -11.921 2.294   1.00 22.32 ? 988  HOH A O   1 
HETATM 1540 O  O   . HOH H 6 .   ? -8.573  3.134   8.412   1.00 24.39 ? 989  HOH A O   1 
HETATM 1541 O  O   . HOH H 6 .   ? 19.515  9.085   6.770   1.00 32.82 ? 990  HOH A O   1 
HETATM 1542 O  O   . HOH H 6 .   ? 15.364  -10.429 -3.013  1.00 38.89 ? 991  HOH A O   1 
HETATM 1543 O  O   . HOH H 6 .   ? -20.186 -15.486 6.886   1.00 24.97 ? 992  HOH A O   1 
HETATM 1544 O  O   . HOH H 6 .   ? 16.703  18.512  -9.175  1.00 30.64 ? 993  HOH A O   1 
HETATM 1545 O  O   . HOH H 6 .   ? -4.834  9.577   1.216   1.00 31.33 ? 994  HOH A O   1 
HETATM 1546 O  O   . HOH H 6 .   ? 4.169   -12.539 -10.556 1.00 34.59 ? 995  HOH A O   1 
HETATM 1547 O  O   . HOH H 6 .   ? -14.298 1.465   16.686  1.00 30.36 ? 996  HOH A O   1 
HETATM 1548 O  O   . HOH H 6 .   ? 16.388  16.028  -3.757  1.00 19.93 ? 997  HOH A O   1 
HETATM 1549 O  O   . HOH H 6 .   ? 4.824   15.469  2.223   1.00 27.31 ? 998  HOH A O   1 
HETATM 1550 O  O   . HOH H 6 .   ? -9.404  5.432   6.724   1.00 31.48 ? 999  HOH A O   1 
HETATM 1551 O  O   . HOH H 6 .   ? -17.338 -14.524 0.288   1.00 47.22 ? 1000 HOH A O   1 
HETATM 1552 O  O   . HOH H 6 .   ? 13.423  17.940  -10.304 1.00 34.90 ? 1001 HOH A O   1 
HETATM 1553 O  O   . HOH H 6 .   ? -6.648  -2.759  -6.285  1.00 42.36 ? 1002 HOH A O   1 
HETATM 1554 O  O   . HOH H 6 .   ? -9.028  6.013   3.286   1.00 32.68 ? 1003 HOH A O   1 
HETATM 1555 O  O   . HOH H 6 .   ? -22.587 1.027   2.231   1.00 27.88 ? 1004 HOH A O   1 
HETATM 1556 O  O   . HOH H 6 .   ? -0.852  -2.236  18.879  1.00 26.29 ? 1005 HOH A O   1 
HETATM 1557 O  O   . HOH H 6 .   ? 11.040  7.161   -20.354 1.00 39.58 ? 1006 HOH A O   1 
HETATM 1558 O  O   . HOH H 6 .   ? -4.371  -1.923  0.766   0.50 16.06 ? 1007 HOH A O   1 
HETATM 1559 O  O   . HOH H 6 .   ? -3.447  11.512  3.062   1.00 35.82 ? 1008 HOH A O   1 
HETATM 1560 O  O   . HOH H 6 .   ? 2.021   3.051   14.613  1.00 17.26 ? 1009 HOH A O   1 
HETATM 1561 O  O   . HOH H 6 .   ? -2.491  11.901  7.536   1.00 34.65 ? 1010 HOH A O   1 
HETATM 1562 O  O   . HOH H 6 .   ? -19.478 1.692   4.724   1.00 25.57 ? 1011 HOH A O   1 
HETATM 1563 O  O   . HOH H 6 .   ? -7.682  -11.545 18.375  1.00 26.82 ? 1012 HOH A O   1 
HETATM 1564 O  O   . HOH H 6 .   ? -6.259  -11.474 16.049  1.00 22.31 ? 1013 HOH A O   1 
HETATM 1565 O  O   . HOH H 6 .   ? -14.372 -8.540  21.333  1.00 30.83 ? 1014 HOH A O   1 
HETATM 1566 O  O   . HOH H 6 .   ? -5.935  4.971   -1.657  1.00 28.76 ? 1015 HOH A O   1 
HETATM 1567 O  O   . HOH H 6 .   ? 19.161  -5.864  -11.425 1.00 27.82 ? 1016 HOH A O   1 
HETATM 1568 O  O   . HOH H 6 .   ? 12.494  -4.385  -13.800 1.00 37.00 ? 1017 HOH A O   1 
HETATM 1569 O  O   . HOH H 6 .   ? 5.746   14.667  -19.462 1.00 40.90 ? 1018 HOH A O   1 
HETATM 1570 O  O   . HOH H 6 .   ? -26.280 -6.564  -1.492  1.00 44.86 ? 1019 HOH A O   1 
HETATM 1571 O  O   . HOH H 6 .   ? -23.220 -0.016  -1.867  1.00 13.45 ? 1020 HOH A O   1 
HETATM 1572 O  O   . HOH H 6 .   ? -4.498  -4.279  6.447   1.00 12.21 ? 1021 HOH A O   1 
HETATM 1573 O  O   . HOH H 6 .   ? 1.527   4.632   -1.979  1.00 11.39 ? 1022 HOH A O   1 
HETATM 1574 O  O   . HOH H 6 .   ? -3.508  11.634  -0.219  1.00 10.01 ? 1023 HOH A O   1 
HETATM 1575 O  O   . HOH H 6 .   ? 21.607  -0.786  -6.208  1.00 10.21 ? 1024 HOH A O   1 
HETATM 1576 O  O   . HOH H 6 .   ? 7.067   -0.004  15.136  1.00 13.03 ? 1025 HOH A O   1 
HETATM 1577 O  O   . HOH H 6 .   ? -6.200  -4.255  8.725   1.00 10.57 ? 1026 HOH A O   1 
HETATM 1578 O  O   . HOH H 6 .   ? -8.980  12.861  -4.191  1.00 13.93 ? 1027 HOH A O   1 
HETATM 1579 O  O   . HOH H 6 .   ? 2.116   15.438  1.890   1.00 12.72 ? 1028 HOH A O   1 
HETATM 1580 O  O   . HOH H 6 .   ? -6.941  -13.665 6.222   1.00 13.14 ? 1029 HOH A O   1 
HETATM 1581 O  O   . HOH H 6 .   ? 5.413   -8.947  11.733  1.00 12.69 ? 1030 HOH A O   1 
HETATM 1582 O  O   . HOH H 6 .   ? -7.537  3.661   4.494   1.00 14.41 ? 1031 HOH A O   1 
HETATM 1583 O  O   . HOH H 6 .   ? 2.009   14.957  4.769   1.00 16.45 ? 1032 HOH A O   1 
HETATM 1584 O  O   . HOH H 6 .   ? -11.073 -18.548 6.160   1.00 14.46 ? 1033 HOH A O   1 
HETATM 1585 O  O   . HOH H 6 .   ? 17.917  7.120   6.016   1.00 14.62 ? 1034 HOH A O   1 
HETATM 1586 O  O   . HOH H 6 .   ? 15.131  9.437   8.249   1.00 13.34 ? 1035 HOH A O   1 
HETATM 1587 O  O   . HOH H 6 .   ? -5.610  14.132  2.124   1.00 16.23 ? 1036 HOH A O   1 
HETATM 1588 O  O   . HOH H 6 .   ? 19.737  11.857  -7.085  1.00 16.23 ? 1037 HOH A O   1 
HETATM 1589 O  O   . HOH H 6 .   ? 10.264  2.895   14.504  1.00 19.50 ? 1038 HOH A O   1 
HETATM 1590 O  O   . HOH H 6 .   ? -13.697 7.993   -5.036  1.00 15.61 ? 1039 HOH A O   1 
HETATM 1591 O  O   . HOH H 6 .   ? -10.187 -13.491 15.836  1.00 16.90 ? 1040 HOH A O   1 
HETATM 1592 O  O   . HOH H 6 .   ? 11.423  0.309   13.939  1.00 15.36 ? 1041 HOH A O   1 
HETATM 1593 O  O   . HOH H 6 .   ? -17.957 -8.748  15.197  1.00 18.39 ? 1042 HOH A O   1 
HETATM 1594 O  O   . HOH H 6 .   ? 17.996  2.055   -6.754  1.00 16.19 ? 1043 HOH A O   1 
HETATM 1595 O  O   . HOH H 6 .   ? 18.403  12.425  -2.730  1.00 18.59 ? 1044 HOH A O   1 
HETATM 1596 O  O   . HOH H 6 .   ? 7.452   15.017  -7.437  1.00 18.66 ? 1045 HOH A O   1 
HETATM 1597 O  O   . HOH H 6 .   ? -3.128  8.826   3.409   1.00 18.00 ? 1046 HOH A O   1 
HETATM 1598 O  O   . HOH H 6 .   ? 22.260  9.831   -9.355  1.00 18.10 ? 1047 HOH A O   1 
HETATM 1599 O  O   . HOH H 6 .   ? -4.444  6.836   0.483   1.00 20.54 ? 1048 HOH A O   1 
HETATM 1600 O  O   . HOH H 6 .   ? -2.079  -0.576  14.610  1.00 22.38 ? 1049 HOH A O   1 
HETATM 1601 O  O   . HOH H 6 .   ? -5.495  16.762  -9.706  1.00 18.31 ? 1050 HOH A O   1 
HETATM 1602 O  O   . HOH H 6 .   ? 12.240  16.010  -7.756  1.00 18.54 ? 1051 HOH A O   1 
HETATM 1603 O  O   . HOH H 6 .   ? -0.758  -11.399 11.080  1.00 17.22 ? 1052 HOH A O   1 
HETATM 1604 O  O   . HOH H 6 .   ? -7.565  1.904   2.029   1.00 18.57 ? 1053 HOH A O   1 
HETATM 1605 O  O   . HOH H 6 .   ? -6.251  -0.953  0.318   0.50 22.80 ? 1054 HOH A O   1 
HETATM 1606 O  O   . HOH H 6 .   ? -5.112  -10.323 5.276   1.00 16.27 ? 1055 HOH A O   1 
HETATM 1607 O  O   . HOH H 6 .   ? -8.441  0.907   -3.477  1.00 25.80 ? 1056 HOH A O   1 
HETATM 1608 O  O   . HOH H 6 .   ? 5.994   16.014  -11.911 1.00 15.22 ? 1057 HOH A O   1 
HETATM 1609 O  O   . HOH H 6 .   ? -8.137  -6.153  20.167  1.00 18.04 ? 1058 HOH A O   1 
HETATM 1610 O  O   . HOH H 6 .   ? -1.543  -7.329  17.269  1.00 19.31 ? 1059 HOH A O   1 
HETATM 1611 O  O   . HOH H 6 .   ? 4.756   15.074  5.367   1.00 16.83 ? 1060 HOH A O   1 
HETATM 1612 O  O   . HOH H 6 .   ? -10.558 9.505   -6.087  1.00 23.56 ? 1061 HOH A O   1 
HETATM 1613 O  O   . HOH H 6 .   ? -22.876 -11.156 3.914   1.00 22.61 ? 1062 HOH A O   1 
HETATM 1614 O  O   . HOH H 6 .   ? -15.740 -7.403  17.000  1.00 25.03 ? 1063 HOH A O   1 
HETATM 1615 O  O   . HOH H 6 .   ? -12.953 2.426   14.482  1.00 24.61 ? 1064 HOH A O   1 
HETATM 1616 O  O   . HOH H 6 .   ? -14.340 -3.335  17.703  1.00 25.37 ? 1065 HOH A O   1 
HETATM 1617 O  O   . HOH H 6 .   ? 4.652   17.451  -5.522  1.00 23.60 ? 1066 HOH A O   1 
HETATM 1618 O  O   . HOH H 6 .   ? -1.406  18.155  -2.255  1.00 30.06 ? 1067 HOH A O   1 
HETATM 1619 O  O   . HOH H 6 .   ? 4.830   6.361   13.939  1.00 24.49 ? 1068 HOH A O   1 
HETATM 1620 O  O   . HOH H 6 .   ? -3.228  -4.490  19.568  1.00 31.11 ? 1069 HOH A O   1 
HETATM 1621 O  O   . HOH H 6 .   ? 5.044   -2.618  -12.569 1.00 32.93 ? 1070 HOH A O   1 
HETATM 1622 O  O   . HOH H 6 .   ? 1.219   -11.633 -2.701  1.00 30.19 ? 1071 HOH A O   1 
HETATM 1623 O  O   . HOH H 6 .   ? -8.340  4.413   1.356   1.00 24.60 ? 1072 HOH A O   1 
HETATM 1624 O  O   . HOH H 6 .   ? -0.763  -8.196  14.477  1.00 25.74 ? 1073 HOH A O   1 
HETATM 1625 O  O   . HOH H 6 .   ? -18.175 -13.801 15.807  1.00 32.13 ? 1074 HOH A O   1 
HETATM 1626 O  O   . HOH H 6 .   ? -4.506  2.841   -10.903 1.00 33.17 ? 1075 HOH A O   1 
HETATM 1627 O  O   . HOH H 6 .   ? -15.770 -0.790  16.787  1.00 35.29 ? 1076 HOH A O   1 
HETATM 1628 O  O   . HOH H 6 .   ? 23.437  4.385   -9.468  1.00 32.95 ? 1077 HOH A O   1 
HETATM 1629 O  O   . HOH H 6 .   ? -15.583 -10.736 -3.678  1.00 35.52 ? 1078 HOH A O   1 
HETATM 1630 O  O   . HOH H 6 .   ? 18.592  17.075  -10.278 1.00 35.60 ? 1079 HOH A O   1 
HETATM 1631 O  O   . HOH H 6 .   ? -9.131  -8.277  21.423  1.00 35.56 ? 1080 HOH A O   1 
HETATM 1632 O  O   . HOH H 6 .   ? -5.098  7.636   12.502  1.00 34.14 ? 1081 HOH A O   1 
HETATM 1633 O  O   . HOH H 6 .   ? -12.052 7.715   -7.353  1.00 28.21 ? 1082 HOH A O   1 
HETATM 1634 O  O   . HOH H 6 .   ? 16.731  14.140  7.401   1.00 34.20 ? 1083 HOH A O   1 
HETATM 1635 O  O   . HOH H 6 .   ? -13.700 -9.564  -5.220  1.00 47.64 ? 1084 HOH A O   1 
HETATM 1636 O  O   . HOH H 6 .   ? 18.936  14.111  -0.659  1.00 38.87 ? 1085 HOH A O   1 
HETATM 1637 O  O   . HOH H 6 .   ? -16.285 3.241   -6.501  1.00 29.23 ? 1086 HOH A O   1 
HETATM 1638 O  O   . HOH H 6 .   ? -1.956  1.479   -14.970 1.00 40.85 ? 1087 HOH A O   1 
HETATM 1639 O  O   . HOH H 6 .   ? -19.733 0.034   8.796   1.00 29.12 ? 1088 HOH A O   1 
HETATM 1640 O  O   . HOH H 6 .   ? 2.850   -13.300 -7.127  1.00 34.44 ? 1089 HOH A O   1 
HETATM 1641 O  O   . HOH H 6 .   ? 7.218   2.965   17.460  1.00 37.51 ? 1090 HOH A O   1 
HETATM 1642 O  O   . HOH H 6 .   ? -5.193  -2.473  -1.637  1.00 42.92 ? 1091 HOH A O   1 
HETATM 1643 O  O   . HOH H 6 .   ? 8.137   -18.309 -3.654  1.00 47.31 ? 1092 HOH A O   1 
HETATM 1644 O  O   . HOH H 6 .   ? 16.560  10.181  -16.656 1.00 39.58 ? 1093 HOH A O   1 
HETATM 1645 O  O   . HOH H 6 .   ? -6.089  6.633   3.700   1.00 28.31 ? 1094 HOH A O   1 
HETATM 1646 O  O   . HOH H 6 .   ? -1.806  8.278   12.412  1.00 38.47 ? 1095 HOH A O   1 
HETATM 1647 O  O   . HOH H 6 .   ? -7.754  16.148  8.581   1.00 40.20 ? 1096 HOH A O   1 
HETATM 1648 O  O   . HOH H 6 .   ? -9.079  -14.267 18.254  1.00 32.31 ? 1097 HOH A O   1 
HETATM 1649 O  O   . HOH H 6 .   ? -6.259  2.427   -1.946  1.00 35.20 ? 1098 HOH A O   1 
HETATM 1650 O  O   . HOH H 6 .   ? 12.828  5.794   -17.406 1.00 40.06 ? 1099 HOH A O   1 
HETATM 1651 O  O   . HOH H 6 .   ? 10.530  16.504  8.629   1.00 32.85 ? 1100 HOH A O   1 
HETATM 1652 O  O   . HOH H 6 .   ? 19.051  15.396  -13.460 1.00 29.88 ? 1101 HOH A O   1 
HETATM 1653 O  O   . HOH H 6 .   ? -11.562 6.436   6.171   1.00 29.80 ? 1102 HOH A O   1 
HETATM 1654 O  O   . HOH H 6 .   ? -1.869  3.488   -11.318 1.00 30.77 ? 1103 HOH A O   1 
HETATM 1655 O  O   . HOH H 6 .   ? -21.283 2.486   -5.708  1.00 36.58 ? 1104 HOH A O   1 
HETATM 1656 O  O   . HOH H 6 .   ? -4.865  -7.041  22.801  1.00 44.11 ? 1105 HOH A O   1 
HETATM 1657 O  O   . HOH H 6 .   ? 0.317   -4.403  20.076  1.00 41.88 ? 1106 HOH A O   1 
HETATM 1658 O  O   . HOH H 6 .   ? 1.418   15.816  -11.091 1.00 34.30 ? 1107 HOH A O   1 
HETATM 1659 O  O   . HOH H 6 .   ? -11.162 -10.047 -0.047  1.00 33.07 ? 1108 HOH A O   1 
HETATM 1660 O  O   . HOH H 6 .   ? -14.919 2.745   12.745  1.00 32.90 ? 1109 HOH A O   1 
HETATM 1661 O  O   . HOH H 6 .   ? -15.398 2.525   10.009  1.00 30.14 ? 1110 HOH A O   1 
HETATM 1662 O  O   . HOH H 6 .   ? -1.003  -7.651  19.982  1.00 36.39 ? 1111 HOH A O   1 
HETATM 1663 O  O   . HOH H 6 .   ? 10.713  -12.485 -9.614  1.00 32.98 ? 1112 HOH A O   1 
HETATM 1664 O  O   . HOH H 6 .   ? 17.509  -8.472  -8.440  1.00 36.49 ? 1113 HOH A O   1 
HETATM 1665 O  O   . HOH H 6 .   ? 3.857   0.170   -18.408 1.00 36.53 ? 1114 HOH A O   1 
HETATM 1666 O  O   . HOH H 6 .   ? 12.717  15.781  -14.520 1.00 27.36 ? 1115 HOH A O   1 
HETATM 1667 O  O   . HOH H 6 .   ? 8.735   2.213   -20.737 1.00 39.79 ? 1116 HOH A O   1 
HETATM 1668 O  O   . HOH H 6 .   ? -10.432 -9.840  2.515   1.00 32.87 ? 1117 HOH A O   1 
# 
loop_
_pdbx_poly_seq_scheme.asym_id 
_pdbx_poly_seq_scheme.entity_id 
_pdbx_poly_seq_scheme.seq_id 
_pdbx_poly_seq_scheme.mon_id 
_pdbx_poly_seq_scheme.ndb_seq_num 
_pdbx_poly_seq_scheme.pdb_seq_num 
_pdbx_poly_seq_scheme.auth_seq_num 
_pdbx_poly_seq_scheme.pdb_mon_id 
_pdbx_poly_seq_scheme.auth_mon_id 
_pdbx_poly_seq_scheme.pdb_strand_id 
_pdbx_poly_seq_scheme.pdb_ins_code 
_pdbx_poly_seq_scheme.hetero 
A 1 1   MET 1   1   1   MET MET A . n 
A 1 2   ASN 2   2   2   ASN ASN A . n 
A 1 3   ILE 3   3   3   ILE ILE A . n 
A 1 4   PHE 4   4   4   PHE PHE A . n 
A 1 5   GLU 5   5   5   GLU GLU A . n 
A 1 6   MET 6   6   6   MET MET A . n 
A 1 7   LEU 7   7   7   LEU LEU A . n 
A 1 8   ARG 8   8   8   ARG ARG A . n 
A 1 9   ILE 9   9   9   ILE ILE A . n 
A 1 10  ASP 10  10  10  ASP ASP A . n 
A 1 11  GLU 11  11  11  GLU GLU A . n 
A 1 12  GLY 12  12  12  GLY GLY A . n 
A 1 13  LEU 13  13  13  LEU LEU A . n 
A 1 14  ARG 14  14  14  ARG ARG A . n 
A 1 15  LEU 15  15  15  LEU LEU A . n 
A 1 16  LYS 16  16  16  LYS LYS A . n 
A 1 17  ILE 17  17  17  ILE ILE A . n 
A 1 18  TYR 18  18  18  TYR TYR A . n 
A 1 19  LYS 19  19  19  LYS LYS A . n 
A 1 20  ASP 20  20  20  ASP ASP A . n 
A 1 21  THR 21  21  21  THR THR A . n 
A 1 22  GLU 22  22  22  GLU GLU A . n 
A 1 23  GLY 23  23  23  GLY GLY A . n 
A 1 24  TYR 24  24  24  TYR TYR A . n 
A 1 25  TYR 25  25  25  TYR TYR A . n 
A 1 26  THR 26  26  26  THR THR A . n 
A 1 27  ILE 27  27  27  ILE ILE A . n 
A 1 28  GLY 28  28  28  GLY GLY A . n 
A 1 29  ILE 29  29  29  ILE ILE A . n 
A 1 30  GLY 30  30  30  GLY GLY A . n 
A 1 31  HIS 31  31  31  HIS HIS A . n 
A 1 32  LEU 32  32  32  LEU LEU A . n 
A 1 33  LEU 33  33  33  LEU LEU A . n 
A 1 34  THR 34  34  34  THR THR A . n 
A 1 35  LYS 35  35  35  LYS LYS A . n 
A 1 36  SER 36  36  36  SER SER A . n 
A 1 37  PRO 37  37  37  PRO PRO A . n 
A 1 38  SER 38  38  38  SER SER A . n 
A 1 39  LEU 39  39  39  LEU LEU A . n 
A 1 40  ASN 40  40  40  ASN ASN A . n 
A 1 41  ALA 41  41  41  ALA ALA A . n 
A 1 42  ALA 42  42  42  ALA ALA A . n 
A 1 43  LYS 43  43  43  LYS LYS A . n 
A 1 44  SER 44  44  44  SER SER A . n 
A 1 45  GLU 45  45  45  GLU GLU A . n 
A 1 46  LEU 46  46  46  LEU LEU A . n 
A 1 47  ASP 47  47  47  ASP ASP A . n 
A 1 48  LYS 48  48  48  LYS LYS A . n 
A 1 49  ALA 49  49  49  ALA ALA A . n 
A 1 50  ILE 50  50  50  ILE ILE A . n 
A 1 51  GLY 51  51  51  GLY GLY A . n 
A 1 52  ARG 52  52  52  ARG ARG A . n 
A 1 53  ASN 53  53  53  ASN ASN A . n 
A 1 54  THR 54  54  54  THR THR A . n 
A 1 55  ASN 55  55  55  ASN ASN A . n 
A 1 56  GLY 56  56  56  GLY GLY A . n 
A 1 57  VAL 57  57  57  VAL VAL A . n 
A 1 58  ILE 58  58  58  ILE ILE A . n 
A 1 59  THR 59  59  59  THR THR A . n 
A 1 60  LYS 60  60  60  LYS LYS A . n 
A 1 61  ASP 61  61  61  ASP ASP A . n 
A 1 62  GLU 62  62  62  GLU GLU A . n 
A 1 63  ALA 63  63  63  ALA ALA A . n 
A 1 64  GLU 64  64  64  GLU GLU A . n 
A 1 65  LYS 65  65  65  LYS LYS A . n 
A 1 66  LEU 66  66  66  LEU LEU A . n 
A 1 67  PHE 67  67  67  PHE PHE A . n 
A 1 68  ASN 68  68  68  ASN ASN A . n 
A 1 69  GLN 69  69  69  GLN GLN A . n 
A 1 70  ASP 70  70  70  ASP ASP A . n 
A 1 71  VAL 71  71  71  VAL VAL A . n 
A 1 72  ASP 72  72  72  ASP ASP A . n 
A 1 73  ALA 73  73  73  ALA ALA A . n 
A 1 74  ALA 74  74  74  ALA ALA A . n 
A 1 75  VAL 75  75  75  VAL VAL A . n 
A 1 76  ARG 76  76  76  ARG ARG A . n 
A 1 77  GLY 77  77  77  GLY GLY A . n 
A 1 78  ILE 78  78  78  ILE ILE A . n 
A 1 79  LEU 79  79  79  LEU LEU A . n 
A 1 80  ARG 80  80  80  ARG ARG A . n 
A 1 81  ASN 81  81  81  ASN ASN A . n 
A 1 82  ALA 82  82  82  ALA ALA A . n 
A 1 83  LYS 83  83  83  LYS LYS A . n 
A 1 84  LEU 84  84  84  LEU LEU A . n 
A 1 85  LYS 85  85  85  LYS LYS A . n 
A 1 86  PRO 86  86  86  PRO PRO A . n 
A 1 87  VAL 87  87  87  VAL VAL A . n 
A 1 88  TYR 88  88  88  TYR TYR A . n 
A 1 89  ASP 89  89  89  ASP ASP A . n 
A 1 90  SER 90  90  90  SER SER A . n 
A 1 91  LEU 91  91  91  LEU LEU A . n 
A 1 92  ASP 92  92  92  ASP ASP A . n 
A 1 93  ALA 93  93  93  ALA ALA A . n 
A 1 94  VAL 94  94  94  VAL VAL A . n 
A 1 95  ARG 95  95  95  ARG ARG A . n 
A 1 96  ARG 96  96  96  ARG ARG A . n 
A 1 97  ALA 97  97  97  ALA ALA A . n 
A 1 98  ALA 98  98  98  ALA ALA A . n 
A 1 99  ALA 99  99  99  ALA ALA A . n 
A 1 100 ILE 100 100 100 ILE ILE A . n 
A 1 101 ASN 101 101 101 ASN ASN A . n 
A 1 102 MET 102 102 102 MET MET A . n 
A 1 103 VAL 103 103 103 VAL VAL A . n 
A 1 104 PHE 104 104 104 PHE PHE A . n 
A 1 105 GLN 105 105 105 GLN GLN A . n 
A 1 106 MET 106 106 106 MET MET A . n 
A 1 107 GLY 107 107 107 GLY GLY A . n 
A 1 108 GLU 108 108 108 GLU GLU A . n 
A 1 109 THR 109 109 109 THR THR A . n 
A 1 110 GLY 110 110 110 GLY GLY A . n 
A 1 111 VAL 111 111 111 VAL VAL A . n 
A 1 112 ALA 112 112 112 ALA ALA A . n 
A 1 113 GLY 113 113 113 GLY GLY A . n 
A 1 114 PHE 114 114 114 PHE PHE A . n 
A 1 115 THR 115 115 115 THR THR A . n 
A 1 116 ASN 116 116 116 ASN ASN A . n 
A 1 117 SER 117 117 117 SER SER A . n 
A 1 118 LEU 118 118 118 LEU LEU A . n 
A 1 119 ARG 119 119 119 ARG ARG A . n 
A 1 120 MET 120 120 120 MET MET A . n 
A 1 121 LEU 121 121 121 LEU LEU A . n 
A 1 122 GLN 122 122 122 GLN GLN A . n 
A 1 123 GLN 123 123 123 GLN GLN A . n 
A 1 124 LYS 124 124 124 LYS LYS A . n 
A 1 125 ARG 125 125 125 ARG ARG A . n 
A 1 126 TRP 126 126 126 TRP TRP A . n 
A 1 127 ASP 127 127 127 ASP ASP A . n 
A 1 128 GLU 128 128 128 GLU GLU A . n 
A 1 129 ALA 129 129 129 ALA ALA A . n 
A 1 130 ALA 130 130 130 ALA ALA A . n 
A 1 131 VAL 131 131 131 VAL VAL A . n 
A 1 132 ASN 132 132 132 ASN ASN A . n 
A 1 133 LEU 133 133 133 LEU LEU A . n 
A 1 134 ALA 134 134 134 ALA ALA A . n 
A 1 135 LYS 135 135 135 LYS LYS A . n 
A 1 136 SER 136 136 136 SER SER A . n 
A 1 137 ARG 137 137 137 ARG ARG A . n 
A 1 138 TRP 138 138 138 TRP TRP A . n 
A 1 139 TYR 139 139 139 TYR TYR A . n 
A 1 140 ASN 140 140 140 ASN ASN A . n 
A 1 141 GLN 141 141 141 GLN GLN A . n 
A 1 142 THR 142 142 142 THR THR A . n 
A 1 143 PRO 143 143 143 PRO PRO A . n 
A 1 144 ASN 144 144 144 ASN ASN A . n 
A 1 145 ARG 145 145 145 ARG ARG A . n 
A 1 146 ALA 146 146 146 ALA ALA A . n 
A 1 147 LYS 147 147 147 LYS LYS A . n 
A 1 148 ARG 148 148 148 ARG ARG A . n 
A 1 149 VAL 149 149 149 VAL VAL A . n 
A 1 150 ILE 150 150 150 ILE ILE A . n 
A 1 151 THR 151 151 151 THR THR A . n 
A 1 152 THR 152 152 152 THR THR A . n 
A 1 153 PHE 153 153 153 PHE PHE A . n 
A 1 154 ARG 154 154 154 ARG ARG A . n 
A 1 155 THR 155 155 155 THR THR A . n 
A 1 156 GLY 156 156 156 GLY GLY A . n 
A 1 157 THR 157 157 157 THR THR A . n 
A 1 158 TRP 158 158 158 TRP TRP A . n 
A 1 159 ASP 159 159 159 ASP ASP A . n 
A 1 160 ALA 160 160 160 ALA ALA A . n 
A 1 161 TYR 161 161 161 TYR TYR A . n 
A 1 162 LYS 162 162 162 LYS LYS A . n 
A 1 163 ASN 163 163 163 ASN ASN A . n 
A 1 164 LEU 164 164 164 LEU LEU A . n 
# 
loop_
_pdbx_nonpoly_scheme.asym_id 
_pdbx_nonpoly_scheme.entity_id 
_pdbx_nonpoly_scheme.mon_id 
_pdbx_nonpoly_scheme.ndb_seq_num 
_pdbx_nonpoly_scheme.pdb_seq_num 
_pdbx_nonpoly_scheme.auth_seq_num 
_pdbx_nonpoly_scheme.pdb_mon_id 
_pdbx_nonpoly_scheme.auth_mon_id 
_pdbx_nonpoly_scheme.pdb_strand_id 
_pdbx_nonpoly_scheme.pdb_ins_code 
B 2 PO4 1   901  901 PO4 PO4 A . 
C 2 PO4 1   902  902 PO4 PO4 A . 
D 3 CL  1   903  903 CL  CL  A . 
E 4 BCF 1   900  900 BCF CFB A . 
F 5 HED 1   904  904 HED HED A . 
G 5 HED 1   905  905 HED HED A . 
H 6 HOH 1   906  1   HOH HOH A . 
H 6 HOH 2   907  2   HOH HOH A . 
H 6 HOH 3   908  3   HOH HOH A . 
H 6 HOH 4   909  4   HOH HOH A . 
H 6 HOH 5   910  5   HOH HOH A . 
H 6 HOH 6   911  6   HOH HOH A . 
H 6 HOH 7   912  7   HOH HOH A . 
H 6 HOH 8   913  8   HOH HOH A . 
H 6 HOH 9   914  9   HOH HOH A . 
H 6 HOH 10  915  10  HOH HOH A . 
H 6 HOH 11  916  11  HOH HOH A . 
H 6 HOH 12  917  12  HOH HOH A . 
H 6 HOH 13  918  13  HOH HOH A . 
H 6 HOH 14  919  14  HOH HOH A . 
H 6 HOH 15  920  15  HOH HOH A . 
H 6 HOH 16  921  16  HOH HOH A . 
H 6 HOH 17  922  17  HOH HOH A . 
H 6 HOH 18  923  18  HOH HOH A . 
H 6 HOH 19  924  19  HOH HOH A . 
H 6 HOH 20  925  20  HOH HOH A . 
H 6 HOH 21  926  21  HOH HOH A . 
H 6 HOH 22  927  22  HOH HOH A . 
H 6 HOH 23  928  23  HOH HOH A . 
H 6 HOH 24  929  24  HOH HOH A . 
H 6 HOH 25  930  25  HOH HOH A . 
H 6 HOH 26  931  26  HOH HOH A . 
H 6 HOH 27  932  27  HOH HOH A . 
H 6 HOH 28  933  28  HOH HOH A . 
H 6 HOH 29  934  29  HOH HOH A . 
H 6 HOH 30  935  30  HOH HOH A . 
H 6 HOH 31  936  31  HOH HOH A . 
H 6 HOH 32  937  32  HOH HOH A . 
H 6 HOH 33  938  33  HOH HOH A . 
H 6 HOH 34  939  34  HOH HOH A . 
H 6 HOH 35  940  35  HOH HOH A . 
H 6 HOH 36  941  36  HOH HOH A . 
H 6 HOH 37  942  37  HOH HOH A . 
H 6 HOH 38  943  38  HOH HOH A . 
H 6 HOH 39  944  39  HOH HOH A . 
H 6 HOH 40  945  40  HOH HOH A . 
H 6 HOH 41  946  41  HOH HOH A . 
H 6 HOH 42  947  42  HOH HOH A . 
H 6 HOH 43  948  43  HOH HOH A . 
H 6 HOH 44  949  44  HOH HOH A . 
H 6 HOH 45  950  45  HOH HOH A . 
H 6 HOH 46  951  46  HOH HOH A . 
H 6 HOH 47  952  47  HOH HOH A . 
H 6 HOH 48  953  48  HOH HOH A . 
H 6 HOH 49  954  49  HOH HOH A . 
H 6 HOH 50  955  50  HOH HOH A . 
H 6 HOH 51  956  51  HOH HOH A . 
H 6 HOH 52  957  52  HOH HOH A . 
H 6 HOH 53  958  53  HOH HOH A . 
H 6 HOH 54  959  54  HOH HOH A . 
H 6 HOH 55  960  55  HOH HOH A . 
H 6 HOH 56  961  56  HOH HOH A . 
H 6 HOH 57  962  57  HOH HOH A . 
H 6 HOH 58  963  58  HOH HOH A . 
H 6 HOH 59  964  59  HOH HOH A . 
H 6 HOH 60  965  60  HOH HOH A . 
H 6 HOH 61  966  61  HOH HOH A . 
H 6 HOH 62  967  62  HOH HOH A . 
H 6 HOH 63  968  63  HOH HOH A . 
H 6 HOH 64  969  64  HOH HOH A . 
H 6 HOH 65  970  65  HOH HOH A . 
H 6 HOH 66  971  66  HOH HOH A . 
H 6 HOH 67  972  67  HOH HOH A . 
H 6 HOH 68  973  68  HOH HOH A . 
H 6 HOH 69  974  69  HOH HOH A . 
H 6 HOH 70  975  70  HOH HOH A . 
H 6 HOH 71  976  71  HOH HOH A . 
H 6 HOH 72  977  72  HOH HOH A . 
H 6 HOH 73  978  73  HOH HOH A . 
H 6 HOH 74  979  74  HOH HOH A . 
H 6 HOH 75  980  75  HOH HOH A . 
H 6 HOH 76  981  76  HOH HOH A . 
H 6 HOH 77  982  77  HOH HOH A . 
H 6 HOH 78  983  78  HOH HOH A . 
H 6 HOH 79  984  79  HOH HOH A . 
H 6 HOH 80  985  80  HOH HOH A . 
H 6 HOH 81  986  81  HOH HOH A . 
H 6 HOH 82  987  82  HOH HOH A . 
H 6 HOH 83  988  83  HOH HOH A . 
H 6 HOH 84  989  84  HOH HOH A . 
H 6 HOH 85  990  85  HOH HOH A . 
H 6 HOH 86  991  86  HOH HOH A . 
H 6 HOH 87  992  87  HOH HOH A . 
H 6 HOH 88  993  88  HOH HOH A . 
H 6 HOH 89  994  89  HOH HOH A . 
H 6 HOH 90  995  90  HOH HOH A . 
H 6 HOH 91  996  91  HOH HOH A . 
H 6 HOH 92  997  92  HOH HOH A . 
H 6 HOH 93  998  93  HOH HOH A . 
H 6 HOH 94  999  94  HOH HOH A . 
H 6 HOH 95  1000 95  HOH HOH A . 
H 6 HOH 96  1001 96  HOH HOH A . 
H 6 HOH 97  1002 97  HOH HOH A . 
H 6 HOH 98  1003 98  HOH HOH A . 
H 6 HOH 99  1004 99  HOH HOH A . 
H 6 HOH 100 1005 100 HOH HOH A . 
H 6 HOH 101 1006 101 HOH HOH A . 
H 6 HOH 102 1007 102 HOH HOH A . 
H 6 HOH 103 1008 103 HOH HOH A . 
H 6 HOH 104 1009 104 HOH HOH A . 
H 6 HOH 105 1010 105 HOH HOH A . 
H 6 HOH 106 1011 106 HOH HOH A . 
H 6 HOH 107 1012 107 HOH HOH A . 
H 6 HOH 108 1013 108 HOH HOH A . 
H 6 HOH 109 1014 109 HOH HOH A . 
H 6 HOH 110 1015 110 HOH HOH A . 
H 6 HOH 111 1016 111 HOH HOH A . 
H 6 HOH 112 1017 112 HOH HOH A . 
H 6 HOH 113 1018 113 HOH HOH A . 
H 6 HOH 114 1019 114 HOH HOH A . 
H 6 HOH 115 1020 115 HOH HOH A . 
H 6 HOH 116 1021 116 HOH HOH A . 
H 6 HOH 117 1022 117 HOH HOH A . 
H 6 HOH 118 1023 118 HOH HOH A . 
H 6 HOH 119 1024 119 HOH HOH A . 
H 6 HOH 120 1025 120 HOH HOH A . 
H 6 HOH 121 1026 121 HOH HOH A . 
H 6 HOH 122 1027 122 HOH HOH A . 
H 6 HOH 123 1028 123 HOH HOH A . 
H 6 HOH 124 1029 124 HOH HOH A . 
H 6 HOH 125 1030 125 HOH HOH A . 
H 6 HOH 126 1031 126 HOH HOH A . 
H 6 HOH 127 1032 127 HOH HOH A . 
H 6 HOH 128 1033 128 HOH HOH A . 
H 6 HOH 129 1034 129 HOH HOH A . 
H 6 HOH 130 1035 130 HOH HOH A . 
H 6 HOH 131 1036 131 HOH HOH A . 
H 6 HOH 132 1037 132 HOH HOH A . 
H 6 HOH 133 1038 133 HOH HOH A . 
H 6 HOH 134 1039 134 HOH HOH A . 
H 6 HOH 135 1040 135 HOH HOH A . 
H 6 HOH 136 1041 136 HOH HOH A . 
H 6 HOH 137 1042 137 HOH HOH A . 
H 6 HOH 138 1043 138 HOH HOH A . 
H 6 HOH 139 1044 139 HOH HOH A . 
H 6 HOH 140 1045 140 HOH HOH A . 
H 6 HOH 141 1046 141 HOH HOH A . 
H 6 HOH 142 1047 142 HOH HOH A . 
H 6 HOH 143 1048 143 HOH HOH A . 
H 6 HOH 144 1049 144 HOH HOH A . 
H 6 HOH 145 1050 145 HOH HOH A . 
H 6 HOH 146 1051 146 HOH HOH A . 
H 6 HOH 147 1052 147 HOH HOH A . 
H 6 HOH 148 1053 148 HOH HOH A . 
H 6 HOH 149 1054 149 HOH HOH A . 
H 6 HOH 150 1055 150 HOH HOH A . 
H 6 HOH 151 1056 151 HOH HOH A . 
H 6 HOH 152 1057 152 HOH HOH A . 
H 6 HOH 153 1058 153 HOH HOH A . 
H 6 HOH 154 1059 154 HOH HOH A . 
H 6 HOH 155 1060 155 HOH HOH A . 
H 6 HOH 156 1061 156 HOH HOH A . 
H 6 HOH 157 1062 157 HOH HOH A . 
H 6 HOH 158 1063 158 HOH HOH A . 
H 6 HOH 159 1064 159 HOH HOH A . 
H 6 HOH 160 1065 160 HOH HOH A . 
H 6 HOH 161 1066 161 HOH HOH A . 
H 6 HOH 162 1067 162 HOH HOH A . 
H 6 HOH 163 1068 163 HOH HOH A . 
H 6 HOH 164 1069 164 HOH HOH A . 
H 6 HOH 165 1070 165 HOH HOH A . 
H 6 HOH 166 1071 166 HOH HOH A . 
H 6 HOH 167 1072 167 HOH HOH A . 
H 6 HOH 168 1073 168 HOH HOH A . 
H 6 HOH 169 1074 169 HOH HOH A . 
H 6 HOH 170 1075 170 HOH HOH A . 
H 6 HOH 171 1076 171 HOH HOH A . 
H 6 HOH 172 1077 172 HOH HOH A . 
H 6 HOH 173 1078 173 HOH HOH A . 
H 6 HOH 174 1079 174 HOH HOH A . 
H 6 HOH 175 1080 175 HOH HOH A . 
H 6 HOH 176 1081 176 HOH HOH A . 
H 6 HOH 177 1082 177 HOH HOH A . 
H 6 HOH 178 1083 178 HOH HOH A . 
H 6 HOH 179 1084 179 HOH HOH A . 
H 6 HOH 180 1085 180 HOH HOH A . 
H 6 HOH 181 1086 181 HOH HOH A . 
H 6 HOH 182 1087 182 HOH HOH A . 
H 6 HOH 183 1088 183 HOH HOH A . 
H 6 HOH 184 1089 184 HOH HOH A . 
H 6 HOH 185 1090 185 HOH HOH A . 
H 6 HOH 186 1091 186 HOH HOH A . 
H 6 HOH 187 1092 187 HOH HOH A . 
H 6 HOH 188 1093 188 HOH HOH A . 
H 6 HOH 189 1094 189 HOH HOH A . 
H 6 HOH 190 1095 190 HOH HOH A . 
H 6 HOH 191 1096 191 HOH HOH A . 
H 6 HOH 192 1097 192 HOH HOH A . 
H 6 HOH 193 1098 193 HOH HOH A . 
H 6 HOH 194 1099 194 HOH HOH A . 
H 6 HOH 195 1100 195 HOH HOH A . 
H 6 HOH 196 1101 196 HOH HOH A . 
H 6 HOH 197 1102 197 HOH HOH A . 
H 6 HOH 198 1103 198 HOH HOH A . 
H 6 HOH 199 1104 199 HOH HOH A . 
H 6 HOH 200 1105 200 HOH HOH A . 
H 6 HOH 201 1106 201 HOH HOH A . 
H 6 HOH 202 1107 202 HOH HOH A . 
H 6 HOH 203 1108 203 HOH HOH A . 
H 6 HOH 204 1109 204 HOH HOH A . 
H 6 HOH 205 1110 205 HOH HOH A . 
H 6 HOH 206 1111 206 HOH HOH A . 
H 6 HOH 207 1112 207 HOH HOH A . 
H 6 HOH 208 1113 208 HOH HOH A . 
H 6 HOH 209 1114 209 HOH HOH A . 
H 6 HOH 210 1115 210 HOH HOH A . 
H 6 HOH 211 1116 211 HOH HOH A . 
H 6 HOH 212 1117 212 HOH HOH A . 
# 
_pdbx_struct_assembly.id                   1 
_pdbx_struct_assembly.details              author_and_software_defined_assembly 
_pdbx_struct_assembly.method_details       PISA 
_pdbx_struct_assembly.oligomeric_details   monomeric 
_pdbx_struct_assembly.oligomeric_count     1 
# 
_pdbx_struct_assembly_gen.assembly_id       1 
_pdbx_struct_assembly_gen.oper_expression   1 
_pdbx_struct_assembly_gen.asym_id_list      A,B,C,D,E,F,G,H 
# 
_pdbx_struct_oper_list.id                   1 
_pdbx_struct_oper_list.type                 'identity operation' 
_pdbx_struct_oper_list.name                 1_555 
_pdbx_struct_oper_list.symmetry_operation   x,y,z 
_pdbx_struct_oper_list.matrix[1][1]         1.0000000000 
_pdbx_struct_oper_list.matrix[1][2]         0.0000000000 
_pdbx_struct_oper_list.matrix[1][3]         0.0000000000 
_pdbx_struct_oper_list.vector[1]            0.0000000000 
_pdbx_struct_oper_list.matrix[2][1]         0.0000000000 
_pdbx_struct_oper_list.matrix[2][2]         1.0000000000 
_pdbx_struct_oper_list.matrix[2][3]         0.0000000000 
_pdbx_struct_oper_list.vector[2]            0.0000000000 
_pdbx_struct_oper_list.matrix[3][1]         0.0000000000 
_pdbx_struct_oper_list.matrix[3][2]         0.0000000000 
_pdbx_struct_oper_list.matrix[3][3]         1.0000000000 
_pdbx_struct_oper_list.vector[3]            0.0000000000 
# 
loop_
_pdbx_audit_revision_history.ordinal 
_pdbx_audit_revision_history.data_content_type 
_pdbx_audit_revision_history.major_revision 
_pdbx_audit_revision_history.minor_revision 
_pdbx_audit_revision_history.revision_date 
1 'Structure model' 1 0 2008-11-11 
2 'Structure model' 1 1 2011-07-13 
3 'Structure model' 1 2 2021-10-20 
4 'Structure model' 1 3 2023-08-30 
# 
_pdbx_audit_revision_details.ordinal             1 
_pdbx_audit_revision_details.revision_ordinal    1 
_pdbx_audit_revision_details.data_content_type   'Structure model' 
_pdbx_audit_revision_details.provider            repository 
_pdbx_audit_revision_details.type                'Initial release' 
_pdbx_audit_revision_details.description         ? 
_pdbx_audit_revision_details.details             ? 
# 
loop_
_pdbx_audit_revision_group.ordinal 
_pdbx_audit_revision_group.revision_ordinal 
_pdbx_audit_revision_group.data_content_type 
_pdbx_audit_revision_group.group 
1 2 'Structure model' 'Version format compliance' 
2 3 'Structure model' 'Database references'       
3 3 'Structure model' 'Derived calculations'      
4 4 'Structure model' 'Data collection'           
5 4 'Structure model' 'Refinement description'    
# 
loop_
_pdbx_audit_revision_category.ordinal 
_pdbx_audit_revision_category.revision_ordinal 
_pdbx_audit_revision_category.data_content_type 
_pdbx_audit_revision_category.category 
1 3 'Structure model' database_2                    
2 3 'Structure model' struct_ref_seq_dif            
3 3 'Structure model' struct_site                   
4 4 'Structure model' chem_comp_atom                
5 4 'Structure model' chem_comp_bond                
6 4 'Structure model' pdbx_initial_refinement_model 
# 
loop_
_pdbx_audit_revision_item.ordinal 
_pdbx_audit_revision_item.revision_ordinal 
_pdbx_audit_revision_item.data_content_type 
_pdbx_audit_revision_item.item 
1 3 'Structure model' '_database_2.pdbx_DOI'                
2 3 'Structure model' '_database_2.pdbx_database_accession' 
3 3 'Structure model' '_struct_ref_seq_dif.details'         
4 3 'Structure model' '_struct_site.pdbx_auth_asym_id'      
5 3 'Structure model' '_struct_site.pdbx_auth_comp_id'      
6 3 'Structure model' '_struct_site.pdbx_auth_seq_id'       
# 
loop_
_software.name 
_software.classification 
_software.version 
_software.citation_id 
_software.pdbx_ordinal 
REFMAC   refinement        5.2.0019 ? 1 
HKL-2000 'data collection' .        ? 2 
HKL-2000 'data reduction'  .        ? 3 
HKL-2000 'data scaling'    .        ? 4 
AMoRE    phasing           .        ? 5 
# 
loop_
_pdbx_validate_torsion.id 
_pdbx_validate_torsion.PDB_model_num 
_pdbx_validate_torsion.auth_comp_id 
_pdbx_validate_torsion.auth_asym_id 
_pdbx_validate_torsion.auth_seq_id 
_pdbx_validate_torsion.PDB_ins_code 
_pdbx_validate_torsion.label_alt_id 
_pdbx_validate_torsion.phi 
_pdbx_validate_torsion.psi 
1 1 ILE A 29  ? ? -102.86 72.11  
2 1 ASN A 163 ? ? 90.62   -12.52 
# 
loop_
_chem_comp_atom.comp_id 
_chem_comp_atom.atom_id 
_chem_comp_atom.type_symbol 
_chem_comp_atom.pdbx_aromatic_flag 
_chem_comp_atom.pdbx_stereo_config 
_chem_comp_atom.pdbx_ordinal 
ALA N    N  N N 1   
ALA CA   C  N S 2   
ALA C    C  N N 3   
ALA O    O  N N 4   
ALA CB   C  N N 5   
ALA OXT  O  N N 6   
ALA H    H  N N 7   
ALA H2   H  N N 8   
ALA HA   H  N N 9   
ALA HB1  H  N N 10  
ALA HB2  H  N N 11  
ALA HB3  H  N N 12  
ALA HXT  H  N N 13  
ARG N    N  N N 14  
ARG CA   C  N S 15  
ARG C    C  N N 16  
ARG O    O  N N 17  
ARG CB   C  N N 18  
ARG CG   C  N N 19  
ARG CD   C  N N 20  
ARG NE   N  N N 21  
ARG CZ   C  N N 22  
ARG NH1  N  N N 23  
ARG NH2  N  N N 24  
ARG OXT  O  N N 25  
ARG H    H  N N 26  
ARG H2   H  N N 27  
ARG HA   H  N N 28  
ARG HB2  H  N N 29  
ARG HB3  H  N N 30  
ARG HG2  H  N N 31  
ARG HG3  H  N N 32  
ARG HD2  H  N N 33  
ARG HD3  H  N N 34  
ARG HE   H  N N 35  
ARG HH11 H  N N 36  
ARG HH12 H  N N 37  
ARG HH21 H  N N 38  
ARG HH22 H  N N 39  
ARG HXT  H  N N 40  
ASN N    N  N N 41  
ASN CA   C  N S 42  
ASN C    C  N N 43  
ASN O    O  N N 44  
ASN CB   C  N N 45  
ASN CG   C  N N 46  
ASN OD1  O  N N 47  
ASN ND2  N  N N 48  
ASN OXT  O  N N 49  
ASN H    H  N N 50  
ASN H2   H  N N 51  
ASN HA   H  N N 52  
ASN HB2  H  N N 53  
ASN HB3  H  N N 54  
ASN HD21 H  N N 55  
ASN HD22 H  N N 56  
ASN HXT  H  N N 57  
ASP N    N  N N 58  
ASP CA   C  N S 59  
ASP C    C  N N 60  
ASP O    O  N N 61  
ASP CB   C  N N 62  
ASP CG   C  N N 63  
ASP OD1  O  N N 64  
ASP OD2  O  N N 65  
ASP OXT  O  N N 66  
ASP H    H  N N 67  
ASP H2   H  N N 68  
ASP HA   H  N N 69  
ASP HB2  H  N N 70  
ASP HB3  H  N N 71  
ASP HD2  H  N N 72  
ASP HXT  H  N N 73  
BCF F6   F  N N 74  
BCF C6   C  Y N 75  
BCF C1   C  Y N 76  
BCF CL1  CL N N 77  
BCF C5   C  Y N 78  
BCF F5   F  N N 79  
BCF C4   C  Y N 80  
BCF F4   F  N N 81  
BCF C3   C  Y N 82  
BCF F3   F  N N 83  
BCF C2   C  Y N 84  
BCF F2   F  N N 85  
CL  CL   CL N N 86  
CYS N    N  N N 87  
CYS CA   C  N R 88  
CYS C    C  N N 89  
CYS O    O  N N 90  
CYS CB   C  N N 91  
CYS SG   S  N N 92  
CYS OXT  O  N N 93  
CYS H    H  N N 94  
CYS H2   H  N N 95  
CYS HA   H  N N 96  
CYS HB2  H  N N 97  
CYS HB3  H  N N 98  
CYS HG   H  N N 99  
CYS HXT  H  N N 100 
GLN N    N  N N 101 
GLN CA   C  N S 102 
GLN C    C  N N 103 
GLN O    O  N N 104 
GLN CB   C  N N 105 
GLN CG   C  N N 106 
GLN CD   C  N N 107 
GLN OE1  O  N N 108 
GLN NE2  N  N N 109 
GLN OXT  O  N N 110 
GLN H    H  N N 111 
GLN H2   H  N N 112 
GLN HA   H  N N 113 
GLN HB2  H  N N 114 
GLN HB3  H  N N 115 
GLN HG2  H  N N 116 
GLN HG3  H  N N 117 
GLN HE21 H  N N 118 
GLN HE22 H  N N 119 
GLN HXT  H  N N 120 
GLU N    N  N N 121 
GLU CA   C  N S 122 
GLU C    C  N N 123 
GLU O    O  N N 124 
GLU CB   C  N N 125 
GLU CG   C  N N 126 
GLU CD   C  N N 127 
GLU OE1  O  N N 128 
GLU OE2  O  N N 129 
GLU OXT  O  N N 130 
GLU H    H  N N 131 
GLU H2   H  N N 132 
GLU HA   H  N N 133 
GLU HB2  H  N N 134 
GLU HB3  H  N N 135 
GLU HG2  H  N N 136 
GLU HG3  H  N N 137 
GLU HE2  H  N N 138 
GLU HXT  H  N N 139 
GLY N    N  N N 140 
GLY CA   C  N N 141 
GLY C    C  N N 142 
GLY O    O  N N 143 
GLY OXT  O  N N 144 
GLY H    H  N N 145 
GLY H2   H  N N 146 
GLY HA2  H  N N 147 
GLY HA3  H  N N 148 
GLY HXT  H  N N 149 
HED C1   C  N N 150 
HED O1   O  N N 151 
HED C2   C  N N 152 
HED S3   S  N N 153 
HED S4   S  N N 154 
HED C5   C  N N 155 
HED C6   C  N N 156 
HED O6   O  N N 157 
HED H11  H  N N 158 
HED H12  H  N N 159 
HED HO1  H  N N 160 
HED H21  H  N N 161 
HED H22  H  N N 162 
HED H51  H  N N 163 
HED H52  H  N N 164 
HED H61  H  N N 165 
HED H62  H  N N 166 
HED HO6  H  N N 167 
HIS N    N  N N 168 
HIS CA   C  N S 169 
HIS C    C  N N 170 
HIS O    O  N N 171 
HIS CB   C  N N 172 
HIS CG   C  Y N 173 
HIS ND1  N  Y N 174 
HIS CD2  C  Y N 175 
HIS CE1  C  Y N 176 
HIS NE2  N  Y N 177 
HIS OXT  O  N N 178 
HIS H    H  N N 179 
HIS H2   H  N N 180 
HIS HA   H  N N 181 
HIS HB2  H  N N 182 
HIS HB3  H  N N 183 
HIS HD1  H  N N 184 
HIS HD2  H  N N 185 
HIS HE1  H  N N 186 
HIS HE2  H  N N 187 
HIS HXT  H  N N 188 
HOH O    O  N N 189 
HOH H1   H  N N 190 
HOH H2   H  N N 191 
ILE N    N  N N 192 
ILE CA   C  N S 193 
ILE C    C  N N 194 
ILE O    O  N N 195 
ILE CB   C  N S 196 
ILE CG1  C  N N 197 
ILE CG2  C  N N 198 
ILE CD1  C  N N 199 
ILE OXT  O  N N 200 
ILE H    H  N N 201 
ILE H2   H  N N 202 
ILE HA   H  N N 203 
ILE HB   H  N N 204 
ILE HG12 H  N N 205 
ILE HG13 H  N N 206 
ILE HG21 H  N N 207 
ILE HG22 H  N N 208 
ILE HG23 H  N N 209 
ILE HD11 H  N N 210 
ILE HD12 H  N N 211 
ILE HD13 H  N N 212 
ILE HXT  H  N N 213 
LEU N    N  N N 214 
LEU CA   C  N S 215 
LEU C    C  N N 216 
LEU O    O  N N 217 
LEU CB   C  N N 218 
LEU CG   C  N N 219 
LEU CD1  C  N N 220 
LEU CD2  C  N N 221 
LEU OXT  O  N N 222 
LEU H    H  N N 223 
LEU H2   H  N N 224 
LEU HA   H  N N 225 
LEU HB2  H  N N 226 
LEU HB3  H  N N 227 
LEU HG   H  N N 228 
LEU HD11 H  N N 229 
LEU HD12 H  N N 230 
LEU HD13 H  N N 231 
LEU HD21 H  N N 232 
LEU HD22 H  N N 233 
LEU HD23 H  N N 234 
LEU HXT  H  N N 235 
LYS N    N  N N 236 
LYS CA   C  N S 237 
LYS C    C  N N 238 
LYS O    O  N N 239 
LYS CB   C  N N 240 
LYS CG   C  N N 241 
LYS CD   C  N N 242 
LYS CE   C  N N 243 
LYS NZ   N  N N 244 
LYS OXT  O  N N 245 
LYS H    H  N N 246 
LYS H2   H  N N 247 
LYS HA   H  N N 248 
LYS HB2  H  N N 249 
LYS HB3  H  N N 250 
LYS HG2  H  N N 251 
LYS HG3  H  N N 252 
LYS HD2  H  N N 253 
LYS HD3  H  N N 254 
LYS HE2  H  N N 255 
LYS HE3  H  N N 256 
LYS HZ1  H  N N 257 
LYS HZ2  H  N N 258 
LYS HZ3  H  N N 259 
LYS HXT  H  N N 260 
MET N    N  N N 261 
MET CA   C  N S 262 
MET C    C  N N 263 
MET O    O  N N 264 
MET CB   C  N N 265 
MET CG   C  N N 266 
MET SD   S  N N 267 
MET CE   C  N N 268 
MET OXT  O  N N 269 
MET H    H  N N 270 
MET H2   H  N N 271 
MET HA   H  N N 272 
MET HB2  H  N N 273 
MET HB3  H  N N 274 
MET HG2  H  N N 275 
MET HG3  H  N N 276 
MET HE1  H  N N 277 
MET HE2  H  N N 278 
MET HE3  H  N N 279 
MET HXT  H  N N 280 
PHE N    N  N N 281 
PHE CA   C  N S 282 
PHE C    C  N N 283 
PHE O    O  N N 284 
PHE CB   C  N N 285 
PHE CG   C  Y N 286 
PHE CD1  C  Y N 287 
PHE CD2  C  Y N 288 
PHE CE1  C  Y N 289 
PHE CE2  C  Y N 290 
PHE CZ   C  Y N 291 
PHE OXT  O  N N 292 
PHE H    H  N N 293 
PHE H2   H  N N 294 
PHE HA   H  N N 295 
PHE HB2  H  N N 296 
PHE HB3  H  N N 297 
PHE HD1  H  N N 298 
PHE HD2  H  N N 299 
PHE HE1  H  N N 300 
PHE HE2  H  N N 301 
PHE HZ   H  N N 302 
PHE HXT  H  N N 303 
PO4 P    P  N N 304 
PO4 O1   O  N N 305 
PO4 O2   O  N N 306 
PO4 O3   O  N N 307 
PO4 O4   O  N N 308 
PRO N    N  N N 309 
PRO CA   C  N S 310 
PRO C    C  N N 311 
PRO O    O  N N 312 
PRO CB   C  N N 313 
PRO CG   C  N N 314 
PRO CD   C  N N 315 
PRO OXT  O  N N 316 
PRO H    H  N N 317 
PRO HA   H  N N 318 
PRO HB2  H  N N 319 
PRO HB3  H  N N 320 
PRO HG2  H  N N 321 
PRO HG3  H  N N 322 
PRO HD2  H  N N 323 
PRO HD3  H  N N 324 
PRO HXT  H  N N 325 
SER N    N  N N 326 
SER CA   C  N S 327 
SER C    C  N N 328 
SER O    O  N N 329 
SER CB   C  N N 330 
SER OG   O  N N 331 
SER OXT  O  N N 332 
SER H    H  N N 333 
SER H2   H  N N 334 
SER HA   H  N N 335 
SER HB2  H  N N 336 
SER HB3  H  N N 337 
SER HG   H  N N 338 
SER HXT  H  N N 339 
THR N    N  N N 340 
THR CA   C  N S 341 
THR C    C  N N 342 
THR O    O  N N 343 
THR CB   C  N R 344 
THR OG1  O  N N 345 
THR CG2  C  N N 346 
THR OXT  O  N N 347 
THR H    H  N N 348 
THR H2   H  N N 349 
THR HA   H  N N 350 
THR HB   H  N N 351 
THR HG1  H  N N 352 
THR HG21 H  N N 353 
THR HG22 H  N N 354 
THR HG23 H  N N 355 
THR HXT  H  N N 356 
TRP N    N  N N 357 
TRP CA   C  N S 358 
TRP C    C  N N 359 
TRP O    O  N N 360 
TRP CB   C  N N 361 
TRP CG   C  Y N 362 
TRP CD1  C  Y N 363 
TRP CD2  C  Y N 364 
TRP NE1  N  Y N 365 
TRP CE2  C  Y N 366 
TRP CE3  C  Y N 367 
TRP CZ2  C  Y N 368 
TRP CZ3  C  Y N 369 
TRP CH2  C  Y N 370 
TRP OXT  O  N N 371 
TRP H    H  N N 372 
TRP H2   H  N N 373 
TRP HA   H  N N 374 
TRP HB2  H  N N 375 
TRP HB3  H  N N 376 
TRP HD1  H  N N 377 
TRP HE1  H  N N 378 
TRP HE3  H  N N 379 
TRP HZ2  H  N N 380 
TRP HZ3  H  N N 381 
TRP HH2  H  N N 382 
TRP HXT  H  N N 383 
TYR N    N  N N 384 
TYR CA   C  N S 385 
TYR C    C  N N 386 
TYR O    O  N N 387 
TYR CB   C  N N 388 
TYR CG   C  Y N 389 
TYR CD1  C  Y N 390 
TYR CD2  C  Y N 391 
TYR CE1  C  Y N 392 
TYR CE2  C  Y N 393 
TYR CZ   C  Y N 394 
TYR OH   O  N N 395 
TYR OXT  O  N N 396 
TYR H    H  N N 397 
TYR H2   H  N N 398 
TYR HA   H  N N 399 
TYR HB2  H  N N 400 
TYR HB3  H  N N 401 
TYR HD1  H  N N 402 
TYR HD2  H  N N 403 
TYR HE1  H  N N 404 
TYR HE2  H  N N 405 
TYR HH   H  N N 406 
TYR HXT  H  N N 407 
VAL N    N  N N 408 
VAL CA   C  N S 409 
VAL C    C  N N 410 
VAL O    O  N N 411 
VAL CB   C  N N 412 
VAL CG1  C  N N 413 
VAL CG2  C  N N 414 
VAL OXT  O  N N 415 
VAL H    H  N N 416 
VAL H2   H  N N 417 
VAL HA   H  N N 418 
VAL HB   H  N N 419 
VAL HG11 H  N N 420 
VAL HG12 H  N N 421 
VAL HG13 H  N N 422 
VAL HG21 H  N N 423 
VAL HG22 H  N N 424 
VAL HG23 H  N N 425 
VAL HXT  H  N N 426 
# 
loop_
_chem_comp_bond.comp_id 
_chem_comp_bond.atom_id_1 
_chem_comp_bond.atom_id_2 
_chem_comp_bond.value_order 
_chem_comp_bond.pdbx_aromatic_flag 
_chem_comp_bond.pdbx_stereo_config 
_chem_comp_bond.pdbx_ordinal 
ALA N   CA   sing N N 1   
ALA N   H    sing N N 2   
ALA N   H2   sing N N 3   
ALA CA  C    sing N N 4   
ALA CA  CB   sing N N 5   
ALA CA  HA   sing N N 6   
ALA C   O    doub N N 7   
ALA C   OXT  sing N N 8   
ALA CB  HB1  sing N N 9   
ALA CB  HB2  sing N N 10  
ALA CB  HB3  sing N N 11  
ALA OXT HXT  sing N N 12  
ARG N   CA   sing N N 13  
ARG N   H    sing N N 14  
ARG N   H2   sing N N 15  
ARG CA  C    sing N N 16  
ARG CA  CB   sing N N 17  
ARG CA  HA   sing N N 18  
ARG C   O    doub N N 19  
ARG C   OXT  sing N N 20  
ARG CB  CG   sing N N 21  
ARG CB  HB2  sing N N 22  
ARG CB  HB3  sing N N 23  
ARG CG  CD   sing N N 24  
ARG CG  HG2  sing N N 25  
ARG CG  HG3  sing N N 26  
ARG CD  NE   sing N N 27  
ARG CD  HD2  sing N N 28  
ARG CD  HD3  sing N N 29  
ARG NE  CZ   sing N N 30  
ARG NE  HE   sing N N 31  
ARG CZ  NH1  sing N N 32  
ARG CZ  NH2  doub N N 33  
ARG NH1 HH11 sing N N 34  
ARG NH1 HH12 sing N N 35  
ARG NH2 HH21 sing N N 36  
ARG NH2 HH22 sing N N 37  
ARG OXT HXT  sing N N 38  
ASN N   CA   sing N N 39  
ASN N   H    sing N N 40  
ASN N   H2   sing N N 41  
ASN CA  C    sing N N 42  
ASN CA  CB   sing N N 43  
ASN CA  HA   sing N N 44  
ASN C   O    doub N N 45  
ASN C   OXT  sing N N 46  
ASN CB  CG   sing N N 47  
ASN CB  HB2  sing N N 48  
ASN CB  HB3  sing N N 49  
ASN CG  OD1  doub N N 50  
ASN CG  ND2  sing N N 51  
ASN ND2 HD21 sing N N 52  
ASN ND2 HD22 sing N N 53  
ASN OXT HXT  sing N N 54  
ASP N   CA   sing N N 55  
ASP N   H    sing N N 56  
ASP N   H2   sing N N 57  
ASP CA  C    sing N N 58  
ASP CA  CB   sing N N 59  
ASP CA  HA   sing N N 60  
ASP C   O    doub N N 61  
ASP C   OXT  sing N N 62  
ASP CB  CG   sing N N 63  
ASP CB  HB2  sing N N 64  
ASP CB  HB3  sing N N 65  
ASP CG  OD1  doub N N 66  
ASP CG  OD2  sing N N 67  
ASP OD2 HD2  sing N N 68  
ASP OXT HXT  sing N N 69  
BCF F6  C6   sing N N 70  
BCF C6  C1   doub Y N 71  
BCF C6  C5   sing Y N 72  
BCF C1  CL1  sing N N 73  
BCF C1  C2   sing Y N 74  
BCF C5  F5   sing N N 75  
BCF C5  C4   doub Y N 76  
BCF C4  F4   sing N N 77  
BCF C4  C3   sing Y N 78  
BCF C3  F3   sing N N 79  
BCF C3  C2   doub Y N 80  
BCF C2  F2   sing N N 81  
CYS N   CA   sing N N 82  
CYS N   H    sing N N 83  
CYS N   H2   sing N N 84  
CYS CA  C    sing N N 85  
CYS CA  CB   sing N N 86  
CYS CA  HA   sing N N 87  
CYS C   O    doub N N 88  
CYS C   OXT  sing N N 89  
CYS CB  SG   sing N N 90  
CYS CB  HB2  sing N N 91  
CYS CB  HB3  sing N N 92  
CYS SG  HG   sing N N 93  
CYS OXT HXT  sing N N 94  
GLN N   CA   sing N N 95  
GLN N   H    sing N N 96  
GLN N   H2   sing N N 97  
GLN CA  C    sing N N 98  
GLN CA  CB   sing N N 99  
GLN CA  HA   sing N N 100 
GLN C   O    doub N N 101 
GLN C   OXT  sing N N 102 
GLN CB  CG   sing N N 103 
GLN CB  HB2  sing N N 104 
GLN CB  HB3  sing N N 105 
GLN CG  CD   sing N N 106 
GLN CG  HG2  sing N N 107 
GLN CG  HG3  sing N N 108 
GLN CD  OE1  doub N N 109 
GLN CD  NE2  sing N N 110 
GLN NE2 HE21 sing N N 111 
GLN NE2 HE22 sing N N 112 
GLN OXT HXT  sing N N 113 
GLU N   CA   sing N N 114 
GLU N   H    sing N N 115 
GLU N   H2   sing N N 116 
GLU CA  C    sing N N 117 
GLU CA  CB   sing N N 118 
GLU CA  HA   sing N N 119 
GLU C   O    doub N N 120 
GLU C   OXT  sing N N 121 
GLU CB  CG   sing N N 122 
GLU CB  HB2  sing N N 123 
GLU CB  HB3  sing N N 124 
GLU CG  CD   sing N N 125 
GLU CG  HG2  sing N N 126 
GLU CG  HG3  sing N N 127 
GLU CD  OE1  doub N N 128 
GLU CD  OE2  sing N N 129 
GLU OE2 HE2  sing N N 130 
GLU OXT HXT  sing N N 131 
GLY N   CA   sing N N 132 
GLY N   H    sing N N 133 
GLY N   H2   sing N N 134 
GLY CA  C    sing N N 135 
GLY CA  HA2  sing N N 136 
GLY CA  HA3  sing N N 137 
GLY C   O    doub N N 138 
GLY C   OXT  sing N N 139 
GLY OXT HXT  sing N N 140 
HED C1  O1   sing N N 141 
HED C1  C2   sing N N 142 
HED C1  H11  sing N N 143 
HED C1  H12  sing N N 144 
HED O1  HO1  sing N N 145 
HED C2  S3   sing N N 146 
HED C2  H21  sing N N 147 
HED C2  H22  sing N N 148 
HED S3  S4   sing N N 149 
HED S4  C5   sing N N 150 
HED C5  C6   sing N N 151 
HED C5  H51  sing N N 152 
HED C5  H52  sing N N 153 
HED C6  O6   sing N N 154 
HED C6  H61  sing N N 155 
HED C6  H62  sing N N 156 
HED O6  HO6  sing N N 157 
HIS N   CA   sing N N 158 
HIS N   H    sing N N 159 
HIS N   H2   sing N N 160 
HIS CA  C    sing N N 161 
HIS CA  CB   sing N N 162 
HIS CA  HA   sing N N 163 
HIS C   O    doub N N 164 
HIS C   OXT  sing N N 165 
HIS CB  CG   sing N N 166 
HIS CB  HB2  sing N N 167 
HIS CB  HB3  sing N N 168 
HIS CG  ND1  sing Y N 169 
HIS CG  CD2  doub Y N 170 
HIS ND1 CE1  doub Y N 171 
HIS ND1 HD1  sing N N 172 
HIS CD2 NE2  sing Y N 173 
HIS CD2 HD2  sing N N 174 
HIS CE1 NE2  sing Y N 175 
HIS CE1 HE1  sing N N 176 
HIS NE2 HE2  sing N N 177 
HIS OXT HXT  sing N N 178 
HOH O   H1   sing N N 179 
HOH O   H2   sing N N 180 
ILE N   CA   sing N N 181 
ILE N   H    sing N N 182 
ILE N   H2   sing N N 183 
ILE CA  C    sing N N 184 
ILE CA  CB   sing N N 185 
ILE CA  HA   sing N N 186 
ILE C   O    doub N N 187 
ILE C   OXT  sing N N 188 
ILE CB  CG1  sing N N 189 
ILE CB  CG2  sing N N 190 
ILE CB  HB   sing N N 191 
ILE CG1 CD1  sing N N 192 
ILE CG1 HG12 sing N N 193 
ILE CG1 HG13 sing N N 194 
ILE CG2 HG21 sing N N 195 
ILE CG2 HG22 sing N N 196 
ILE CG2 HG23 sing N N 197 
ILE CD1 HD11 sing N N 198 
ILE CD1 HD12 sing N N 199 
ILE CD1 HD13 sing N N 200 
ILE OXT HXT  sing N N 201 
LEU N   CA   sing N N 202 
LEU N   H    sing N N 203 
LEU N   H2   sing N N 204 
LEU CA  C    sing N N 205 
LEU CA  CB   sing N N 206 
LEU CA  HA   sing N N 207 
LEU C   O    doub N N 208 
LEU C   OXT  sing N N 209 
LEU CB  CG   sing N N 210 
LEU CB  HB2  sing N N 211 
LEU CB  HB3  sing N N 212 
LEU CG  CD1  sing N N 213 
LEU CG  CD2  sing N N 214 
LEU CG  HG   sing N N 215 
LEU CD1 HD11 sing N N 216 
LEU CD1 HD12 sing N N 217 
LEU CD1 HD13 sing N N 218 
LEU CD2 HD21 sing N N 219 
LEU CD2 HD22 sing N N 220 
LEU CD2 HD23 sing N N 221 
LEU OXT HXT  sing N N 222 
LYS N   CA   sing N N 223 
LYS N   H    sing N N 224 
LYS N   H2   sing N N 225 
LYS CA  C    sing N N 226 
LYS CA  CB   sing N N 227 
LYS CA  HA   sing N N 228 
LYS C   O    doub N N 229 
LYS C   OXT  sing N N 230 
LYS CB  CG   sing N N 231 
LYS CB  HB2  sing N N 232 
LYS CB  HB3  sing N N 233 
LYS CG  CD   sing N N 234 
LYS CG  HG2  sing N N 235 
LYS CG  HG3  sing N N 236 
LYS CD  CE   sing N N 237 
LYS CD  HD2  sing N N 238 
LYS CD  HD3  sing N N 239 
LYS CE  NZ   sing N N 240 
LYS CE  HE2  sing N N 241 
LYS CE  HE3  sing N N 242 
LYS NZ  HZ1  sing N N 243 
LYS NZ  HZ2  sing N N 244 
LYS NZ  HZ3  sing N N 245 
LYS OXT HXT  sing N N 246 
MET N   CA   sing N N 247 
MET N   H    sing N N 248 
MET N   H2   sing N N 249 
MET CA  C    sing N N 250 
MET CA  CB   sing N N 251 
MET CA  HA   sing N N 252 
MET C   O    doub N N 253 
MET C   OXT  sing N N 254 
MET CB  CG   sing N N 255 
MET CB  HB2  sing N N 256 
MET CB  HB3  sing N N 257 
MET CG  SD   sing N N 258 
MET CG  HG2  sing N N 259 
MET CG  HG3  sing N N 260 
MET SD  CE   sing N N 261 
MET CE  HE1  sing N N 262 
MET CE  HE2  sing N N 263 
MET CE  HE3  sing N N 264 
MET OXT HXT  sing N N 265 
PHE N   CA   sing N N 266 
PHE N   H    sing N N 267 
PHE N   H2   sing N N 268 
PHE CA  C    sing N N 269 
PHE CA  CB   sing N N 270 
PHE CA  HA   sing N N 271 
PHE C   O    doub N N 272 
PHE C   OXT  sing N N 273 
PHE CB  CG   sing N N 274 
PHE CB  HB2  sing N N 275 
PHE CB  HB3  sing N N 276 
PHE CG  CD1  doub Y N 277 
PHE CG  CD2  sing Y N 278 
PHE CD1 CE1  sing Y N 279 
PHE CD1 HD1  sing N N 280 
PHE CD2 CE2  doub Y N 281 
PHE CD2 HD2  sing N N 282 
PHE CE1 CZ   doub Y N 283 
PHE CE1 HE1  sing N N 284 
PHE CE2 CZ   sing Y N 285 
PHE CE2 HE2  sing N N 286 
PHE CZ  HZ   sing N N 287 
PHE OXT HXT  sing N N 288 
PO4 P   O1   doub N N 289 
PO4 P   O2   sing N N 290 
PO4 P   O3   sing N N 291 
PO4 P   O4   sing N N 292 
PRO N   CA   sing N N 293 
PRO N   CD   sing N N 294 
PRO N   H    sing N N 295 
PRO CA  C    sing N N 296 
PRO CA  CB   sing N N 297 
PRO CA  HA   sing N N 298 
PRO C   O    doub N N 299 
PRO C   OXT  sing N N 300 
PRO CB  CG   sing N N 301 
PRO CB  HB2  sing N N 302 
PRO CB  HB3  sing N N 303 
PRO CG  CD   sing N N 304 
PRO CG  HG2  sing N N 305 
PRO CG  HG3  sing N N 306 
PRO CD  HD2  sing N N 307 
PRO CD  HD3  sing N N 308 
PRO OXT HXT  sing N N 309 
SER N   CA   sing N N 310 
SER N   H    sing N N 311 
SER N   H2   sing N N 312 
SER CA  C    sing N N 313 
SER CA  CB   sing N N 314 
SER CA  HA   sing N N 315 
SER C   O    doub N N 316 
SER C   OXT  sing N N 317 
SER CB  OG   sing N N 318 
SER CB  HB2  sing N N 319 
SER CB  HB3  sing N N 320 
SER OG  HG   sing N N 321 
SER OXT HXT  sing N N 322 
THR N   CA   sing N N 323 
THR N   H    sing N N 324 
THR N   H2   sing N N 325 
THR CA  C    sing N N 326 
THR CA  CB   sing N N 327 
THR CA  HA   sing N N 328 
THR C   O    doub N N 329 
THR C   OXT  sing N N 330 
THR CB  OG1  sing N N 331 
THR CB  CG2  sing N N 332 
THR CB  HB   sing N N 333 
THR OG1 HG1  sing N N 334 
THR CG2 HG21 sing N N 335 
THR CG2 HG22 sing N N 336 
THR CG2 HG23 sing N N 337 
THR OXT HXT  sing N N 338 
TRP N   CA   sing N N 339 
TRP N   H    sing N N 340 
TRP N   H2   sing N N 341 
TRP CA  C    sing N N 342 
TRP CA  CB   sing N N 343 
TRP CA  HA   sing N N 344 
TRP C   O    doub N N 345 
TRP C   OXT  sing N N 346 
TRP CB  CG   sing N N 347 
TRP CB  HB2  sing N N 348 
TRP CB  HB3  sing N N 349 
TRP CG  CD1  doub Y N 350 
TRP CG  CD2  sing Y N 351 
TRP CD1 NE1  sing Y N 352 
TRP CD1 HD1  sing N N 353 
TRP CD2 CE2  doub Y N 354 
TRP CD2 CE3  sing Y N 355 
TRP NE1 CE2  sing Y N 356 
TRP NE1 HE1  sing N N 357 
TRP CE2 CZ2  sing Y N 358 
TRP CE3 CZ3  doub Y N 359 
TRP CE3 HE3  sing N N 360 
TRP CZ2 CH2  doub Y N 361 
TRP CZ2 HZ2  sing N N 362 
TRP CZ3 CH2  sing Y N 363 
TRP CZ3 HZ3  sing N N 364 
TRP CH2 HH2  sing N N 365 
TRP OXT HXT  sing N N 366 
TYR N   CA   sing N N 367 
TYR N   H    sing N N 368 
TYR N   H2   sing N N 369 
TYR CA  C    sing N N 370 
TYR CA  CB   sing N N 371 
TYR CA  HA   sing N N 372 
TYR C   O    doub N N 373 
TYR C   OXT  sing N N 374 
TYR CB  CG   sing N N 375 
TYR CB  HB2  sing N N 376 
TYR CB  HB3  sing N N 377 
TYR CG  CD1  doub Y N 378 
TYR CG  CD2  sing Y N 379 
TYR CD1 CE1  sing Y N 380 
TYR CD1 HD1  sing N N 381 
TYR CD2 CE2  doub Y N 382 
TYR CD2 HD2  sing N N 383 
TYR CE1 CZ   doub Y N 384 
TYR CE1 HE1  sing N N 385 
TYR CE2 CZ   sing Y N 386 
TYR CE2 HE2  sing N N 387 
TYR CZ  OH   sing N N 388 
TYR OH  HH   sing N N 389 
TYR OXT HXT  sing N N 390 
VAL N   CA   sing N N 391 
VAL N   H    sing N N 392 
VAL N   H2   sing N N 393 
VAL CA  C    sing N N 394 
VAL CA  CB   sing N N 395 
VAL CA  HA   sing N N 396 
VAL C   O    doub N N 397 
VAL C   OXT  sing N N 398 
VAL CB  CG1  sing N N 399 
VAL CB  CG2  sing N N 400 
VAL CB  HB   sing N N 401 
VAL CG1 HG11 sing N N 402 
VAL CG1 HG12 sing N N 403 
VAL CG1 HG13 sing N N 404 
VAL CG2 HG21 sing N N 405 
VAL CG2 HG22 sing N N 406 
VAL CG2 HG23 sing N N 407 
VAL OXT HXT  sing N N 408 
# 
loop_
_pdbx_entity_nonpoly.entity_id 
_pdbx_entity_nonpoly.name 
_pdbx_entity_nonpoly.comp_id 
2 'PHOSPHATE ION'                       PO4 
3 'CHLORIDE ION'                        CL  
4 1-chloro-2,3,4,5,6-pentafluorobenzene BCF 
5 '2-HYDROXYETHYL DISULFIDE'            HED 
6 water                                 HOH 
# 
_pdbx_initial_refinement_model.id               1 
_pdbx_initial_refinement_model.entity_id_list   ? 
_pdbx_initial_refinement_model.type             'experimental model' 
_pdbx_initial_refinement_model.source_name      PDB 
_pdbx_initial_refinement_model.accession_code   3DMV 
_pdbx_initial_refinement_model.details          'PDB entry 3DMV' 
# 
